data_6JKQ
#
_entry.id   6JKQ
#
_cell.length_a   78.419
_cell.length_b   79.282
_cell.length_c   92.016
_cell.angle_alpha   69.56
_cell.angle_beta   82.90
_cell.angle_gamma   63.25
#
_symmetry.space_group_name_H-M   'P 1'
#
_entity_poly.entity_id   1
_entity_poly.type   'polypeptide(L)'
_entity_poly.pdbx_seq_one_letter_code
;SMLELPPVASLKGKSITSAEQFSRADIYALIHLASAMQRKIDAGEVLNLLQGRIMTPLFFEDSSRTFSSFCAAMIRLGGS
VVNFKVEASSINKGETLADTIRTLDSYSDVLVMRHPRQDAIEEALSVAQHPILNAGNGAGEHPTQALLDTLTIHSELGSV
DGITIALIGDLKMGRTVHSLLKLLVRNFSIKCVFLVAPDALQMPQDVLEPLQHEIATKGVIIHRTHALTDEVMQKSDVLY
TTRLQKERFMASTSDDAAALQSFAAKADITIDAARMRLAKEKMIVMHPLPRNDELSTTVDADPRAAYFRQMRYGMFMRMA
ILWSVLA
;
_entity_poly.pdbx_strand_id   A,B,C,D,E,F
#
# COMPACT_ATOMS: atom_id res chain seq x y z
N SER A 1 -8.44 2.64 16.63
CA SER A 1 -9.59 1.71 16.38
C SER A 1 -9.35 0.37 17.09
N MET A 2 -10.05 0.16 18.23
CA MET A 2 -10.08 -1.13 18.95
C MET A 2 -10.45 -2.30 18.01
N LEU A 3 -11.21 -2.00 16.96
CA LEU A 3 -11.39 -2.91 15.81
C LEU A 3 -10.01 -3.24 15.17
N GLU A 4 -9.48 -2.34 14.33
CA GLU A 4 -8.34 -2.68 13.45
C GLU A 4 -6.97 -2.76 14.13
N LEU A 5 -6.84 -2.21 15.35
CA LEU A 5 -5.57 -2.20 16.11
C LEU A 5 -5.67 -2.85 17.49
N PRO A 6 -5.73 -4.18 17.54
CA PRO A 6 -5.92 -4.82 18.85
C PRO A 6 -4.58 -5.01 19.59
N PRO A 7 -4.49 -4.56 20.85
CA PRO A 7 -3.24 -4.58 21.59
C PRO A 7 -2.80 -5.98 21.97
N VAL A 8 -1.52 -6.18 22.20
CA VAL A 8 -1.04 -7.45 22.69
C VAL A 8 -1.43 -7.55 24.17
N ALA A 9 -2.17 -8.62 24.49
CA ALA A 9 -2.76 -8.86 25.81
C ALA A 9 -1.75 -9.26 26.85
N SER A 10 -0.72 -10.01 26.47
CA SER A 10 0.32 -10.40 27.44
C SER A 10 0.97 -9.17 28.10
N LEU A 11 1.08 -8.07 27.33
CA LEU A 11 1.75 -6.85 27.76
C LEU A 11 0.95 -5.91 28.67
N LYS A 12 -0.37 -6.09 28.76
CA LYS A 12 -1.24 -5.13 29.43
C LYS A 12 -0.85 -5.03 30.90
N GLY A 13 -0.63 -3.80 31.38
CA GLY A 13 -0.18 -3.54 32.76
C GLY A 13 1.31 -3.71 33.02
N LYS A 14 2.04 -4.45 32.18
CA LYS A 14 3.38 -4.91 32.48
C LYS A 14 4.47 -3.84 32.29
N SER A 15 5.47 -3.88 33.17
CA SER A 15 6.70 -3.10 32.96
C SER A 15 7.58 -3.80 31.92
N ILE A 16 8.33 -3.02 31.15
CA ILE A 16 9.14 -3.57 30.09
C ILE A 16 10.61 -3.26 30.38
N THR A 17 11.33 -4.28 30.84
CA THR A 17 12.71 -4.08 31.37
C THR A 17 13.81 -4.90 30.72
N SER A 18 13.43 -6.05 30.15
CA SER A 18 14.41 -6.98 29.58
C SER A 18 13.92 -7.63 28.30
N ALA A 19 14.87 -8.11 27.52
CA ALA A 19 14.58 -8.96 26.38
C ALA A 19 13.98 -10.29 26.82
N GLU A 20 14.47 -10.83 27.94
CA GLU A 20 14.07 -12.15 28.45
C GLU A 20 12.57 -12.39 28.60
N GLN A 21 11.79 -11.33 28.78
CA GLN A 21 10.34 -11.48 29.01
C GLN A 21 9.44 -11.63 27.79
N PHE A 22 9.97 -11.49 26.59
CA PHE A 22 9.15 -11.55 25.39
C PHE A 22 9.20 -12.95 24.80
N SER A 23 8.03 -13.51 24.53
CA SER A 23 7.91 -14.74 23.79
C SER A 23 8.05 -14.39 22.32
N ARG A 24 8.33 -15.40 21.50
CA ARG A 24 8.28 -15.28 20.05
C ARG A 24 6.91 -14.89 19.53
N ALA A 25 5.86 -15.36 20.19
CA ALA A 25 4.50 -15.01 19.76
C ALA A 25 4.25 -13.50 19.94
N ASP A 26 4.67 -12.99 21.12
CA ASP A 26 4.62 -11.57 21.47
C ASP A 26 5.32 -10.70 20.44
N ILE A 27 6.56 -11.06 20.11
CA ILE A 27 7.35 -10.38 19.08
C ILE A 27 6.64 -10.27 17.73
N TYR A 28 6.20 -11.36 17.13
CA TYR A 28 5.40 -11.20 15.90
C TYR A 28 4.07 -10.41 16.13
N ALA A 29 3.41 -10.60 17.28
CA ALA A 29 2.20 -9.84 17.59
C ALA A 29 2.49 -8.31 17.64
N LEU A 30 3.64 -7.95 18.21
CA LEU A 30 4.08 -6.55 18.23
C LEU A 30 4.41 -6.06 16.83
N ILE A 31 5.17 -6.87 16.09
CA ILE A 31 5.59 -6.54 14.71
C ILE A 31 4.37 -6.28 13.82
N HIS A 32 3.33 -7.12 13.97
CA HIS A 32 2.12 -6.96 13.16
C HIS A 32 1.32 -5.76 13.57
N LEU A 33 1.27 -5.50 14.89
CA LEU A 33 0.63 -4.31 15.44
C LEU A 33 1.32 -3.04 14.98
N ALA A 34 2.65 -3.06 15.01
CA ALA A 34 3.47 -1.95 14.50
C ALA A 34 3.14 -1.62 13.05
N SER A 35 3.02 -2.65 12.21
CA SER A 35 2.80 -2.44 10.77
C SER A 35 1.42 -1.90 10.46
N ALA A 36 0.42 -2.43 11.17
CA ALA A 36 -0.95 -1.96 11.06
C ALA A 36 -1.03 -0.46 11.39
N MET A 37 -0.24 -0.03 12.37
CA MET A 37 -0.17 1.37 12.79
C MET A 37 0.58 2.24 11.79
N GLN A 38 1.60 1.67 11.16
CA GLN A 38 2.32 2.38 10.15
C GLN A 38 1.39 2.67 8.96
N ARG A 39 0.61 1.68 8.53
CA ARG A 39 -0.38 1.92 7.46
C ARG A 39 -1.41 3.00 7.82
N LYS A 40 -1.90 2.97 9.06
CA LYS A 40 -2.88 3.98 9.52
C LYS A 40 -2.26 5.38 9.64
N ILE A 41 -1.10 5.51 10.24
CA ILE A 41 -0.43 6.82 10.31
C ILE A 41 0.01 7.35 8.93
N ASP A 42 0.47 6.47 8.02
CA ASP A 42 0.89 6.91 6.69
C ASP A 42 -0.28 7.33 5.82
N ALA A 43 -1.42 6.67 5.97
CA ALA A 43 -2.67 7.12 5.34
C ALA A 43 -3.13 8.52 5.82
N GLY A 44 -2.50 9.07 6.86
CA GLY A 44 -2.83 10.37 7.37
C GLY A 44 -3.87 10.34 8.46
N GLU A 45 -4.17 9.15 9.00
CA GLU A 45 -5.11 9.01 10.11
C GLU A 45 -4.52 9.43 11.44
N VAL A 46 -5.45 9.83 12.31
CA VAL A 46 -5.23 10.31 13.65
C VAL A 46 -5.78 9.26 14.58
N LEU A 47 -4.90 8.64 15.38
CA LEU A 47 -5.32 7.66 16.36
C LEU A 47 -5.59 8.33 17.67
N ASN A 48 -6.63 7.88 18.36
CA ASN A 48 -7.16 8.56 19.54
C ASN A 48 -7.03 7.75 20.82
N LEU A 49 -6.09 6.80 20.83
CA LEU A 49 -6.18 5.68 21.71
C LEU A 49 -5.90 6.01 23.15
N LEU A 50 -4.94 6.89 23.39
CA LEU A 50 -4.48 7.21 24.75
C LEU A 50 -4.77 8.64 25.12
N GLN A 51 -5.86 9.17 24.58
CA GLN A 51 -6.33 10.44 25.06
C GLN A 51 -6.43 10.36 26.61
N GLY A 52 -5.92 11.39 27.26
CA GLY A 52 -5.93 11.51 28.70
C GLY A 52 -4.92 10.69 29.50
N ARG A 53 -4.08 9.89 28.85
CA ARG A 53 -3.00 9.20 29.56
C ARG A 53 -1.75 10.04 29.44
N ILE A 54 -0.89 9.96 30.46
CA ILE A 54 0.35 10.71 30.52
C ILE A 54 1.60 9.82 30.60
N MET A 55 2.56 10.17 29.77
CA MET A 55 3.84 9.50 29.66
C MET A 55 4.80 10.48 30.26
N THR A 56 5.72 10.00 31.10
CA THR A 56 6.61 10.90 31.82
C THR A 56 7.98 10.36 31.65
N PRO A 57 8.82 11.11 30.94
CA PRO A 57 10.20 10.63 30.82
C PRO A 57 10.98 10.90 32.07
N LEU A 58 11.89 10.00 32.42
CA LEU A 58 12.80 10.18 33.55
C LEU A 58 14.22 9.81 33.12
N PHE A 59 14.85 10.72 32.41
CA PHE A 59 16.19 10.49 31.89
C PHE A 59 17.22 11.10 32.83
N PHE A 60 17.99 10.27 33.52
CA PHE A 60 19.24 10.71 34.20
C PHE A 60 20.46 10.69 33.24
N GLU A 61 20.22 10.74 31.94
CA GLU A 61 21.28 10.71 30.95
C GLU A 61 20.72 11.28 29.62
N ASP A 62 21.32 12.38 29.19
CA ASP A 62 21.28 12.88 27.82
C ASP A 62 20.99 11.82 26.74
N SER A 63 19.84 11.93 26.07
CA SER A 63 19.50 11.09 24.92
C SER A 63 18.25 11.61 24.19
N SER A 64 18.49 12.55 23.29
CA SER A 64 17.42 13.26 22.61
C SER A 64 16.62 12.39 21.62
N ARG A 65 17.32 11.56 20.83
CA ARG A 65 16.68 10.65 19.91
C ARG A 65 15.75 9.67 20.59
N THR A 66 16.11 9.17 21.78
CA THR A 66 15.29 8.12 22.44
C THR A 66 14.06 8.72 23.05
N PHE A 67 14.30 9.80 23.74
CA PHE A 67 13.26 10.63 24.30
C PHE A 67 12.20 11.03 23.24
N SER A 68 12.68 11.51 22.08
CA SER A 68 11.82 12.11 21.07
C SER A 68 11.06 11.06 20.31
N SER A 69 11.71 9.91 20.12
CA SER A 69 11.04 8.72 19.59
C SER A 69 9.88 8.30 20.50
N PHE A 70 10.14 8.29 21.81
CA PHE A 70 9.11 7.92 22.78
C PHE A 70 8.02 8.97 22.85
N CYS A 71 8.40 10.25 22.93
CA CYS A 71 7.40 11.32 22.94
C CYS A 71 6.54 11.24 21.62
N ALA A 72 7.18 10.94 20.51
CA ALA A 72 6.51 10.93 19.25
C ALA A 72 5.53 9.75 19.18
N ALA A 73 5.94 8.58 19.68
CA ALA A 73 5.04 7.43 19.79
C ALA A 73 3.77 7.82 20.53
N MET A 74 3.96 8.32 21.77
CA MET A 74 2.86 8.60 22.71
C MET A 74 1.86 9.56 22.09
N ILE A 75 2.39 10.65 21.54
CA ILE A 75 1.59 11.71 20.95
C ILE A 75 0.73 11.21 19.77
N ARG A 76 1.33 10.46 18.86
CA ARG A 76 0.60 9.90 17.74
C ARG A 76 -0.45 8.83 18.09
N LEU A 77 -0.47 8.38 19.34
CA LEU A 77 -1.56 7.57 19.90
C LEU A 77 -2.56 8.42 20.66
N GLY A 78 -2.38 9.74 20.65
CA GLY A 78 -3.27 10.67 21.35
C GLY A 78 -3.02 10.89 22.83
N GLY A 79 -1.87 10.42 23.31
CA GLY A 79 -1.45 10.61 24.68
C GLY A 79 -0.73 11.91 24.88
N SER A 80 -0.48 12.20 26.14
CA SER A 80 0.23 13.40 26.53
C SER A 80 1.56 13.08 27.22
N VAL A 81 2.46 14.07 27.22
CA VAL A 81 3.82 13.92 27.72
C VAL A 81 4.09 14.97 28.77
N VAL A 82 4.68 14.61 29.90
CA VAL A 82 5.13 15.62 30.88
C VAL A 82 6.65 15.57 31.03
N ASN A 83 7.29 16.66 30.69
CA ASN A 83 8.74 16.73 30.77
C ASN A 83 9.19 16.88 32.21
N PHE A 84 9.98 15.93 32.68
CA PHE A 84 10.63 16.06 33.97
C PHE A 84 12.14 16.05 33.74
N LYS A 85 12.84 17.13 34.07
CA LYS A 85 14.32 17.17 34.05
C LYS A 85 14.91 16.70 35.36
N VAL A 86 15.77 15.68 35.32
CA VAL A 86 16.68 15.30 36.43
C VAL A 86 17.74 16.37 36.51
N GLY A 94 20.98 14.22 47.12
CA GLY A 94 19.87 14.98 47.68
C GLY A 94 18.57 14.20 47.60
N GLU A 95 17.88 14.31 46.47
CA GLU A 95 16.62 13.60 46.23
C GLU A 95 16.95 12.23 45.68
N THR A 96 16.44 11.19 46.32
CA THR A 96 16.70 9.82 45.90
C THR A 96 16.00 9.44 44.58
N LEU A 97 16.34 8.28 44.06
CA LEU A 97 15.67 7.74 42.88
C LEU A 97 14.20 7.39 43.18
N ALA A 98 13.97 6.56 44.19
CA ALA A 98 12.63 6.15 44.64
C ALA A 98 11.71 7.34 44.81
N ASP A 99 12.18 8.38 45.49
CA ASP A 99 11.32 9.53 45.68
C ASP A 99 10.94 10.20 44.36
N THR A 100 11.91 10.23 43.44
CA THR A 100 11.68 10.76 42.07
C THR A 100 10.64 9.96 41.32
N ILE A 101 10.70 8.65 41.50
CA ILE A 101 9.72 7.75 40.96
C ILE A 101 8.35 7.97 41.61
N ARG A 102 8.27 7.98 42.94
CA ARG A 102 6.97 8.11 43.62
C ARG A 102 6.28 9.41 43.26
N THR A 103 7.08 10.44 43.02
CA THR A 103 6.60 11.73 42.57
C THR A 103 5.95 11.56 41.20
N LEU A 104 6.70 10.99 40.24
CA LEU A 104 6.20 10.83 38.87
C LEU A 104 4.93 10.01 38.85
N ASP A 105 4.99 8.93 39.58
CA ASP A 105 3.85 8.05 39.83
C ASP A 105 2.54 8.70 40.30
N SER A 106 2.64 9.84 40.97
CA SER A 106 1.47 10.55 41.48
C SER A 106 0.62 11.22 40.39
N TYR A 107 1.17 11.46 39.19
CA TYR A 107 0.37 12.06 38.11
C TYR A 107 0.47 11.37 36.74
N SER A 108 1.07 10.19 36.67
CA SER A 108 1.46 9.56 35.40
C SER A 108 0.80 8.24 35.10
N ASP A 109 0.87 7.84 33.83
CA ASP A 109 0.37 6.53 33.45
C ASP A 109 1.45 5.53 33.07
N VAL A 110 2.62 6.03 32.69
CA VAL A 110 3.77 5.19 32.35
C VAL A 110 5.06 6.01 32.46
N LEU A 111 6.14 5.38 32.94
CA LEU A 111 7.43 6.06 33.06
C LEU A 111 8.38 5.41 32.06
N VAL A 112 9.16 6.24 31.37
CA VAL A 112 10.27 5.80 30.52
C VAL A 112 11.53 6.24 31.24
N MET A 113 12.25 5.32 31.86
CA MET A 113 13.44 5.66 32.64
C MET A 113 14.71 5.36 31.85
N ARG A 114 15.74 6.18 32.04
CA ARG A 114 17.04 5.91 31.44
C ARG A 114 18.13 6.35 32.39
N HIS A 115 18.82 5.39 32.99
CA HIS A 115 19.80 5.64 34.06
C HIS A 115 21.20 5.08 33.69
N PRO A 116 22.31 5.73 34.13
CA PRO A 116 23.65 5.15 33.92
C PRO A 116 23.98 3.90 34.75
N ARG A 117 23.57 3.84 36.00
CA ARG A 117 23.68 2.60 36.76
C ARG A 117 22.71 1.51 36.30
N GLN A 118 23.20 0.28 36.25
CA GLN A 118 22.47 -0.93 35.82
C GLN A 118 21.30 -1.35 36.72
N ASP A 119 21.52 -1.27 38.02
CA ASP A 119 20.52 -1.69 39.04
C ASP A 119 19.42 -0.67 39.38
N ALA A 120 19.57 0.56 38.87
CA ALA A 120 18.57 1.62 39.04
C ALA A 120 17.18 1.18 38.67
N ILE A 121 17.08 0.33 37.64
CA ILE A 121 15.82 -0.27 37.22
C ILE A 121 15.18 -1.16 38.29
N GLU A 122 15.96 -1.96 39.00
CA GLU A 122 15.42 -2.80 40.09
C GLU A 122 14.90 -1.93 41.25
N GLU A 123 15.62 -0.84 41.49
CA GLU A 123 15.27 0.14 42.53
C GLU A 123 13.93 0.78 42.20
N ALA A 124 13.80 1.27 40.96
CA ALA A 124 12.57 1.89 40.48
C ALA A 124 11.40 0.92 40.51
N LEU A 125 11.60 -0.29 40.00
CA LEU A 125 10.55 -1.31 40.00
C LEU A 125 10.08 -1.66 41.39
N SER A 126 10.98 -1.58 42.36
CA SER A 126 10.65 -1.92 43.74
C SER A 126 9.57 -1.00 44.31
N VAL A 127 9.49 0.25 43.82
CA VAL A 127 8.50 1.22 44.36
C VAL A 127 7.41 1.73 43.42
N ALA A 128 7.55 1.54 42.12
CA ALA A 128 6.63 2.16 41.14
C ALA A 128 5.26 1.46 41.14
N GLN A 129 4.15 2.21 41.10
CA GLN A 129 2.82 1.61 40.91
C GLN A 129 2.43 1.54 39.43
N HIS A 130 2.79 2.55 38.63
CA HIS A 130 2.57 2.48 37.19
C HIS A 130 3.75 1.86 36.45
N PRO A 131 3.49 1.29 35.25
CA PRO A 131 4.51 0.62 34.47
C PRO A 131 5.75 1.43 34.10
N ILE A 132 6.90 0.78 34.06
CA ILE A 132 8.15 1.41 33.65
C ILE A 132 8.61 0.76 32.37
N LEU A 133 9.03 1.54 31.38
CA LEU A 133 9.73 1.03 30.20
C LEU A 133 11.19 1.44 30.31
N ASN A 134 12.10 0.47 30.27
CA ASN A 134 13.50 0.73 30.41
C ASN A 134 14.02 1.16 29.04
N ALA A 135 14.48 2.41 28.98
CA ALA A 135 15.06 3.04 27.79
C ALA A 135 16.57 3.04 27.85
N GLY A 136 17.15 2.19 28.69
CA GLY A 136 18.58 2.02 28.76
C GLY A 136 19.04 2.10 30.18
N ASN A 137 19.49 0.97 30.73
CA ASN A 137 19.97 0.92 32.13
C ASN A 137 21.43 0.51 32.22
N GLY A 138 22.30 1.51 32.30
CA GLY A 138 23.76 1.30 32.37
C GLY A 138 24.35 0.49 31.24
N ALA A 139 25.04 -0.59 31.59
CA ALA A 139 25.59 -1.52 30.60
C ALA A 139 24.66 -2.72 30.41
N GLY A 140 23.40 -2.56 30.82
CA GLY A 140 22.45 -3.65 30.86
C GLY A 140 21.73 -3.85 29.52
N GLU A 141 20.51 -3.34 29.43
CA GLU A 141 19.63 -3.64 28.30
C GLU A 141 18.94 -2.45 27.71
N HIS A 142 18.34 -2.67 26.56
CA HIS A 142 17.53 -1.67 25.90
C HIS A 142 16.42 -2.42 25.19
N PRO A 143 15.48 -2.96 25.96
CA PRO A 143 14.55 -3.90 25.32
C PRO A 143 13.73 -3.38 24.10
N THR A 144 13.33 -2.13 24.13
CA THR A 144 12.57 -1.56 23.03
C THR A 144 13.42 -1.41 21.79
N GLN A 145 14.71 -1.18 21.96
CA GLN A 145 15.59 -1.04 20.83
C GLN A 145 15.66 -2.39 20.11
N ALA A 146 15.91 -3.45 20.87
CA ALA A 146 15.98 -4.76 20.30
C ALA A 146 14.69 -5.14 19.61
N LEU A 147 13.54 -4.73 20.13
CA LEU A 147 12.25 -5.02 19.50
C LEU A 147 12.05 -4.28 18.18
N LEU A 148 12.54 -3.04 18.06
CA LEU A 148 12.45 -2.28 16.82
C LEU A 148 13.47 -2.75 15.79
N ASP A 149 14.65 -3.12 16.25
CA ASP A 149 15.68 -3.70 15.38
C ASP A 149 15.15 -4.99 14.71
N THR A 150 14.41 -5.77 15.49
CA THR A 150 13.83 -7.00 15.00
C THR A 150 12.73 -6.69 14.00
N LEU A 151 11.87 -5.74 14.31
CA LEU A 151 10.94 -5.20 13.29
C LEU A 151 11.69 -4.80 12.02
N THR A 152 12.82 -4.10 12.15
CA THR A 152 13.60 -3.71 10.95
C THR A 152 14.02 -4.94 10.12
N ILE A 153 14.67 -5.90 10.79
CA ILE A 153 15.15 -7.11 10.12
C ILE A 153 14.03 -7.77 9.38
N HIS A 154 12.94 -8.01 10.08
CA HIS A 154 11.73 -8.60 9.46
C HIS A 154 11.19 -7.81 8.26
N SER A 155 11.10 -6.49 8.34
CA SER A 155 10.51 -5.65 7.27
C SER A 155 11.43 -5.40 6.08
N GLU A 156 12.74 -5.52 6.28
CA GLU A 156 13.72 -5.39 5.19
C GLU A 156 14.05 -6.75 4.54
N LEU A 157 14.27 -7.77 5.35
CA LEU A 157 14.67 -9.08 4.88
C LEU A 157 13.52 -10.09 4.74
N GLY A 158 12.36 -9.84 5.36
CA GLY A 158 11.22 -10.77 5.25
C GLY A 158 11.23 -12.02 6.13
N SER A 159 12.32 -12.28 6.86
CA SER A 159 12.37 -13.36 7.81
C SER A 159 13.53 -13.15 8.76
N VAL A 160 13.38 -13.61 10.00
CA VAL A 160 14.45 -13.55 11.02
C VAL A 160 15.13 -14.91 11.21
N ASP A 161 14.39 -16.00 11.01
CA ASP A 161 14.95 -17.36 11.09
C ASP A 161 15.91 -17.55 9.92
N GLY A 162 17.10 -18.11 10.21
CA GLY A 162 18.08 -18.46 9.18
C GLY A 162 19.15 -17.42 8.88
N ILE A 163 19.02 -16.21 9.43
CA ILE A 163 20.01 -15.15 9.21
C ILE A 163 21.36 -15.39 9.89
N THR A 164 22.36 -14.73 9.31
CA THR A 164 23.70 -14.62 9.86
C THR A 164 23.91 -13.14 10.22
N ILE A 165 24.21 -12.86 11.49
CA ILE A 165 24.22 -11.50 12.01
C ILE A 165 25.59 -11.17 12.62
N ALA A 166 26.10 -9.98 12.31
CA ALA A 166 27.31 -9.48 12.94
C ALA A 166 26.96 -8.38 13.90
N LEU A 167 27.31 -8.58 15.17
CA LEU A 167 27.27 -7.52 16.17
C LEU A 167 28.70 -6.97 16.20
N ILE A 168 28.83 -5.69 15.83
CA ILE A 168 30.13 -5.06 15.60
C ILE A 168 30.30 -3.85 16.53
N GLY A 169 31.44 -3.73 17.20
CA GLY A 169 31.78 -2.51 17.97
C GLY A 169 31.96 -2.79 19.43
N ASP A 170 31.59 -1.86 20.31
CA ASP A 170 31.72 -2.09 21.74
C ASP A 170 30.61 -3.05 22.21
N LEU A 171 30.94 -4.33 22.20
CA LEU A 171 30.04 -5.37 22.67
C LEU A 171 29.97 -5.49 24.19
N LYS A 172 31.02 -5.09 24.89
CA LYS A 172 31.05 -5.20 26.36
C LYS A 172 30.05 -4.28 27.03
N MET A 173 29.98 -3.02 26.59
CA MET A 173 29.12 -2.01 27.22
C MET A 173 27.83 -1.71 26.45
N GLY A 174 27.61 -2.34 25.30
CA GLY A 174 26.47 -2.01 24.43
C GLY A 174 25.16 -2.63 24.90
N ARG A 175 24.31 -1.83 25.53
CA ARG A 175 23.05 -2.37 26.02
C ARG A 175 22.09 -2.79 24.91
N THR A 176 22.26 -2.18 23.75
CA THR A 176 21.60 -2.61 22.52
C THR A 176 21.93 -4.04 22.12
N VAL A 177 23.22 -4.34 22.02
CA VAL A 177 23.67 -5.65 21.54
C VAL A 177 23.41 -6.77 22.56
N HIS A 178 23.44 -6.43 23.86
CA HIS A 178 23.05 -7.38 24.89
C HIS A 178 21.61 -7.79 24.71
N SER A 179 20.73 -6.79 24.54
CA SER A 179 19.31 -7.05 24.29
C SER A 179 19.03 -7.76 22.98
N LEU A 180 19.72 -7.39 21.92
CA LEU A 180 19.42 -7.98 20.60
C LEU A 180 19.85 -9.46 20.57
N LEU A 181 21.04 -9.73 21.10
CA LEU A 181 21.51 -11.09 21.23
C LEU A 181 20.57 -11.96 22.01
N LYS A 182 20.17 -11.50 23.21
CA LYS A 182 19.16 -12.23 24.02
C LYS A 182 17.85 -12.46 23.25
N LEU A 183 17.29 -11.39 22.69
CA LEU A 183 16.02 -11.47 21.97
C LEU A 183 16.03 -12.43 20.78
N LEU A 184 17.11 -12.42 20.02
CA LEU A 184 17.20 -13.21 18.80
C LEU A 184 17.50 -14.68 19.08
N VAL A 185 18.53 -14.91 19.87
CA VAL A 185 18.93 -16.25 20.22
C VAL A 185 17.79 -17.02 20.90
N ARG A 186 17.12 -16.39 21.87
CA ARG A 186 16.04 -17.05 22.63
C ARG A 186 14.83 -17.46 21.79
N ASN A 187 14.42 -16.59 20.87
CA ASN A 187 13.14 -16.75 20.20
C ASN A 187 13.23 -17.01 18.71
N PHE A 188 14.44 -17.19 18.18
CA PHE A 188 14.61 -17.48 16.74
C PHE A 188 15.74 -18.48 16.40
N SER A 189 15.58 -19.11 15.24
CA SER A 189 16.60 -19.99 14.66
C SER A 189 17.69 -19.16 14.00
N ILE A 190 18.66 -18.73 14.79
CA ILE A 190 19.78 -17.96 14.27
C ILE A 190 20.85 -18.95 13.82
N LYS A 191 21.25 -18.85 12.55
CA LYS A 191 22.34 -19.65 11.98
C LYS A 191 23.69 -19.32 12.67
N CYS A 192 24.09 -18.05 12.59
CA CYS A 192 25.42 -17.65 12.97
C CYS A 192 25.41 -16.25 13.57
N VAL A 193 26.37 -16.00 14.46
CA VAL A 193 26.51 -14.71 15.11
C VAL A 193 27.99 -14.34 15.21
N PHE A 194 28.39 -13.34 14.44
CA PHE A 194 29.76 -12.86 14.52
C PHE A 194 29.85 -11.83 15.62
N LEU A 195 30.78 -12.03 16.54
CA LEU A 195 30.99 -11.10 17.62
C LEU A 195 32.23 -10.26 17.34
N VAL A 196 32.06 -9.24 16.50
CA VAL A 196 33.17 -8.45 15.99
C VAL A 196 33.58 -7.35 16.97
N ALA A 197 34.73 -7.53 17.62
CA ALA A 197 35.22 -6.54 18.60
C ALA A 197 36.62 -6.93 19.09
N PRO A 198 37.42 -5.94 19.52
CA PRO A 198 38.63 -6.21 20.32
C PRO A 198 38.36 -6.99 21.61
N ASP A 199 39.36 -7.74 22.06
CA ASP A 199 39.22 -8.66 23.20
C ASP A 199 38.75 -7.91 24.47
N ALA A 200 39.20 -6.67 24.61
CA ALA A 200 38.82 -5.81 25.73
C ALA A 200 37.34 -5.38 25.69
N LEU A 201 36.76 -5.30 24.49
CA LEU A 201 35.37 -4.93 24.30
C LEU A 201 34.53 -6.09 23.83
N GLN A 202 34.83 -7.30 24.30
CA GLN A 202 34.11 -8.50 23.86
C GLN A 202 32.81 -8.69 24.60
N MET A 203 31.93 -9.52 24.01
CA MET A 203 30.59 -9.84 24.56
C MET A 203 30.73 -10.62 25.87
N PRO A 204 30.18 -10.12 26.99
CA PRO A 204 30.48 -10.78 28.27
C PRO A 204 29.92 -12.18 28.39
N GLN A 205 30.57 -12.99 29.22
CA GLN A 205 30.20 -14.40 29.36
C GLN A 205 28.91 -14.57 30.12
N ASP A 206 28.56 -13.61 30.98
CA ASP A 206 27.28 -13.66 31.70
C ASP A 206 26.05 -13.21 30.88
N VAL A 207 26.26 -12.63 29.69
CA VAL A 207 25.22 -12.51 28.65
C VAL A 207 25.17 -13.81 27.87
N LEU A 208 26.35 -14.32 27.50
CA LEU A 208 26.46 -15.60 26.76
C LEU A 208 26.23 -16.91 27.57
N GLU A 209 26.39 -16.91 28.90
CA GLU A 209 26.13 -18.13 29.68
C GLU A 209 24.67 -18.54 29.60
N PRO A 210 23.74 -17.64 30.02
CA PRO A 210 22.32 -18.00 29.96
C PRO A 210 21.80 -18.51 28.62
N LEU A 211 22.49 -18.15 27.53
CA LEU A 211 22.08 -18.57 26.20
C LEU A 211 22.67 -19.93 25.75
N GLN A 212 23.75 -20.41 26.39
CA GLN A 212 24.44 -21.66 25.99
C GLN A 212 23.46 -22.76 25.62
N HIS A 213 22.48 -23.04 26.51
CA HIS A 213 21.48 -24.07 26.24
C HIS A 213 20.73 -23.85 24.92
N GLU A 214 20.22 -22.64 24.72
CA GLU A 214 19.51 -22.30 23.48
C GLU A 214 20.45 -22.28 22.27
N ILE A 215 21.70 -21.89 22.50
CA ILE A 215 22.74 -21.94 21.48
C ILE A 215 22.95 -23.38 21.02
N ALA A 216 23.24 -24.25 21.99
CA ALA A 216 23.34 -25.70 21.75
C ALA A 216 22.16 -26.27 20.93
N THR A 217 20.96 -26.24 21.50
CA THR A 217 19.75 -26.78 20.86
C THR A 217 19.50 -26.32 19.41
N LYS A 218 19.43 -25.02 19.20
CA LYS A 218 19.08 -24.46 17.88
C LYS A 218 20.28 -24.51 16.89
N GLY A 219 21.46 -24.83 17.40
CA GLY A 219 22.63 -25.06 16.53
C GLY A 219 23.08 -23.75 15.92
N VAL A 220 23.59 -22.88 16.78
CA VAL A 220 23.91 -21.52 16.41
C VAL A 220 25.42 -21.36 16.55
N ILE A 221 26.07 -20.92 15.48
CA ILE A 221 27.53 -20.74 15.49
C ILE A 221 27.83 -19.39 16.15
N ILE A 222 28.73 -19.40 17.14
CA ILE A 222 29.11 -18.22 17.90
C ILE A 222 30.55 -17.93 17.55
N HIS A 223 30.79 -17.03 16.58
CA HIS A 223 32.18 -16.76 16.10
C HIS A 223 32.72 -15.35 16.41
N ARG A 224 33.78 -15.25 17.25
CA ARG A 224 34.48 -13.97 17.53
C ARG A 224 35.57 -13.59 16.52
N THR A 225 35.64 -12.32 16.12
CA THR A 225 36.83 -11.77 15.42
C THR A 225 37.15 -10.39 15.97
N HIS A 226 38.44 -10.11 16.17
CA HIS A 226 38.91 -8.79 16.63
C HIS A 226 38.76 -7.68 15.59
N ALA A 227 38.57 -8.05 14.32
CA ALA A 227 38.39 -7.07 13.25
C ALA A 227 37.29 -7.52 12.26
N LEU A 228 36.78 -6.56 11.49
CA LEU A 228 35.71 -6.83 10.56
C LEU A 228 36.28 -7.47 9.31
N THR A 229 36.42 -8.80 9.38
CA THR A 229 37.08 -9.59 8.31
C THR A 229 36.14 -9.68 7.11
N ASP A 230 36.61 -10.33 6.05
CA ASP A 230 35.87 -10.45 4.77
C ASP A 230 34.92 -11.63 4.75
N GLU A 231 35.22 -12.64 5.58
CA GLU A 231 34.30 -13.72 5.91
C GLU A 231 33.03 -13.10 6.49
N VAL A 232 33.23 -12.25 7.49
CA VAL A 232 32.14 -11.61 8.21
C VAL A 232 31.23 -10.75 7.28
N MET A 233 31.83 -10.11 6.29
CA MET A 233 31.08 -9.26 5.36
C MET A 233 30.32 -10.08 4.34
N GLN A 234 30.94 -11.16 3.87
CA GLN A 234 30.38 -12.01 2.81
C GLN A 234 29.25 -12.89 3.31
N LYS A 235 29.34 -13.35 4.54
CA LYS A 235 28.33 -14.27 5.12
C LYS A 235 27.12 -13.59 5.77
N SER A 236 27.27 -12.33 6.20
CA SER A 236 26.28 -11.67 7.06
C SER A 236 25.11 -11.06 6.31
N ASP A 237 23.91 -11.31 6.85
CA ASP A 237 22.65 -10.77 6.36
C ASP A 237 22.31 -9.45 7.07
N VAL A 238 22.81 -9.28 8.29
CA VAL A 238 22.69 -8.02 9.01
C VAL A 238 24.05 -7.67 9.64
N LEU A 239 24.61 -6.52 9.24
CA LEU A 239 25.76 -5.92 9.92
C LEU A 239 25.18 -4.85 10.84
N TYR A 240 25.27 -5.09 12.14
CA TYR A 240 24.64 -4.25 13.15
C TYR A 240 25.77 -3.61 13.87
N THR A 241 26.00 -2.34 13.62
CA THR A 241 27.23 -1.71 14.09
C THR A 241 26.92 -0.63 15.12
N THR A 242 27.94 -0.36 15.92
CA THR A 242 27.85 0.56 17.05
C THR A 242 29.17 1.31 17.16
N ARG A 243 29.20 2.36 17.95
CA ARG A 243 30.43 3.13 18.17
C ARG A 243 31.35 2.42 19.16
N LEU A 244 32.57 2.97 19.31
CA LEU A 244 33.44 2.75 20.47
C LEU A 244 33.48 4.04 21.36
N GLN A 245 32.31 4.58 21.67
CA GLN A 245 32.12 5.80 22.49
C GLN A 245 33.10 6.92 22.14
N ALA A 265 42.77 3.05 19.91
CA ALA A 265 43.16 3.91 18.79
C ALA A 265 42.94 3.27 17.40
N LYS A 266 43.30 1.99 17.22
CA LYS A 266 43.48 1.36 15.87
C LYS A 266 42.71 0.04 15.57
N ALA A 267 41.60 -0.20 16.27
CA ALA A 267 40.77 -1.39 16.04
C ALA A 267 40.05 -1.25 14.70
N ASP A 268 40.15 -2.27 13.85
CA ASP A 268 39.75 -2.16 12.44
C ASP A 268 38.36 -2.76 12.17
N ILE A 269 37.31 -1.94 12.32
CA ILE A 269 35.90 -2.37 12.23
C ILE A 269 34.98 -1.45 11.39
N THR A 270 35.56 -0.61 10.54
CA THR A 270 34.83 0.44 9.83
C THR A 270 34.09 -0.09 8.60
N ILE A 271 32.86 0.39 8.39
CA ILE A 271 32.04 0.01 7.22
C ILE A 271 31.89 1.19 6.24
N ASP A 272 32.62 1.13 5.11
CA ASP A 272 32.56 2.12 4.01
C ASP A 272 32.02 1.47 2.72
N ALA A 273 31.80 2.27 1.67
CA ALA A 273 31.23 1.79 0.39
C ALA A 273 32.10 0.72 -0.28
N ALA A 274 33.41 0.79 -0.04
CA ALA A 274 34.36 -0.20 -0.55
C ALA A 274 34.17 -1.57 0.08
N ARG A 275 34.16 -1.64 1.41
CA ARG A 275 33.84 -2.90 2.08
C ARG A 275 32.45 -3.40 1.68
N MET A 276 31.53 -2.49 1.37
CA MET A 276 30.22 -2.88 0.86
C MET A 276 30.21 -3.58 -0.51
N ARG A 277 31.33 -3.55 -1.24
CA ARG A 277 31.51 -4.37 -2.43
C ARG A 277 31.64 -5.85 -2.07
N LEU A 278 32.12 -6.14 -0.85
CA LEU A 278 32.20 -7.51 -0.32
C LEU A 278 30.88 -8.13 0.15
N ALA A 279 29.83 -7.33 0.34
CA ALA A 279 28.59 -7.82 0.96
C ALA A 279 27.64 -8.44 -0.06
N LYS A 280 26.65 -9.17 0.44
CA LYS A 280 25.62 -9.79 -0.40
C LYS A 280 24.77 -8.71 -1.02
N GLU A 281 23.87 -9.08 -1.91
CA GLU A 281 22.91 -8.11 -2.43
C GLU A 281 21.74 -7.96 -1.47
N LYS A 282 21.15 -9.05 -0.99
CA LYS A 282 20.06 -8.98 0.02
C LYS A 282 20.66 -9.02 1.43
N MET A 283 20.87 -7.82 1.95
CA MET A 283 21.31 -7.62 3.33
C MET A 283 21.00 -6.19 3.76
N ILE A 284 21.16 -5.92 5.05
CA ILE A 284 21.06 -4.55 5.57
C ILE A 284 22.20 -4.21 6.53
N VAL A 285 22.56 -2.93 6.53
CA VAL A 285 23.40 -2.38 7.59
C VAL A 285 22.49 -1.63 8.55
N MET A 286 22.83 -1.75 9.83
CA MET A 286 22.01 -1.23 10.92
C MET A 286 22.89 -0.53 11.94
N HIS A 287 22.23 0.32 12.72
CA HIS A 287 22.88 1.18 13.70
C HIS A 287 21.79 1.78 14.57
N PRO A 288 21.97 1.74 15.90
CA PRO A 288 21.02 2.42 16.77
C PRO A 288 21.16 3.97 16.78
N LEU A 289 22.39 4.47 16.81
CA LEU A 289 22.79 5.88 16.58
C LEU A 289 22.91 6.60 17.94
N PRO A 290 23.90 7.48 18.13
CA PRO A 290 24.65 8.15 17.07
C PRO A 290 25.79 7.32 16.58
N ARG A 291 26.47 7.80 15.53
CA ARG A 291 27.56 7.09 14.85
C ARG A 291 28.82 7.94 14.74
N ASN A 292 29.97 7.28 14.84
CA ASN A 292 31.29 7.93 14.69
C ASN A 292 31.96 7.40 13.39
N ASP A 293 33.27 7.12 13.39
CA ASP A 293 34.00 6.76 12.16
C ASP A 293 33.77 5.34 11.68
N GLU A 294 33.21 4.47 12.53
CA GLU A 294 32.82 3.09 12.13
C GLU A 294 31.71 2.96 11.08
N LEU A 295 31.08 4.08 10.68
CA LEU A 295 30.02 4.03 9.66
C LEU A 295 30.01 5.29 8.78
N SER A 296 30.83 5.21 7.74
CA SER A 296 31.01 6.27 6.74
C SER A 296 29.70 6.69 6.09
N THR A 297 29.64 7.96 5.73
CA THR A 297 28.50 8.51 5.04
C THR A 297 28.48 8.08 3.56
N THR A 298 29.52 7.38 3.11
CA THR A 298 29.53 6.80 1.78
C THR A 298 28.49 5.67 1.62
N VAL A 299 28.19 5.01 2.74
CA VAL A 299 27.27 3.86 2.77
C VAL A 299 25.80 4.31 2.78
N ASP A 300 25.52 5.54 3.18
CA ASP A 300 24.14 6.02 3.32
C ASP A 300 23.22 5.85 2.11
N ALA A 301 23.75 6.09 0.92
CA ALA A 301 22.90 6.21 -0.27
C ALA A 301 22.47 4.83 -0.71
N ASP A 302 23.37 3.88 -0.61
CA ASP A 302 23.09 2.44 -0.73
C ASP A 302 21.65 2.04 -0.30
N PRO A 303 20.90 1.35 -1.19
CA PRO A 303 19.57 0.90 -0.77
C PRO A 303 19.55 -0.09 0.41
N ARG A 304 20.70 -0.69 0.74
CA ARG A 304 20.86 -1.57 1.91
C ARG A 304 21.20 -0.87 3.21
N ALA A 305 21.34 0.45 3.17
CA ALA A 305 21.47 1.24 4.40
C ALA A 305 20.11 1.42 5.05
N ALA A 306 19.89 0.68 6.13
CA ALA A 306 18.58 0.63 6.79
C ALA A 306 18.47 1.56 7.97
N TYR A 307 19.59 1.80 8.66
CA TYR A 307 19.68 2.68 9.84
C TYR A 307 18.93 4.03 9.88
N PHE A 308 18.53 4.60 8.76
CA PHE A 308 17.57 5.72 8.82
C PHE A 308 16.12 5.26 8.91
N ARG A 309 15.77 4.21 8.16
CA ARG A 309 14.43 3.59 8.23
C ARG A 309 14.16 2.97 9.63
N GLN A 310 15.23 2.44 10.21
CA GLN A 310 15.27 1.96 11.58
C GLN A 310 14.68 2.92 12.61
N MET A 311 14.93 4.22 12.48
CA MET A 311 14.33 5.18 13.41
C MET A 311 12.80 5.22 13.26
N ARG A 312 12.32 5.30 12.03
CA ARG A 312 10.88 5.27 11.77
C ARG A 312 10.22 4.00 12.23
N TYR A 313 10.82 2.84 11.96
CA TYR A 313 10.25 1.60 12.44
C TYR A 313 10.10 1.63 13.96
N GLY A 314 11.12 2.21 14.61
CA GLY A 314 11.16 2.41 16.06
C GLY A 314 10.03 3.20 16.68
N MET A 315 9.56 4.23 15.99
CA MET A 315 8.39 4.97 16.44
C MET A 315 7.15 4.08 16.42
N PHE A 316 7.07 3.15 15.47
CA PHE A 316 5.88 2.34 15.33
C PHE A 316 5.87 1.18 16.30
N MET A 317 7.03 0.58 16.53
CA MET A 317 7.17 -0.43 17.59
C MET A 317 6.83 0.19 18.93
N ARG A 318 7.27 1.43 19.14
CA ARG A 318 7.05 2.10 20.41
C ARG A 318 5.62 2.50 20.57
N MET A 319 4.97 2.81 19.47
CA MET A 319 3.53 2.96 19.43
C MET A 319 2.85 1.66 19.75
N ALA A 320 3.29 0.58 19.12
CA ALA A 320 2.72 -0.75 19.41
C ALA A 320 2.83 -1.10 20.89
N ILE A 321 4.03 -0.95 21.44
CA ILE A 321 4.31 -1.32 22.82
C ILE A 321 3.52 -0.51 23.87
N LEU A 322 3.64 0.82 23.80
CA LEU A 322 2.88 1.74 24.65
C LEU A 322 1.38 1.46 24.69
N TRP A 323 0.79 1.14 23.54
CA TRP A 323 -0.63 0.88 23.44
C TRP A 323 -0.91 -0.46 24.06
N SER A 324 -0.14 -1.46 23.71
CA SER A 324 -0.27 -2.74 24.36
C SER A 324 -0.09 -2.64 25.90
N VAL A 325 0.91 -1.89 26.37
CA VAL A 325 1.12 -1.75 27.82
C VAL A 325 -0.08 -1.10 28.52
N LEU A 326 -0.65 -0.10 27.86
CA LEU A 326 -1.65 0.76 28.46
C LEU A 326 -3.10 0.50 28.06
N ALA A 327 -3.39 -0.40 27.14
CA ALA A 327 -4.78 -0.67 26.77
C ALA A 327 -5.55 -1.32 27.91
N GLU B 4 -14.13 30.95 7.49
CA GLU B 4 -13.20 29.85 7.11
C GLU B 4 -11.77 30.27 7.42
N LEU B 5 -10.94 29.24 7.44
CA LEU B 5 -9.53 29.36 7.56
C LEU B 5 -9.00 28.50 6.46
N PRO B 6 -9.35 28.78 5.21
CA PRO B 6 -8.67 27.95 4.22
C PRO B 6 -7.13 28.23 4.23
N PRO B 7 -6.30 27.21 3.98
CA PRO B 7 -4.86 27.44 3.95
C PRO B 7 -4.48 28.16 2.66
N VAL B 8 -3.37 28.89 2.71
CA VAL B 8 -2.79 29.50 1.54
C VAL B 8 -2.16 28.40 0.69
N ALA B 9 -2.85 27.96 -0.37
CA ALA B 9 -2.45 26.76 -1.15
C ALA B 9 -0.99 26.74 -1.59
N SER B 10 -0.44 27.90 -1.95
CA SER B 10 0.91 27.98 -2.49
C SER B 10 2.05 27.66 -1.53
N LEU B 11 1.75 27.54 -0.24
CA LEU B 11 2.77 27.14 0.71
C LEU B 11 2.69 25.66 1.01
N LYS B 12 1.64 24.97 0.52
CA LYS B 12 1.43 23.57 0.90
C LYS B 12 2.71 22.80 0.71
N GLY B 13 3.14 22.12 1.76
CA GLY B 13 4.39 21.36 1.74
C GLY B 13 5.70 22.12 1.54
N LYS B 14 5.68 23.45 1.44
CA LYS B 14 6.89 24.22 1.13
C LYS B 14 7.74 24.43 2.38
N SER B 15 9.05 24.53 2.17
CA SER B 15 9.97 25.00 3.21
C SER B 15 9.96 26.53 3.16
N ILE B 16 10.26 27.17 4.30
CA ILE B 16 10.11 28.61 4.49
C ILE B 16 11.47 29.12 4.92
N THR B 17 12.26 29.50 3.92
CA THR B 17 13.69 29.78 4.10
C THR B 17 13.99 31.26 4.05
N SER B 18 13.39 31.92 3.06
CA SER B 18 13.68 33.32 2.74
C SER B 18 12.42 34.15 2.52
N ALA B 19 12.57 35.44 2.82
CA ALA B 19 11.54 36.42 2.49
C ALA B 19 11.36 36.54 0.99
N GLU B 20 12.42 36.28 0.25
CA GLU B 20 12.36 36.36 -1.21
C GLU B 20 11.32 35.45 -1.82
N GLN B 21 10.92 34.36 -1.17
CA GLN B 21 9.97 33.43 -1.78
C GLN B 21 8.49 33.82 -1.71
N PHE B 22 8.19 34.97 -1.09
CA PHE B 22 6.82 35.32 -0.78
C PHE B 22 6.29 36.37 -1.74
N SER B 23 5.31 36.02 -2.58
CA SER B 23 4.68 37.01 -3.46
C SER B 23 3.72 37.93 -2.67
N ARG B 24 3.29 39.02 -3.28
CA ARG B 24 2.34 39.93 -2.64
C ARG B 24 0.99 39.25 -2.38
N ALA B 25 0.51 38.42 -3.30
CA ALA B 25 -0.70 37.61 -3.04
C ALA B 25 -0.50 36.65 -1.83
N ASP B 26 0.68 36.00 -1.75
CA ASP B 26 1.07 35.19 -0.58
C ASP B 26 0.95 35.96 0.74
N ILE B 27 1.51 37.16 0.78
CA ILE B 27 1.53 37.96 2.00
C ILE B 27 0.13 38.34 2.40
N TYR B 28 -0.60 38.95 1.47
CA TYR B 28 -1.98 39.30 1.67
C TYR B 28 -2.74 38.10 2.26
N ALA B 29 -2.61 36.93 1.66
CA ALA B 29 -3.38 35.79 2.17
C ALA B 29 -2.99 35.48 3.61
N LEU B 30 -1.70 35.43 3.93
CA LEU B 30 -1.28 35.05 5.28
C LEU B 30 -1.71 36.09 6.33
N ILE B 31 -1.45 37.35 6.06
CA ILE B 31 -2.02 38.44 6.84
C ILE B 31 -3.52 38.25 7.13
N HIS B 32 -4.31 37.75 6.19
CA HIS B 32 -5.75 37.61 6.42
C HIS B 32 -6.19 36.32 7.08
N LEU B 33 -5.40 35.27 6.88
CA LEU B 33 -5.60 34.01 7.60
C LEU B 33 -5.29 34.25 9.08
N ALA B 34 -4.14 34.85 9.37
CA ALA B 34 -3.77 35.20 10.74
C ALA B 34 -4.85 36.00 11.48
N SER B 35 -5.48 36.94 10.79
CA SER B 35 -6.52 37.78 11.40
C SER B 35 -7.78 36.99 11.63
N ALA B 36 -8.18 36.17 10.68
CA ALA B 36 -9.37 35.35 10.85
C ALA B 36 -9.18 34.46 12.07
N MET B 37 -8.00 33.83 12.14
CA MET B 37 -7.57 33.08 13.32
C MET B 37 -7.64 33.86 14.63
N GLN B 38 -7.05 35.05 14.68
CA GLN B 38 -7.16 35.89 15.87
C GLN B 38 -8.62 36.11 16.28
N ARG B 39 -9.46 36.45 15.31
CA ARG B 39 -10.88 36.61 15.55
C ARG B 39 -11.51 35.40 16.27
N LYS B 40 -11.16 34.21 15.84
CA LYS B 40 -11.65 32.98 16.44
C LYS B 40 -11.05 32.70 17.83
N ILE B 41 -9.72 32.77 17.97
CA ILE B 41 -9.09 32.47 19.26
C ILE B 41 -9.58 33.46 20.29
N ASP B 42 -9.61 34.73 19.92
CA ASP B 42 -10.14 35.74 20.84
C ASP B 42 -11.60 35.50 21.22
N ALA B 43 -12.35 34.81 20.38
CA ALA B 43 -13.74 34.49 20.61
C ALA B 43 -13.94 33.21 21.41
N GLY B 44 -12.85 32.61 21.92
CA GLY B 44 -12.92 31.34 22.67
C GLY B 44 -12.94 30.09 21.82
N GLU B 45 -12.84 30.20 20.49
CA GLU B 45 -12.97 29.02 19.65
C GLU B 45 -11.70 28.16 19.75
N VAL B 46 -11.86 26.86 19.59
CA VAL B 46 -10.78 25.89 19.66
C VAL B 46 -10.54 25.35 18.24
N LEU B 47 -9.30 25.32 17.77
CA LEU B 47 -8.97 24.83 16.44
C LEU B 47 -8.29 23.46 16.50
N ASN B 48 -8.95 22.46 15.93
CA ASN B 48 -8.36 21.14 15.79
C ASN B 48 -7.87 20.83 14.36
N LEU B 49 -7.21 21.82 13.76
CA LEU B 49 -6.79 21.71 12.37
C LEU B 49 -5.63 20.71 12.17
N LEU B 50 -4.70 20.63 13.15
CA LEU B 50 -3.44 19.87 12.99
C LEU B 50 -3.19 18.75 14.03
N GLN B 51 -4.28 18.18 14.56
CA GLN B 51 -4.21 17.08 15.53
C GLN B 51 -3.47 15.88 15.00
N GLY B 52 -2.61 15.34 15.85
CA GLY B 52 -1.74 14.23 15.52
C GLY B 52 -0.57 14.59 14.61
N ARG B 53 -0.22 15.87 14.54
CA ARG B 53 0.90 16.32 13.76
C ARG B 53 1.90 16.96 14.72
N ILE B 54 3.18 16.79 14.44
CA ILE B 54 4.24 17.10 15.37
C ILE B 54 5.20 18.11 14.75
N MET B 55 5.45 19.18 15.47
CA MET B 55 6.53 20.07 15.16
C MET B 55 7.71 19.73 16.04
N THR B 56 8.90 19.86 15.49
CA THR B 56 10.11 19.74 16.27
C THR B 56 11.01 20.93 16.03
N PRO B 57 11.20 21.74 17.07
CA PRO B 57 12.29 22.70 17.19
C PRO B 57 13.67 22.06 17.13
N LEU B 58 14.56 22.74 16.44
CA LEU B 58 15.98 22.40 16.33
C LEU B 58 16.78 23.71 16.50
N PHE B 59 16.85 24.16 17.75
CA PHE B 59 17.45 25.41 18.15
C PHE B 59 18.88 25.16 18.67
N PHE B 60 19.83 25.24 17.75
CA PHE B 60 21.24 25.30 18.12
C PHE B 60 21.63 26.55 18.89
N GLU B 61 20.87 27.63 18.78
CA GLU B 61 21.04 28.78 19.65
C GLU B 61 19.74 29.09 20.38
N ASP B 62 19.88 29.45 21.65
CA ASP B 62 18.75 29.64 22.53
C ASP B 62 17.94 30.88 22.12
N SER B 63 16.62 30.78 22.19
CA SER B 63 15.72 31.93 22.12
C SER B 63 14.34 31.52 22.55
N SER B 64 14.04 31.72 23.83
CA SER B 64 12.77 31.30 24.41
C SER B 64 11.56 31.93 23.75
N ARG B 65 11.70 33.16 23.25
CA ARG B 65 10.58 33.86 22.63
C ARG B 65 10.22 33.27 21.30
N THR B 66 11.23 32.96 20.50
CA THR B 66 10.95 32.41 19.17
C THR B 66 10.41 30.98 19.35
N PHE B 67 11.07 30.23 20.21
CA PHE B 67 10.66 28.87 20.53
C PHE B 67 9.19 28.82 20.97
N SER B 68 8.88 29.59 21.98
CA SER B 68 7.55 29.63 22.54
C SER B 68 6.47 29.98 21.55
N SER B 69 6.79 30.90 20.65
CA SER B 69 5.81 31.46 19.74
C SER B 69 5.41 30.41 18.73
N PHE B 70 6.38 29.64 18.27
CA PHE B 70 6.16 28.55 17.36
C PHE B 70 5.39 27.45 18.05
N CYS B 71 5.79 27.07 19.26
CA CYS B 71 5.07 26.08 20.07
C CYS B 71 3.61 26.45 20.32
N ALA B 72 3.41 27.64 20.86
CA ALA B 72 2.09 28.13 21.16
C ALA B 72 1.21 28.15 19.92
N ALA B 73 1.79 28.53 18.79
CA ALA B 73 1.08 28.56 17.52
C ALA B 73 0.67 27.12 17.13
N MET B 74 1.62 26.19 17.18
CA MET B 74 1.31 24.80 16.86
C MET B 74 0.21 24.24 17.78
N ILE B 75 0.33 24.52 19.09
CA ILE B 75 -0.66 24.07 20.06
C ILE B 75 -2.04 24.66 19.79
N ARG B 76 -2.11 25.95 19.50
CA ARG B 76 -3.39 26.57 19.22
C ARG B 76 -4.08 26.07 17.92
N LEU B 77 -3.37 25.35 17.06
CA LEU B 77 -3.99 24.67 15.92
C LEU B 77 -4.29 23.17 16.21
N GLY B 78 -4.28 22.80 17.48
CA GLY B 78 -4.44 21.39 17.88
C GLY B 78 -3.23 20.48 17.67
N GLY B 79 -2.10 21.02 17.21
CA GLY B 79 -0.92 20.19 16.91
C GLY B 79 -0.09 19.90 18.15
N SER B 80 1.03 19.21 17.96
CA SER B 80 1.84 18.77 19.06
C SER B 80 3.29 19.13 18.89
N VAL B 81 4.02 19.18 20.00
CA VAL B 81 5.42 19.58 19.98
C VAL B 81 6.28 18.60 20.70
N VAL B 82 7.39 18.23 20.09
CA VAL B 82 8.35 17.33 20.68
C VAL B 82 9.70 18.01 20.60
N ASN B 83 10.23 18.48 21.74
CA ASN B 83 11.57 19.14 21.72
C ASN B 83 12.70 18.15 21.44
N PHE B 84 13.65 18.60 20.62
CA PHE B 84 14.92 17.90 20.39
C PHE B 84 16.13 18.76 20.79
N LYS B 85 16.47 18.78 22.08
CA LYS B 85 17.68 19.47 22.57
C LYS B 85 18.98 19.05 21.85
N VAL B 86 19.71 20.05 21.38
CA VAL B 86 21.06 19.85 20.88
C VAL B 86 22.13 20.28 21.87
N GLY B 94 30.39 15.50 18.68
CA GLY B 94 29.39 16.25 17.89
C GLY B 94 28.78 15.47 16.74
N GLU B 95 27.44 15.34 16.77
CA GLU B 95 26.68 14.68 15.69
C GLU B 95 26.49 15.66 14.54
N THR B 96 26.65 15.18 13.31
CA THR B 96 26.46 16.01 12.12
C THR B 96 25.03 16.53 12.02
N LEU B 97 24.89 17.67 11.35
CA LEU B 97 23.60 18.28 11.14
C LEU B 97 22.66 17.33 10.41
N ALA B 98 23.16 16.65 9.37
CA ALA B 98 22.31 15.80 8.51
C ALA B 98 21.78 14.61 9.28
N ASP B 99 22.63 14.01 10.10
CA ASP B 99 22.18 12.94 10.96
C ASP B 99 21.01 13.40 11.84
N THR B 100 21.10 14.58 12.45
CA THR B 100 19.98 15.14 13.18
C THR B 100 18.72 15.37 12.32
N ILE B 101 18.89 15.95 11.15
CA ILE B 101 17.77 16.22 10.22
C ILE B 101 17.02 14.94 9.85
N ARG B 102 17.75 13.86 9.61
CA ARG B 102 17.16 12.57 9.30
C ARG B 102 16.49 11.94 10.52
N THR B 103 17.03 12.20 11.73
CA THR B 103 16.38 11.77 12.97
C THR B 103 15.05 12.44 13.20
N LEU B 104 15.01 13.76 13.04
CA LEU B 104 13.73 14.48 13.11
C LEU B 104 12.70 14.05 12.04
N ASP B 105 13.14 13.85 10.82
CA ASP B 105 12.29 13.30 9.76
C ASP B 105 11.70 11.91 10.08
N SER B 106 12.31 11.17 10.99
CA SER B 106 11.75 9.91 11.44
C SER B 106 10.34 10.03 11.95
N TYR B 107 10.08 11.10 12.72
CA TYR B 107 8.89 11.16 13.53
C TYR B 107 8.04 12.44 13.41
N SER B 108 8.62 13.54 12.91
CA SER B 108 7.92 14.83 12.86
C SER B 108 7.33 15.17 11.49
N ASP B 109 6.40 16.11 11.47
CA ASP B 109 5.85 16.66 10.22
C ASP B 109 6.44 17.99 9.78
N VAL B 110 7.08 18.73 10.68
CA VAL B 110 7.66 19.99 10.31
C VAL B 110 8.78 20.33 11.25
N LEU B 111 9.94 20.72 10.71
CA LEU B 111 11.06 21.11 11.54
C LEU B 111 11.11 22.58 11.65
N VAL B 112 11.70 23.08 12.73
CA VAL B 112 11.84 24.53 12.96
C VAL B 112 13.23 24.80 13.52
N MET B 113 14.11 25.33 12.68
CA MET B 113 15.55 25.32 12.93
C MET B 113 16.08 26.71 13.14
N ARG B 114 16.84 26.89 14.19
CA ARG B 114 17.53 28.15 14.45
C ARG B 114 18.97 27.76 14.68
N HIS B 115 19.87 28.38 13.91
CA HIS B 115 21.25 27.96 13.85
C HIS B 115 22.12 29.21 13.69
N PRO B 116 23.31 29.25 14.35
CA PRO B 116 24.23 30.40 14.17
C PRO B 116 25.02 30.53 12.82
N ARG B 117 25.42 29.44 12.14
CA ARG B 117 25.91 29.54 10.72
C ARG B 117 24.80 29.76 9.68
N GLN B 118 25.06 30.68 8.73
CA GLN B 118 24.08 31.03 7.66
C GLN B 118 23.76 29.88 6.74
N ASP B 119 24.79 29.09 6.42
CA ASP B 119 24.66 28.02 5.42
C ASP B 119 24.25 26.67 6.03
N ALA B 120 23.99 26.62 7.34
CA ALA B 120 23.40 25.45 7.98
C ALA B 120 22.03 25.18 7.42
N ILE B 121 21.25 26.22 7.15
CA ILE B 121 19.95 26.07 6.53
C ILE B 121 20.03 25.31 5.19
N GLU B 122 20.86 25.77 4.26
CA GLU B 122 20.91 25.14 2.94
C GLU B 122 21.38 23.66 3.04
N GLU B 123 22.34 23.40 3.91
CA GLU B 123 22.70 22.01 4.34
C GLU B 123 21.50 21.13 4.68
N ALA B 124 20.67 21.60 5.60
CA ALA B 124 19.56 20.81 6.12
C ALA B 124 18.53 20.51 5.05
N LEU B 125 18.15 21.53 4.27
CA LEU B 125 17.17 21.37 3.19
C LEU B 125 17.60 20.36 2.15
N SER B 126 18.90 20.15 1.99
CA SER B 126 19.36 19.17 1.02
C SER B 126 18.95 17.75 1.43
N VAL B 127 18.94 17.46 2.73
CA VAL B 127 18.58 16.09 3.22
C VAL B 127 17.19 15.97 3.82
N ALA B 128 16.45 17.07 3.94
CA ALA B 128 15.18 17.05 4.63
C ALA B 128 14.05 16.53 3.73
N GLN B 129 13.21 15.66 4.31
CA GLN B 129 11.97 15.14 3.70
C GLN B 129 10.69 15.85 4.16
N HIS B 130 10.74 16.58 5.27
CA HIS B 130 9.60 17.38 5.73
C HIS B 130 9.96 18.89 5.76
N PRO B 131 8.92 19.77 5.71
CA PRO B 131 9.19 21.18 5.70
C PRO B 131 10.15 21.59 6.81
N ILE B 132 11.14 22.43 6.48
CA ILE B 132 11.93 23.18 7.47
C ILE B 132 11.51 24.66 7.46
N LEU B 133 11.11 25.17 8.63
CA LEU B 133 10.84 26.57 8.79
C LEU B 133 12.08 27.18 9.41
N ASN B 134 12.57 28.23 8.75
CA ASN B 134 13.73 28.95 9.24
C ASN B 134 13.31 29.99 10.28
N ALA B 135 13.66 29.69 11.52
CA ALA B 135 13.54 30.58 12.65
C ALA B 135 14.76 31.47 12.80
N GLY B 136 15.70 31.40 11.86
CA GLY B 136 16.82 32.34 11.79
C GLY B 136 18.19 31.68 11.68
N ASN B 137 19.10 32.30 10.93
CA ASN B 137 20.42 31.74 10.65
C ASN B 137 21.53 32.79 10.64
N GLY B 138 22.49 32.64 11.55
CA GLY B 138 23.58 33.61 11.74
C GLY B 138 23.21 35.07 11.55
N ALA B 139 23.52 35.59 10.37
CA ALA B 139 23.18 36.96 10.04
C ALA B 139 22.31 37.10 8.80
N GLY B 140 22.01 36.01 8.10
CA GLY B 140 21.13 36.07 6.92
C GLY B 140 19.71 36.49 7.23
N GLU B 141 18.79 35.53 7.37
CA GLU B 141 17.35 35.83 7.34
C GLU B 141 16.54 35.32 8.56
N HIS B 142 15.24 35.56 8.54
CA HIS B 142 14.33 35.22 9.61
C HIS B 142 12.94 35.60 9.12
N PRO B 143 12.44 34.88 8.10
CA PRO B 143 11.26 35.34 7.38
C PRO B 143 9.90 35.36 8.13
N THR B 144 9.69 34.47 9.10
CA THR B 144 8.40 34.50 9.86
C THR B 144 8.30 35.79 10.69
N GLN B 145 9.45 36.30 11.14
CA GLN B 145 9.54 37.63 11.74
C GLN B 145 9.17 38.74 10.75
N ALA B 146 9.74 38.73 9.54
CA ALA B 146 9.44 39.72 8.49
C ALA B 146 7.96 39.77 8.20
N LEU B 147 7.37 38.59 8.01
CA LEU B 147 5.92 38.45 7.81
C LEU B 147 5.08 38.88 9.02
N LEU B 148 5.52 38.57 10.24
CA LEU B 148 4.78 38.98 11.42
C LEU B 148 4.86 40.50 11.57
N ASP B 149 6.02 41.09 11.22
CA ASP B 149 6.21 42.56 11.27
C ASP B 149 5.28 43.27 10.29
N THR B 150 5.14 42.73 9.10
CA THR B 150 4.21 43.27 8.10
C THR B 150 2.76 43.21 8.61
N LEU B 151 2.36 42.08 9.21
CA LEU B 151 1.03 41.90 9.78
C LEU B 151 0.74 42.93 10.86
N THR B 152 1.72 43.15 11.74
CA THR B 152 1.63 44.23 12.72
C THR B 152 1.25 45.57 12.08
N ILE B 153 1.96 45.94 11.01
CA ILE B 153 1.81 47.23 10.30
C ILE B 153 0.45 47.27 9.61
N HIS B 154 0.12 46.21 8.89
CA HIS B 154 -1.21 46.11 8.29
C HIS B 154 -2.30 46.30 9.33
N SER B 155 -2.13 45.71 10.52
CA SER B 155 -3.17 45.69 11.54
C SER B 155 -3.14 46.93 12.45
N GLU B 156 -1.98 47.49 12.72
CA GLU B 156 -1.89 48.77 13.44
C GLU B 156 -2.26 50.02 12.58
N LEU B 157 -1.64 50.20 11.41
CA LEU B 157 -1.77 51.43 10.61
C LEU B 157 -2.84 51.42 9.53
N GLY B 158 -3.46 50.28 9.28
CA GLY B 158 -4.46 50.19 8.19
C GLY B 158 -3.91 49.58 6.93
N SER B 159 -2.65 49.88 6.59
CA SER B 159 -2.05 49.34 5.38
C SER B 159 -0.56 49.56 5.36
N VAL B 160 0.10 48.80 4.47
CA VAL B 160 1.57 48.83 4.29
C VAL B 160 1.98 49.64 3.06
N ASP B 161 1.06 49.84 2.11
CA ASP B 161 1.38 50.60 0.90
C ASP B 161 1.52 52.09 1.21
N GLY B 162 2.60 52.69 0.70
CA GLY B 162 2.83 54.12 0.80
C GLY B 162 3.51 54.57 2.07
N ILE B 163 3.91 53.64 2.92
CA ILE B 163 4.46 54.02 4.25
C ILE B 163 5.92 54.51 4.13
N THR B 164 6.39 55.14 5.19
CA THR B 164 7.82 55.51 5.35
C THR B 164 8.29 54.71 6.54
N ILE B 165 9.48 54.12 6.47
CA ILE B 165 9.91 53.22 7.54
C ILE B 165 11.37 53.40 7.94
N ALA B 166 11.65 53.41 9.23
CA ALA B 166 13.01 53.55 9.76
C ALA B 166 13.52 52.24 10.37
N LEU B 167 14.78 51.91 10.10
CA LEU B 167 15.37 50.66 10.58
C LEU B 167 16.60 51.01 11.43
N ILE B 168 16.39 51.07 12.73
CA ILE B 168 17.42 51.52 13.65
C ILE B 168 18.20 50.31 14.15
N GLY B 169 19.46 50.54 14.53
CA GLY B 169 20.32 49.52 15.14
C GLY B 169 21.25 48.91 14.10
N ASP B 170 22.09 47.98 14.53
CA ASP B 170 23.09 47.39 13.64
C ASP B 170 22.44 46.50 12.57
N LEU B 171 22.36 47.06 11.37
CA LEU B 171 21.69 46.44 10.25
C LEU B 171 22.59 45.41 9.56
N LYS B 172 23.85 45.33 9.99
CA LYS B 172 24.80 44.31 9.54
C LYS B 172 24.43 42.89 10.04
N MET B 173 24.34 42.74 11.36
CA MET B 173 24.10 41.43 11.98
C MET B 173 22.62 41.10 12.18
N GLY B 174 21.79 42.13 12.32
CA GLY B 174 20.36 41.95 12.55
C GLY B 174 19.65 41.23 11.41
N ARG B 175 19.37 39.93 11.62
CA ARG B 175 18.68 39.10 10.61
C ARG B 175 17.21 39.48 10.39
N THR B 176 16.60 40.19 11.33
CA THR B 176 15.23 40.67 11.18
C THR B 176 15.14 41.79 10.13
N VAL B 177 16.05 42.76 10.17
CA VAL B 177 16.00 43.93 9.28
C VAL B 177 16.23 43.60 7.80
N HIS B 178 17.12 42.65 7.50
CA HIS B 178 17.33 42.18 6.12
C HIS B 178 16.06 41.60 5.53
N SER B 179 15.52 40.57 6.19
CA SER B 179 14.31 39.89 5.72
C SER B 179 13.17 40.87 5.49
N LEU B 180 12.99 41.78 6.45
CA LEU B 180 11.95 42.81 6.39
C LEU B 180 12.15 43.76 5.20
N LEU B 181 13.38 44.28 5.09
CA LEU B 181 13.77 45.14 3.98
C LEU B 181 13.45 44.52 2.62
N LYS B 182 13.76 43.24 2.44
CA LYS B 182 13.44 42.51 1.19
C LYS B 182 11.90 42.38 1.01
N LEU B 183 11.24 41.78 2.00
CA LEU B 183 9.81 41.54 1.91
C LEU B 183 9.02 42.79 1.54
N LEU B 184 9.30 43.90 2.21
CA LEU B 184 8.60 45.16 1.99
C LEU B 184 8.80 45.76 0.59
N VAL B 185 10.05 45.92 0.18
CA VAL B 185 10.41 46.60 -1.09
C VAL B 185 9.88 45.83 -2.29
N ARG B 186 10.24 44.54 -2.31
CA ARG B 186 9.84 43.62 -3.36
C ARG B 186 8.32 43.52 -3.60
N ASN B 187 7.52 43.65 -2.54
CA ASN B 187 6.07 43.38 -2.60
C ASN B 187 5.12 44.56 -2.32
N PHE B 188 5.66 45.67 -1.81
CA PHE B 188 4.85 46.85 -1.51
C PHE B 188 5.44 48.13 -2.09
N SER B 189 4.62 49.18 -2.07
CA SER B 189 4.99 50.53 -2.52
C SER B 189 5.50 51.43 -1.38
N ILE B 190 6.73 51.17 -0.94
CA ILE B 190 7.33 51.90 0.18
C ILE B 190 7.89 53.24 -0.29
N LYS B 191 7.47 54.34 0.34
CA LYS B 191 7.99 55.67 -0.05
C LYS B 191 9.47 55.86 0.30
N CYS B 192 9.79 55.87 1.59
CA CYS B 192 11.17 56.06 2.04
C CYS B 192 11.63 54.97 3.02
N VAL B 193 12.95 54.85 3.20
CA VAL B 193 13.54 53.91 4.15
C VAL B 193 14.78 54.52 4.81
N PHE B 194 14.62 54.97 6.05
CA PHE B 194 15.73 55.51 6.83
C PHE B 194 16.61 54.41 7.39
N LEU B 195 17.77 54.20 6.76
CA LEU B 195 18.75 53.28 7.29
C LEU B 195 19.60 53.96 8.38
N VAL B 196 19.07 53.95 9.61
CA VAL B 196 19.73 54.60 10.74
C VAL B 196 20.61 53.63 11.50
N ALA B 197 21.90 53.91 11.58
CA ALA B 197 22.86 53.12 12.38
C ALA B 197 24.22 53.80 12.43
N PRO B 198 25.16 53.25 13.21
CA PRO B 198 26.57 53.57 12.99
C PRO B 198 27.07 53.15 11.58
N ASP B 199 27.98 53.94 11.01
CA ASP B 199 28.49 53.76 9.62
C ASP B 199 29.05 52.35 9.35
N ALA B 200 29.84 51.84 10.30
CA ALA B 200 30.46 50.50 10.18
C ALA B 200 29.44 49.36 10.23
N LEU B 201 28.50 49.46 11.18
CA LEU B 201 27.39 48.52 11.33
C LEU B 201 26.14 48.98 10.54
N GLN B 202 26.21 48.96 9.22
CA GLN B 202 25.09 49.42 8.37
C GLN B 202 24.54 48.25 7.54
N MET B 203 23.54 48.55 6.70
CA MET B 203 22.92 47.54 5.85
C MET B 203 23.92 47.08 4.78
N PRO B 204 24.32 45.79 4.78
CA PRO B 204 25.34 45.25 3.86
C PRO B 204 25.10 45.51 2.38
N GLN B 205 26.17 45.48 1.57
CA GLN B 205 26.03 45.71 0.13
C GLN B 205 25.28 44.59 -0.59
N ASP B 206 25.51 43.34 -0.16
CA ASP B 206 24.85 42.16 -0.76
C ASP B 206 23.32 42.12 -0.53
N VAL B 207 22.85 42.71 0.57
CA VAL B 207 21.41 42.84 0.86
C VAL B 207 20.81 43.91 -0.07
N LEU B 208 21.48 45.06 -0.16
CA LEU B 208 20.98 46.22 -0.93
C LEU B 208 21.08 46.09 -2.45
N GLU B 209 22.04 45.28 -2.93
CA GLU B 209 22.29 45.13 -4.37
C GLU B 209 21.18 44.43 -5.19
N PRO B 210 20.73 43.22 -4.77
CA PRO B 210 19.60 42.58 -5.51
C PRO B 210 18.31 43.40 -5.44
N LEU B 211 18.19 44.27 -4.42
CA LEU B 211 17.05 45.18 -4.28
C LEU B 211 16.97 46.35 -5.29
N GLN B 212 18.06 46.63 -6.00
CA GLN B 212 18.16 47.84 -6.85
C GLN B 212 17.15 47.99 -8.01
N HIS B 213 16.69 46.90 -8.63
CA HIS B 213 15.61 47.00 -9.66
C HIS B 213 14.34 47.63 -9.08
N GLU B 214 13.85 47.08 -7.97
CA GLU B 214 12.57 47.49 -7.39
C GLU B 214 12.67 48.92 -6.85
N ILE B 215 13.79 49.24 -6.18
CA ILE B 215 14.09 50.62 -5.70
C ILE B 215 13.90 51.71 -6.78
N ALA B 216 14.36 51.43 -8.00
CA ALA B 216 14.16 52.33 -9.13
C ALA B 216 12.68 52.34 -9.56
N THR B 217 12.23 51.32 -10.30
CA THR B 217 10.88 51.34 -10.92
C THR B 217 9.68 51.60 -9.99
N LYS B 218 9.83 51.30 -8.69
CA LYS B 218 8.83 51.72 -7.72
C LYS B 218 9.18 53.13 -7.22
N GLY B 219 10.47 53.36 -6.96
CA GLY B 219 10.94 54.70 -6.59
C GLY B 219 10.99 54.85 -5.09
N VAL B 220 12.16 54.65 -4.52
CA VAL B 220 12.29 54.31 -3.10
C VAL B 220 13.52 54.96 -2.48
N ILE B 221 13.28 55.95 -1.62
CA ILE B 221 14.36 56.76 -1.08
C ILE B 221 15.02 55.99 0.05
N ILE B 222 16.33 55.77 -0.06
CA ILE B 222 17.12 55.02 0.95
C ILE B 222 17.93 55.99 1.86
N HIS B 223 17.29 57.09 2.26
CA HIS B 223 18.01 58.17 2.92
C HIS B 223 18.68 57.70 4.22
N ARG B 224 19.95 57.28 4.14
CA ARG B 224 20.74 56.85 5.32
C ARG B 224 20.94 57.95 6.35
N THR B 225 21.28 57.55 7.58
CA THR B 225 21.70 58.51 8.64
C THR B 225 22.51 57.89 9.76
N HIS B 226 23.47 58.64 10.27
CA HIS B 226 24.37 58.15 11.33
C HIS B 226 23.63 57.97 12.68
N ALA B 227 22.52 58.69 12.88
CA ALA B 227 21.75 58.67 14.14
C ALA B 227 20.34 59.29 14.00
N LEU B 228 19.54 59.25 15.08
CA LEU B 228 18.09 59.56 14.99
C LEU B 228 17.75 61.03 14.73
N THR B 229 17.67 61.41 13.45
CA THR B 229 17.39 62.80 13.09
C THR B 229 15.91 63.09 13.31
N ASP B 230 15.59 64.38 13.36
CA ASP B 230 14.21 64.82 13.50
C ASP B 230 13.42 64.63 12.21
N GLU B 231 14.12 64.58 11.07
CA GLU B 231 13.46 64.27 9.79
C GLU B 231 12.84 62.84 9.83
N VAL B 232 13.58 61.94 10.50
CA VAL B 232 13.15 60.55 10.73
C VAL B 232 11.87 60.55 11.58
N MET B 233 11.99 61.13 12.77
CA MET B 233 10.90 61.14 13.75
C MET B 233 9.64 61.75 13.19
N GLN B 234 9.81 62.82 12.41
CA GLN B 234 8.69 63.53 11.81
C GLN B 234 8.01 62.71 10.71
N LYS B 235 8.80 62.25 9.74
CA LYS B 235 8.26 61.63 8.52
C LYS B 235 7.89 60.12 8.63
N SER B 236 8.46 59.41 9.61
CA SER B 236 8.26 57.95 9.76
C SER B 236 6.90 57.54 10.32
N ASP B 237 6.19 56.72 9.54
CA ASP B 237 4.98 56.04 9.98
C ASP B 237 5.30 54.80 10.83
N VAL B 238 6.46 54.17 10.60
CA VAL B 238 6.87 53.02 11.38
C VAL B 238 8.32 53.19 11.79
N LEU B 239 8.61 53.08 13.07
CA LEU B 239 9.98 53.04 13.57
C LEU B 239 10.29 51.60 13.99
N TYR B 240 11.17 50.93 13.25
CA TYR B 240 11.54 49.57 13.57
C TYR B 240 12.97 49.53 14.16
N THR B 241 13.09 49.65 15.48
CA THR B 241 14.40 49.61 16.16
C THR B 241 14.81 48.21 16.63
N THR B 242 16.12 48.05 16.80
CA THR B 242 16.75 46.78 17.20
C THR B 242 17.90 47.09 18.18
N ARG B 243 18.54 46.07 18.73
CA ARG B 243 19.67 46.29 19.65
C ARG B 243 20.94 46.71 18.89
N LEU B 244 22.01 46.92 19.68
CA LEU B 244 23.40 46.96 19.23
C LEU B 244 24.34 46.16 20.18
N GLN B 245 23.80 45.10 20.82
CA GLN B 245 24.58 44.21 21.73
C GLN B 245 24.04 42.77 21.75
N ASP B 268 22.37 58.91 20.62
CA ASP B 268 21.48 59.48 19.61
C ASP B 268 20.88 58.37 18.72
N ILE B 269 20.72 57.17 19.31
CA ILE B 269 19.91 56.05 18.74
C ILE B 269 18.61 55.77 19.54
N THR B 270 18.62 56.10 20.84
CA THR B 270 17.51 55.86 21.76
C THR B 270 16.20 56.48 21.30
N ILE B 271 15.13 55.70 21.42
CA ILE B 271 13.78 56.19 21.36
C ILE B 271 13.30 56.28 22.82
N ASP B 272 12.98 57.49 23.27
CA ASP B 272 12.46 57.72 24.64
C ASP B 272 11.17 58.58 24.65
N ALA B 273 10.62 58.80 25.84
CA ALA B 273 9.38 59.58 25.99
C ALA B 273 9.52 61.00 25.45
N ALA B 274 10.69 61.59 25.70
CA ALA B 274 11.08 62.91 25.21
C ALA B 274 11.00 63.03 23.67
N ARG B 275 11.73 62.15 22.99
CA ARG B 275 11.81 62.13 21.52
C ARG B 275 10.48 61.81 20.82
N MET B 276 9.62 61.05 21.51
CA MET B 276 8.33 60.63 20.96
C MET B 276 7.36 61.78 20.67
N ARG B 277 7.55 62.90 21.35
CA ARG B 277 6.90 64.18 21.00
C ARG B 277 6.83 64.41 19.48
N LEU B 278 7.98 64.21 18.85
CA LEU B 278 8.17 64.55 17.44
C LEU B 278 7.45 63.60 16.46
N ALA B 279 7.12 62.38 16.91
CA ALA B 279 6.34 61.42 16.11
C ALA B 279 4.96 61.95 15.76
N LYS B 280 4.46 61.55 14.60
CA LYS B 280 3.05 61.85 14.25
C LYS B 280 2.08 61.15 15.18
N GLU B 281 0.78 61.34 15.01
CA GLU B 281 -0.21 60.66 15.88
C GLU B 281 -0.53 59.24 15.37
N LYS B 282 -0.62 59.10 14.04
CA LYS B 282 -0.77 57.77 13.41
C LYS B 282 0.61 57.30 13.03
N MET B 283 1.29 56.66 13.97
CA MET B 283 2.52 55.90 13.69
C MET B 283 2.71 54.81 14.75
N ILE B 284 3.65 53.89 14.53
CA ILE B 284 3.99 52.90 15.53
C ILE B 284 5.48 52.71 15.66
N VAL B 285 5.90 52.37 16.87
CA VAL B 285 7.23 51.88 17.13
C VAL B 285 7.14 50.34 17.15
N MET B 286 8.18 49.69 16.65
CA MET B 286 8.33 48.23 16.70
C MET B 286 9.73 47.83 17.15
N HIS B 287 9.84 46.64 17.72
CA HIS B 287 11.09 46.07 18.18
C HIS B 287 10.84 44.55 18.29
N PRO B 288 11.64 43.73 17.59
CA PRO B 288 11.45 42.26 17.63
C PRO B 288 11.79 41.61 18.97
N LEU B 289 12.77 42.19 19.65
CA LEU B 289 13.11 41.90 21.05
C LEU B 289 14.14 40.79 21.06
N PRO B 290 15.01 40.71 22.07
CA PRO B 290 15.03 41.58 23.25
C PRO B 290 15.60 42.98 22.97
N ARG B 291 15.50 43.85 23.97
CA ARG B 291 15.95 45.25 23.89
C ARG B 291 16.97 45.58 24.99
N ASN B 292 17.68 46.70 24.80
CA ASN B 292 18.57 47.27 25.83
C ASN B 292 18.19 48.75 26.04
N ASP B 293 19.16 49.66 25.95
CA ASP B 293 18.93 51.10 26.18
C ASP B 293 18.23 51.75 24.99
N GLU B 294 18.47 51.24 23.78
CA GLU B 294 17.97 51.87 22.55
C GLU B 294 16.47 52.09 22.42
N LEU B 295 15.68 51.52 23.34
CA LEU B 295 14.24 51.76 23.42
C LEU B 295 13.85 51.82 24.89
N SER B 296 13.59 53.03 25.37
CA SER B 296 13.37 53.25 26.80
C SER B 296 12.03 52.65 27.23
N THR B 297 12.01 52.20 28.49
CA THR B 297 10.76 51.75 29.09
C THR B 297 9.81 52.92 29.30
N THR B 298 10.33 54.15 29.17
CA THR B 298 9.50 55.35 29.18
C THR B 298 8.52 55.43 28.01
N VAL B 299 8.63 54.53 27.04
CA VAL B 299 7.72 54.53 25.89
C VAL B 299 6.61 53.45 25.99
N ASP B 300 6.71 52.56 26.97
CA ASP B 300 5.87 51.36 27.06
C ASP B 300 4.38 51.64 27.04
N ALA B 301 3.89 52.48 27.95
CA ALA B 301 2.46 52.83 27.95
C ALA B 301 1.96 53.67 26.77
N ASP B 302 2.85 54.18 25.92
CA ASP B 302 2.42 54.97 24.77
C ASP B 302 1.66 54.08 23.77
N PRO B 303 0.41 54.44 23.39
CA PRO B 303 -0.37 53.60 22.46
C PRO B 303 0.27 53.31 21.10
N ARG B 304 1.31 54.05 20.75
CA ARG B 304 2.04 53.80 19.53
C ARG B 304 3.20 52.85 19.77
N ALA B 305 3.41 52.41 21.02
CA ALA B 305 4.32 51.28 21.33
C ALA B 305 3.63 49.97 20.97
N ALA B 306 3.92 49.47 19.77
CA ALA B 306 3.33 48.26 19.27
C ALA B 306 4.25 47.06 19.47
N TYR B 307 5.39 47.26 20.12
CA TYR B 307 6.38 46.18 20.31
C TYR B 307 5.83 44.96 21.12
N PHE B 308 4.87 45.16 22.02
CA PHE B 308 4.29 44.03 22.75
C PHE B 308 3.17 43.34 21.98
N ARG B 309 2.25 44.13 21.42
CA ARG B 309 1.23 43.58 20.51
C ARG B 309 1.82 42.78 19.33
N GLN B 310 2.99 43.21 18.85
CA GLN B 310 3.82 42.53 17.81
C GLN B 310 4.08 41.06 18.08
N MET B 311 4.26 40.68 19.34
CA MET B 311 4.49 39.27 19.67
C MET B 311 3.22 38.43 19.46
N ARG B 312 2.06 38.96 19.83
CA ARG B 312 0.82 38.24 19.61
C ARG B 312 0.46 38.08 18.13
N TYR B 313 0.62 39.14 17.34
CA TYR B 313 0.59 39.02 15.87
C TYR B 313 1.49 37.87 15.40
N GLY B 314 2.68 37.76 16.00
CA GLY B 314 3.61 36.65 15.77
C GLY B 314 3.01 35.25 15.93
N MET B 315 2.31 35.02 17.03
CA MET B 315 1.66 33.75 17.23
C MET B 315 0.67 33.52 16.08
N PHE B 316 -0.17 34.51 15.81
CA PHE B 316 -1.15 34.37 14.73
C PHE B 316 -0.55 34.21 13.32
N MET B 317 0.54 34.89 12.99
CA MET B 317 1.17 34.68 11.69
C MET B 317 1.72 33.26 11.59
N ARG B 318 2.31 32.76 12.67
CA ARG B 318 2.87 31.41 12.68
C ARG B 318 1.81 30.33 12.67
N MET B 319 0.63 30.63 13.18
CA MET B 319 -0.47 29.70 13.04
C MET B 319 -0.85 29.65 11.58
N ALA B 320 -0.88 30.81 10.92
CA ALA B 320 -1.21 30.87 9.48
C ALA B 320 -0.16 30.19 8.61
N ILE B 321 1.11 30.36 8.95
CA ILE B 321 2.15 29.65 8.23
C ILE B 321 2.09 28.14 8.48
N LEU B 322 1.95 27.73 9.74
CA LEU B 322 1.95 26.30 10.04
C LEU B 322 0.79 25.55 9.39
N TRP B 323 -0.40 26.13 9.47
CA TRP B 323 -1.58 25.54 8.82
C TRP B 323 -1.42 25.49 7.31
N SER B 324 -0.90 26.57 6.73
CA SER B 324 -0.77 26.63 5.28
C SER B 324 0.18 25.55 4.79
N VAL B 325 1.39 25.48 5.36
CA VAL B 325 2.37 24.45 4.98
C VAL B 325 1.88 23.02 5.21
N LEU B 326 1.33 22.72 6.39
CA LEU B 326 0.89 21.35 6.70
C LEU B 326 -0.51 21.02 6.27
N ALA B 327 -1.27 21.95 5.71
CA ALA B 327 -2.63 21.57 5.23
C ALA B 327 -2.58 20.47 4.16
N SER C 1 -19.56 19.13 30.84
CA SER C 1 -19.60 18.72 32.28
C SER C 1 -19.49 19.94 33.23
N MET C 2 -20.36 20.93 33.03
CA MET C 2 -20.36 22.18 33.82
C MET C 2 -21.41 22.21 34.94
N LEU C 3 -22.31 21.22 34.98
CA LEU C 3 -23.04 20.86 36.22
C LEU C 3 -22.33 19.66 36.90
N GLU C 4 -21.48 18.95 36.15
CA GLU C 4 -20.61 17.90 36.70
C GLU C 4 -19.39 18.48 37.49
N LEU C 5 -18.75 19.51 36.91
CA LEU C 5 -17.54 20.11 37.45
C LEU C 5 -17.66 21.62 37.54
N PRO C 6 -18.52 22.11 38.45
CA PRO C 6 -18.72 23.56 38.55
C PRO C 6 -17.47 24.27 39.09
N PRO C 7 -16.96 25.27 38.38
CA PRO C 7 -15.80 26.01 38.91
C PRO C 7 -16.20 26.89 40.08
N VAL C 8 -15.24 27.17 40.96
CA VAL C 8 -15.45 28.03 42.10
C VAL C 8 -15.49 29.46 41.56
N ALA C 9 -16.68 30.03 41.45
CA ALA C 9 -16.89 31.31 40.75
C ALA C 9 -16.06 32.49 41.31
N SER C 10 -15.89 32.53 42.65
CA SER C 10 -15.12 33.60 43.32
C SER C 10 -13.70 33.70 42.82
N LEU C 11 -13.20 32.59 42.24
CA LEU C 11 -11.83 32.50 41.77
C LEU C 11 -11.63 32.85 40.30
N LYS C 12 -12.70 33.19 39.57
CA LYS C 12 -12.63 33.40 38.11
C LYS C 12 -11.79 34.62 37.78
N GLY C 13 -10.82 34.45 36.89
CA GLY C 13 -9.90 35.53 36.52
C GLY C 13 -8.82 35.90 37.54
N LYS C 14 -8.86 35.36 38.76
CA LYS C 14 -7.94 35.78 39.81
C LYS C 14 -6.58 35.17 39.60
N SER C 15 -5.55 35.95 39.94
CA SER C 15 -4.23 35.45 40.26
C SER C 15 -4.31 34.81 41.65
N ILE C 16 -3.55 33.73 41.87
CA ILE C 16 -3.42 33.09 43.18
C ILE C 16 -2.05 33.43 43.79
N THR C 17 -2.03 34.36 44.74
CA THR C 17 -0.77 34.86 45.28
C THR C 17 -0.50 34.51 46.75
N SER C 18 -1.53 34.54 47.59
CA SER C 18 -1.40 34.37 49.02
C SER C 18 -2.53 33.50 49.57
N ALA C 19 -2.28 32.74 50.63
CA ALA C 19 -3.35 32.01 51.32
C ALA C 19 -4.39 32.90 51.95
N GLU C 20 -4.09 34.18 52.18
CA GLU C 20 -5.00 35.05 52.92
C GLU C 20 -6.18 35.42 52.02
N GLN C 21 -6.03 35.30 50.70
CA GLN C 21 -7.11 35.61 49.78
C GLN C 21 -8.31 34.62 49.80
N PHE C 22 -8.23 33.52 50.57
CA PHE C 22 -9.28 32.51 50.60
C PHE C 22 -10.17 32.53 51.85
N SER C 23 -11.46 32.38 51.60
CA SER C 23 -12.44 32.34 52.64
C SER C 23 -12.70 30.87 52.90
N ARG C 24 -13.33 30.60 54.05
CA ARG C 24 -13.67 29.22 54.40
C ARG C 24 -14.46 28.59 53.27
N ALA C 25 -15.43 29.33 52.72
CA ALA C 25 -16.33 28.83 51.66
C ALA C 25 -15.59 28.50 50.36
N ASP C 26 -14.71 29.43 49.93
CA ASP C 26 -13.79 29.15 48.84
C ASP C 26 -13.06 27.81 49.01
N ILE C 27 -12.51 27.55 50.20
CA ILE C 27 -11.67 26.38 50.38
C ILE C 27 -12.54 25.14 50.21
N TYR C 28 -13.66 25.09 50.93
CA TYR C 28 -14.62 24.00 50.74
C TYR C 28 -15.11 23.91 49.28
N ALA C 29 -15.35 25.01 48.60
CA ALA C 29 -15.64 24.93 47.17
C ALA C 29 -14.58 24.14 46.41
N LEU C 30 -13.29 24.47 46.67
CA LEU C 30 -12.17 23.83 45.95
C LEU C 30 -12.00 22.39 46.31
N ILE C 31 -12.24 22.04 47.57
CA ILE C 31 -12.17 20.63 48.01
C ILE C 31 -13.24 19.80 47.30
N HIS C 32 -14.48 20.27 47.33
CA HIS C 32 -15.57 19.53 46.66
C HIS C 32 -15.35 19.43 45.16
N LEU C 33 -14.78 20.46 44.56
CA LEU C 33 -14.48 20.47 43.14
C LEU C 33 -13.35 19.49 42.85
N ALA C 34 -12.29 19.51 43.66
CA ALA C 34 -11.21 18.51 43.54
C ALA C 34 -11.63 17.06 43.72
N SER C 35 -12.63 16.78 44.54
CA SER C 35 -13.10 15.40 44.72
C SER C 35 -13.84 14.95 43.51
N ALA C 36 -14.66 15.84 42.93
CA ALA C 36 -15.35 15.54 41.67
C ALA C 36 -14.36 15.26 40.54
N MET C 37 -13.20 15.90 40.58
CA MET C 37 -12.16 15.67 39.60
C MET C 37 -11.55 14.28 39.71
N GLN C 38 -11.31 13.84 40.94
CA GLN C 38 -10.76 12.49 41.23
C GLN C 38 -11.78 11.45 40.75
N ARG C 39 -13.05 11.60 41.12
CA ARG C 39 -14.14 10.82 40.49
C ARG C 39 -14.03 10.75 38.96
N LYS C 40 -13.90 11.88 38.26
CA LYS C 40 -13.70 11.83 36.80
C LYS C 40 -12.46 11.08 36.32
N ILE C 41 -11.29 11.42 36.88
CA ILE C 41 -10.04 10.91 36.37
C ILE C 41 -9.90 9.44 36.72
N ASP C 42 -10.29 9.08 37.92
CA ASP C 42 -10.16 7.72 38.35
C ASP C 42 -11.14 6.75 37.72
N ALA C 43 -12.13 7.30 37.05
CA ALA C 43 -13.12 6.55 36.33
C ALA C 43 -12.63 6.25 34.94
N GLY C 44 -11.50 6.82 34.58
CA GLY C 44 -10.90 6.63 33.29
C GLY C 44 -11.38 7.60 32.26
N GLU C 45 -12.20 8.52 32.70
CA GLU C 45 -12.79 9.52 31.84
C GLU C 45 -11.84 10.65 31.48
N VAL C 46 -12.10 11.31 30.37
CA VAL C 46 -11.25 12.39 29.85
C VAL C 46 -11.96 13.74 29.86
N LEU C 47 -11.22 14.80 30.10
CA LEU C 47 -11.77 16.13 30.16
C LEU C 47 -11.22 17.06 29.10
N ASN C 48 -12.08 17.91 28.55
CA ASN C 48 -11.73 18.91 27.53
C ASN C 48 -11.89 20.31 28.01
N LEU C 49 -12.03 20.50 29.31
CA LEU C 49 -12.45 21.78 29.83
C LEU C 49 -11.53 22.96 29.50
N LEU C 50 -10.23 22.73 29.34
CA LEU C 50 -9.24 23.76 28.95
C LEU C 50 -8.55 23.46 27.64
N GLN C 51 -9.16 22.64 26.79
CA GLN C 51 -8.72 22.51 25.41
C GLN C 51 -8.51 23.87 24.74
N GLY C 52 -7.38 24.01 24.09
CA GLY C 52 -6.95 25.25 23.51
C GLY C 52 -6.24 26.25 24.40
N ARG C 53 -6.24 26.05 25.72
CA ARG C 53 -5.69 27.02 26.67
C ARG C 53 -4.26 26.68 26.99
N ILE C 54 -3.41 27.67 27.17
CA ILE C 54 -1.98 27.39 27.40
C ILE C 54 -1.48 27.87 28.77
N MET C 55 -0.74 26.99 29.46
CA MET C 55 0.05 27.36 30.63
C MET C 55 1.52 27.41 30.26
N THR C 56 2.23 28.44 30.72
CA THR C 56 3.71 28.51 30.69
C THR C 56 4.29 28.78 32.06
N PRO C 57 5.57 28.40 32.27
CA PRO C 57 6.30 28.65 33.50
C PRO C 57 7.14 29.87 33.43
N LEU C 58 7.15 30.63 34.49
CA LEU C 58 8.13 31.66 34.64
C LEU C 58 8.88 31.28 35.92
N PHE C 59 9.81 30.32 35.79
CA PHE C 59 10.59 29.81 36.92
C PHE C 59 12.00 30.38 36.97
N PHE C 60 12.32 31.18 38.00
CA PHE C 60 13.70 31.68 38.22
C PHE C 60 14.52 30.91 39.23
N GLU C 61 13.84 30.17 40.10
CA GLU C 61 14.41 28.96 40.72
C GLU C 61 14.27 27.84 39.69
N ASP C 62 14.75 26.64 40.02
CA ASP C 62 14.50 25.43 39.24
C ASP C 62 13.78 24.44 40.15
N SER C 63 12.61 23.94 39.73
CA SER C 63 11.94 22.86 40.45
C SER C 63 11.00 22.10 39.55
N SER C 64 11.61 21.37 38.62
CA SER C 64 10.90 20.44 37.75
C SER C 64 9.75 19.68 38.43
N ARG C 65 9.97 19.21 39.64
CA ARG C 65 8.89 18.54 40.39
C ARG C 65 7.60 19.38 40.41
N THR C 66 7.75 20.67 40.72
CA THR C 66 6.58 21.55 40.86
C THR C 66 6.03 21.97 39.49
N PHE C 67 6.88 22.33 38.53
CA PHE C 67 6.31 22.63 37.21
C PHE C 67 5.64 21.40 36.62
N SER C 68 6.10 20.20 36.94
CA SER C 68 5.44 18.99 36.50
C SER C 68 4.09 18.73 37.12
N SER C 69 3.90 18.96 38.42
CA SER C 69 2.59 18.79 39.06
C SER C 69 1.56 19.69 38.39
N PHE C 70 2.02 20.87 37.99
CA PHE C 70 1.19 21.88 37.35
C PHE C 70 0.86 21.48 35.91
N CYS C 71 1.88 21.07 35.17
CA CYS C 71 1.68 20.60 33.81
C CYS C 71 0.65 19.47 33.75
N ALA C 72 0.75 18.57 34.73
CA ALA C 72 -0.04 17.36 34.76
C ALA C 72 -1.51 17.68 34.98
N ALA C 73 -1.75 18.65 35.86
CA ALA C 73 -3.10 19.11 36.14
C ALA C 73 -3.70 19.81 34.93
N MET C 74 -2.93 20.72 34.34
CA MET C 74 -3.33 21.38 33.08
C MET C 74 -3.63 20.39 31.96
N ILE C 75 -2.76 19.40 31.78
CA ILE C 75 -2.97 18.40 30.72
C ILE C 75 -4.19 17.50 30.95
N ARG C 76 -4.45 17.13 32.19
CA ARG C 76 -5.63 16.35 32.49
C ARG C 76 -6.91 17.14 32.37
N LEU C 77 -6.82 18.46 32.40
CA LEU C 77 -7.99 19.28 32.11
C LEU C 77 -8.22 19.48 30.59
N GLY C 78 -7.44 18.79 29.75
CA GLY C 78 -7.46 19.04 28.33
C GLY C 78 -6.62 20.19 27.84
N GLY C 79 -6.05 20.98 28.75
CA GLY C 79 -5.20 22.09 28.39
C GLY C 79 -3.83 21.72 27.92
N SER C 80 -3.02 22.75 27.71
CA SER C 80 -1.67 22.59 27.17
C SER C 80 -0.62 23.41 27.86
N VAL C 81 0.62 23.01 27.60
CA VAL C 81 1.83 23.58 28.18
C VAL C 81 2.87 23.95 27.11
N VAL C 82 3.29 25.22 27.15
CA VAL C 82 4.47 25.69 26.47
C VAL C 82 5.51 25.98 27.53
N ASN C 83 6.58 25.22 27.55
CA ASN C 83 7.79 25.61 28.27
C ASN C 83 8.43 26.94 27.87
N PHE C 84 9.08 27.57 28.87
CA PHE C 84 9.80 28.82 28.69
C PHE C 84 10.93 28.89 29.70
N LYS C 85 12.17 28.85 29.23
CA LYS C 85 13.32 28.83 30.11
C LYS C 85 13.89 30.24 30.25
N VAL C 86 14.27 30.55 31.48
CA VAL C 86 14.79 31.85 31.83
C VAL C 86 16.28 31.63 32.13
N GLU C 87 17.13 32.52 31.59
CA GLU C 87 18.59 32.50 31.82
C GLU C 87 19.08 33.91 32.18
N LYS C 93 22.31 37.39 30.19
CA LYS C 93 21.28 38.21 29.56
C LYS C 93 20.86 39.42 30.41
N GLY C 94 20.12 39.17 31.49
CA GLY C 94 19.50 40.22 32.29
C GLY C 94 18.39 40.98 31.57
N GLU C 95 17.62 40.30 30.71
CA GLU C 95 16.34 40.83 30.15
C GLU C 95 15.40 41.06 31.33
N THR C 96 14.68 42.19 31.37
CA THR C 96 13.92 42.52 32.58
C THR C 96 12.85 41.48 32.93
N LEU C 97 12.57 41.34 34.21
CA LEU C 97 11.42 40.55 34.63
C LEU C 97 10.14 40.97 33.91
N ALA C 98 9.90 42.27 33.80
CA ALA C 98 8.67 42.79 33.25
C ALA C 98 8.51 42.40 31.79
N ASP C 99 9.59 42.50 31.03
CA ASP C 99 9.55 42.04 29.62
C ASP C 99 9.29 40.51 29.50
N THR C 100 9.95 39.71 30.32
CA THR C 100 9.65 38.28 30.38
C THR C 100 8.14 38.05 30.57
N ILE C 101 7.51 38.77 31.49
CA ILE C 101 6.07 38.64 31.73
C ILE C 101 5.24 39.01 30.49
N ARG C 102 5.51 40.19 29.92
CA ARG C 102 4.82 40.63 28.73
C ARG C 102 4.97 39.66 27.53
N THR C 103 6.11 38.97 27.46
CA THR C 103 6.39 38.00 26.41
C THR C 103 5.60 36.72 26.60
N LEU C 104 5.51 36.25 27.85
CA LEU C 104 4.60 35.16 28.19
C LEU C 104 3.13 35.54 28.00
N ASP C 105 2.77 36.78 28.29
CA ASP C 105 1.37 37.19 28.20
C ASP C 105 0.84 37.08 26.75
N SER C 106 1.74 37.26 25.78
CA SER C 106 1.40 37.31 24.36
C SER C 106 0.76 36.05 23.83
N TYR C 107 1.08 34.89 24.42
CA TYR C 107 0.57 33.59 23.93
C TYR C 107 -0.04 32.61 24.97
N SER C 108 0.00 32.97 26.26
CA SER C 108 -0.47 32.16 27.37
C SER C 108 -1.87 32.53 27.83
N ASP C 109 -2.43 31.63 28.61
CA ASP C 109 -3.66 31.87 29.31
C ASP C 109 -3.52 31.97 30.80
N VAL C 110 -2.47 31.36 31.37
CA VAL C 110 -2.09 31.47 32.78
C VAL C 110 -0.59 31.31 32.94
N LEU C 111 0.01 32.07 33.88
CA LEU C 111 1.41 31.91 34.28
C LEU C 111 1.53 31.14 35.59
N VAL C 112 2.60 30.37 35.72
CA VAL C 112 3.00 29.74 36.96
C VAL C 112 4.36 30.29 37.31
N MET C 113 4.41 31.08 38.37
CA MET C 113 5.63 31.77 38.73
C MET C 113 6.28 31.18 39.98
N ARG C 114 7.61 31.14 39.94
CA ARG C 114 8.45 30.84 41.10
C ARG C 114 9.65 31.72 41.04
N HIS C 115 9.83 32.56 42.03
CA HIS C 115 10.97 33.47 42.06
C HIS C 115 11.60 33.42 43.46
N PRO C 116 12.95 33.50 43.56
CA PRO C 116 13.61 33.53 44.87
C PRO C 116 13.46 34.85 45.65
N ARG C 117 13.41 36.01 45.00
CA ARG C 117 12.96 37.26 45.64
C ARG C 117 11.47 37.26 46.02
N GLN C 118 11.21 37.39 47.31
CA GLN C 118 9.86 37.57 47.88
C GLN C 118 8.91 38.54 47.14
N ASP C 119 9.41 39.64 46.60
CA ASP C 119 8.55 40.71 46.07
C ASP C 119 8.64 40.93 44.53
N ALA C 120 9.02 39.88 43.81
CA ALA C 120 8.98 39.84 42.37
C ALA C 120 7.59 39.47 41.88
N ILE C 121 6.81 38.79 42.73
CA ILE C 121 5.39 38.51 42.48
C ILE C 121 4.57 39.77 42.33
N GLU C 122 4.91 40.79 43.10
CA GLU C 122 4.11 42.03 43.14
C GLU C 122 4.43 42.85 41.88
N GLU C 123 5.67 42.77 41.42
CA GLU C 123 6.05 43.32 40.12
C GLU C 123 5.28 42.70 38.93
N ALA C 124 5.21 41.36 38.90
CA ALA C 124 4.54 40.62 37.81
C ALA C 124 3.04 40.91 37.73
N LEU C 125 2.40 40.89 38.89
CA LEU C 125 0.99 41.24 39.00
C LEU C 125 0.70 42.60 38.40
N SER C 126 1.60 43.53 38.66
CA SER C 126 1.41 44.92 38.23
C SER C 126 1.44 45.07 36.72
N VAL C 127 1.97 44.08 35.99
CA VAL C 127 2.08 44.17 34.52
C VAL C 127 1.31 43.08 33.78
N ALA C 128 1.21 41.90 34.37
CA ALA C 128 0.32 40.82 33.89
C ALA C 128 -1.10 41.24 33.50
N GLN C 129 -1.55 40.85 32.29
CA GLN C 129 -2.96 40.88 31.87
C GLN C 129 -3.61 39.50 32.02
N HIS C 130 -2.88 38.52 32.58
CA HIS C 130 -3.39 37.15 32.76
C HIS C 130 -3.05 36.66 34.16
N PRO C 131 -3.87 35.74 34.74
CA PRO C 131 -3.71 35.28 36.11
C PRO C 131 -2.37 34.63 36.37
N ILE C 132 -1.69 35.04 37.43
CA ILE C 132 -0.45 34.38 37.83
C ILE C 132 -0.77 33.47 39.00
N LEU C 133 -0.21 32.27 38.98
CA LEU C 133 -0.32 31.34 40.08
C LEU C 133 1.03 31.37 40.75
N ASN C 134 1.09 31.77 42.01
CA ASN C 134 2.36 31.83 42.73
C ASN C 134 2.72 30.43 43.19
N ALA C 135 3.81 29.91 42.65
CA ALA C 135 4.29 28.57 42.98
C ALA C 135 5.48 28.64 43.96
N GLY C 136 5.75 29.85 44.49
CA GLY C 136 6.76 30.04 45.52
C GLY C 136 7.51 31.35 45.32
N ASN C 137 7.51 32.21 46.33
CA ASN C 137 8.26 33.48 46.28
C ASN C 137 9.20 33.67 47.46
N GLY C 138 10.48 33.36 47.27
CA GLY C 138 11.50 33.52 48.31
C GLY C 138 11.03 32.87 49.56
N ALA C 139 11.09 33.61 50.68
CA ALA C 139 10.51 33.11 51.94
C ALA C 139 9.03 33.50 52.17
N GLY C 140 8.29 33.84 51.12
CA GLY C 140 6.91 34.26 51.25
C GLY C 140 5.94 33.09 51.36
N GLU C 141 5.12 32.92 50.33
CA GLU C 141 4.05 31.94 50.34
C GLU C 141 4.12 30.88 49.24
N HIS C 142 3.46 29.75 49.49
CA HIS C 142 3.20 28.72 48.53
C HIS C 142 1.71 28.37 48.66
N PRO C 143 0.82 29.19 48.08
CA PRO C 143 -0.62 29.08 48.33
C PRO C 143 -1.30 27.80 47.87
N THR C 144 -1.02 27.35 46.65
CA THR C 144 -1.60 26.10 46.10
C THR C 144 -1.22 24.94 46.98
N GLN C 145 0.02 24.99 47.47
CA GLN C 145 0.52 24.01 48.42
C GLN C 145 -0.29 23.95 49.69
N ALA C 146 -0.54 25.10 50.32
CA ALA C 146 -1.37 25.15 51.50
C ALA C 146 -2.79 24.55 51.25
N LEU C 147 -3.35 24.81 50.05
CA LEU C 147 -4.69 24.31 49.67
C LEU C 147 -4.77 22.81 49.50
N LEU C 148 -3.76 22.23 48.84
CA LEU C 148 -3.68 20.77 48.70
C LEU C 148 -3.35 20.07 50.03
N ASP C 149 -2.64 20.77 50.93
CA ASP C 149 -2.35 20.23 52.27
C ASP C 149 -3.65 20.15 53.08
N THR C 150 -4.46 21.20 53.01
CA THR C 150 -5.79 21.20 53.63
C THR C 150 -6.72 20.12 53.07
N LEU C 151 -6.68 19.90 51.75
CA LEU C 151 -7.42 18.81 51.10
C LEU C 151 -6.98 17.46 51.62
N THR C 152 -5.68 17.25 51.71
CA THR C 152 -5.10 16.05 52.39
C THR C 152 -5.64 15.77 53.79
N ILE C 153 -5.53 16.76 54.66
CA ILE C 153 -5.98 16.63 56.01
C ILE C 153 -7.44 16.30 56.02
N HIS C 154 -8.24 17.06 55.28
CA HIS C 154 -9.70 16.80 55.18
C HIS C 154 -10.05 15.40 54.70
N SER C 155 -9.44 14.97 53.59
CA SER C 155 -9.61 13.59 53.10
C SER C 155 -9.19 12.51 54.10
N GLU C 156 -8.00 12.63 54.70
CA GLU C 156 -7.43 11.55 55.54
C GLU C 156 -8.04 11.46 56.95
N LEU C 157 -8.29 12.58 57.62
CA LEU C 157 -8.83 12.56 59.01
C LEU C 157 -10.34 12.87 59.13
N GLY C 158 -10.96 13.42 58.10
CA GLY C 158 -12.42 13.59 58.10
C GLY C 158 -12.84 15.01 58.34
N SER C 159 -12.00 15.81 58.96
CA SER C 159 -12.32 17.21 59.23
C SER C 159 -11.07 18.01 59.64
N VAL C 160 -11.15 19.33 59.53
CA VAL C 160 -10.03 20.23 59.87
C VAL C 160 -10.23 20.97 61.20
N ASP C 161 -11.44 21.42 61.49
CA ASP C 161 -11.77 21.97 62.80
C ASP C 161 -11.51 20.91 63.86
N GLY C 162 -10.84 21.31 64.94
CA GLY C 162 -10.51 20.40 66.06
C GLY C 162 -9.15 19.72 66.02
N ILE C 163 -8.36 19.96 64.97
CA ILE C 163 -7.04 19.33 64.89
C ILE C 163 -5.98 20.00 65.75
N THR C 164 -5.08 19.17 66.28
CA THR C 164 -3.76 19.59 66.79
C THR C 164 -2.84 19.31 65.62
N ILE C 165 -1.99 20.26 65.28
CA ILE C 165 -1.04 20.12 64.18
C ILE C 165 0.29 20.72 64.57
N ALA C 166 1.36 19.99 64.30
CA ALA C 166 2.69 20.52 64.44
C ALA C 166 3.28 20.88 63.09
N LEU C 167 3.97 22.02 63.06
CA LEU C 167 4.74 22.47 61.91
C LEU C 167 6.22 22.39 62.29
N ILE C 168 6.93 21.48 61.65
CA ILE C 168 8.28 21.08 61.98
C ILE C 168 9.28 21.56 60.91
N GLY C 169 10.53 21.81 61.33
CA GLY C 169 11.62 22.13 60.39
C GLY C 169 12.00 23.60 60.27
N ASP C 170 12.53 24.00 59.11
CA ASP C 170 12.98 25.38 58.90
C ASP C 170 11.76 26.25 58.68
N LEU C 171 11.19 26.75 59.76
CA LEU C 171 10.03 27.63 59.69
C LEU C 171 10.33 29.08 59.23
N LYS C 172 11.53 29.57 59.49
CA LYS C 172 11.89 30.93 59.07
C LYS C 172 11.76 31.07 57.56
N MET C 173 12.22 30.05 56.84
CA MET C 173 12.26 30.04 55.39
C MET C 173 11.19 29.17 54.71
N GLY C 174 10.56 28.26 55.45
CA GLY C 174 9.49 27.45 54.90
C GLY C 174 8.26 28.21 54.45
N ARG C 175 7.97 28.16 53.16
CA ARG C 175 6.89 29.00 52.58
C ARG C 175 5.56 28.27 52.49
N THR C 176 5.68 26.97 52.26
CA THR C 176 4.60 26.01 52.55
C THR C 176 3.95 26.18 53.94
N VAL C 177 4.76 26.35 54.99
CA VAL C 177 4.24 26.49 56.37
C VAL C 177 3.74 27.90 56.66
N HIS C 178 4.40 28.92 56.14
CA HIS C 178 3.84 30.26 56.20
C HIS C 178 2.40 30.26 55.68
N SER C 179 2.14 29.63 54.56
CA SER C 179 0.82 29.71 53.95
C SER C 179 -0.15 28.79 54.65
N LEU C 180 0.29 27.58 54.97
CA LEU C 180 -0.54 26.63 55.70
C LEU C 180 -1.04 27.18 57.05
N LEU C 181 -0.16 27.90 57.76
CA LEU C 181 -0.48 28.48 59.04
C LEU C 181 -1.54 29.57 58.87
N LYS C 182 -1.32 30.51 57.97
CA LYS C 182 -2.33 31.55 57.67
C LYS C 182 -3.68 30.94 57.27
N LEU C 183 -3.67 29.99 56.34
CA LEU C 183 -4.91 29.39 55.87
C LEU C 183 -5.72 28.67 56.96
N LEU C 184 -5.01 27.84 57.73
CA LEU C 184 -5.63 27.07 58.80
C LEU C 184 -6.21 27.89 59.95
N VAL C 185 -5.53 28.94 60.33
CA VAL C 185 -5.89 29.69 61.54
C VAL C 185 -7.03 30.66 61.25
N ARG C 186 -7.08 31.14 60.02
CA ARG C 186 -8.05 32.16 59.63
C ARG C 186 -9.41 31.60 59.28
N ASN C 187 -9.47 30.32 58.90
CA ASN C 187 -10.70 29.71 58.39
C ASN C 187 -11.17 28.43 59.11
N PHE C 188 -10.37 27.93 60.05
CA PHE C 188 -10.71 26.73 60.80
C PHE C 188 -10.43 26.93 62.29
N SER C 189 -11.09 26.12 63.09
CA SER C 189 -10.90 26.17 64.53
C SER C 189 -9.90 25.12 64.86
N ILE C 190 -8.64 25.51 64.72
CA ILE C 190 -7.50 24.68 65.07
C ILE C 190 -7.45 24.63 66.58
N LYS C 191 -7.34 23.43 67.16
CA LYS C 191 -7.22 23.30 68.60
C LYS C 191 -5.83 23.75 69.06
N CYS C 192 -4.78 23.38 68.32
CA CYS C 192 -3.41 23.64 68.77
C CYS C 192 -2.36 23.54 67.65
N VAL C 193 -1.53 24.56 67.52
CA VAL C 193 -0.36 24.51 66.67
C VAL C 193 0.90 24.43 67.53
N PHE C 194 1.64 23.34 67.41
CA PHE C 194 3.04 23.23 67.87
C PHE C 194 4.05 23.75 66.82
N LEU C 195 4.85 24.77 67.14
CA LEU C 195 5.92 25.26 66.23
C LEU C 195 7.25 24.63 66.61
N VAL C 196 7.65 23.59 65.88
CA VAL C 196 8.80 22.75 66.23
C VAL C 196 10.02 23.08 65.36
N ALA C 197 11.00 23.78 65.93
CA ALA C 197 12.15 24.26 65.14
C ALA C 197 13.25 24.79 66.03
N PRO C 198 14.52 24.67 65.59
CA PRO C 198 15.56 25.38 66.33
C PRO C 198 15.24 26.87 66.40
N ASP C 199 15.58 27.49 67.52
CA ASP C 199 15.15 28.86 67.84
C ASP C 199 15.44 29.86 66.71
N ALA C 200 16.61 29.74 66.12
CA ALA C 200 17.05 30.60 65.03
C ALA C 200 16.21 30.47 63.77
N LEU C 201 15.52 29.33 63.65
CA LEU C 201 14.66 29.05 62.50
C LEU C 201 13.20 28.95 62.86
N GLN C 202 12.76 29.74 63.83
CA GLN C 202 11.39 29.65 64.31
C GLN C 202 10.48 30.42 63.38
N MET C 203 9.18 30.14 63.48
CA MET C 203 8.15 30.82 62.68
C MET C 203 8.28 32.33 62.88
N PRO C 204 8.42 33.12 61.80
CA PRO C 204 8.65 34.55 61.98
C PRO C 204 7.52 35.30 62.67
N GLN C 205 7.91 36.42 63.27
CA GLN C 205 6.96 37.26 63.99
C GLN C 205 6.00 37.95 63.02
N ASP C 206 6.49 38.35 61.84
CA ASP C 206 5.64 39.00 60.82
C ASP C 206 4.56 38.08 60.20
N VAL C 207 4.68 36.76 60.38
CA VAL C 207 3.60 35.82 60.08
C VAL C 207 2.66 35.74 61.29
N LEU C 208 3.19 35.45 62.48
CA LEU C 208 2.37 35.28 63.73
C LEU C 208 1.58 36.50 64.21
N GLU C 209 2.21 37.68 64.28
CA GLU C 209 1.52 38.89 64.79
C GLU C 209 0.22 39.18 64.01
N PRO C 210 0.28 39.17 62.66
CA PRO C 210 -0.97 39.32 61.90
C PRO C 210 -2.05 38.29 62.16
N LEU C 211 -1.74 37.17 62.82
CA LEU C 211 -2.75 36.16 63.16
C LEU C 211 -3.23 36.14 64.64
N GLN C 212 -2.74 37.09 65.46
CA GLN C 212 -3.02 37.12 66.92
C GLN C 212 -4.48 37.36 67.27
N HIS C 213 -5.16 38.26 66.55
CA HIS C 213 -6.59 38.47 66.77
C HIS C 213 -7.31 37.13 66.59
N GLU C 214 -7.10 36.51 65.43
CA GLU C 214 -7.78 35.25 65.06
C GLU C 214 -7.45 34.08 66.03
N ILE C 215 -6.23 34.06 66.55
CA ILE C 215 -5.80 33.08 67.59
C ILE C 215 -6.52 33.31 68.94
N ALA C 216 -6.29 34.50 69.50
CA ALA C 216 -7.00 34.95 70.68
C ALA C 216 -8.48 34.61 70.58
N THR C 217 -9.13 34.99 69.47
CA THR C 217 -10.58 34.82 69.30
C THR C 217 -11.02 33.35 69.21
N LYS C 218 -10.31 32.53 68.46
CA LYS C 218 -10.67 31.11 68.36
C LYS C 218 -10.07 30.24 69.48
N GLY C 219 -9.16 30.79 70.25
CA GLY C 219 -8.52 30.07 71.34
C GLY C 219 -7.50 29.05 70.89
N VAL C 220 -6.74 29.39 69.85
CA VAL C 220 -5.72 28.45 69.37
C VAL C 220 -4.56 28.52 70.36
N ILE C 221 -4.04 27.35 70.71
CA ILE C 221 -2.93 27.23 71.63
C ILE C 221 -1.70 27.15 70.72
N ILE C 222 -0.68 27.96 71.00
CA ILE C 222 0.59 27.96 70.22
C ILE C 222 1.74 27.62 71.18
N HIS C 223 2.42 26.51 70.93
CA HIS C 223 3.59 26.10 71.70
C HIS C 223 4.78 26.01 70.78
N ARG C 224 5.81 26.81 71.03
CA ARG C 224 7.13 26.52 70.47
C ARG C 224 7.76 25.35 71.18
N THR C 225 8.51 24.56 70.43
CA THR C 225 9.56 23.74 71.00
C THR C 225 10.72 23.77 70.00
N HIS C 226 11.82 23.10 70.32
CA HIS C 226 12.91 22.86 69.36
C HIS C 226 13.03 21.37 69.00
N ALA C 227 12.12 20.55 69.55
CA ALA C 227 12.20 19.09 69.51
C ALA C 227 10.83 18.44 69.49
N LEU C 228 10.80 17.21 68.98
CA LEU C 228 9.59 16.40 68.93
C LEU C 228 9.49 15.64 70.24
N THR C 229 9.00 16.38 71.22
CA THR C 229 8.76 15.84 72.54
C THR C 229 7.51 14.96 72.52
N ASP C 230 7.45 14.06 73.48
CA ASP C 230 6.41 13.04 73.52
C ASP C 230 5.03 13.72 73.55
N GLU C 231 4.95 14.91 74.12
CA GLU C 231 3.75 15.71 74.08
C GLU C 231 3.27 15.91 72.63
N VAL C 232 4.19 16.37 71.78
CA VAL C 232 3.92 16.63 70.38
C VAL C 232 3.39 15.36 69.70
N MET C 233 4.12 14.27 69.85
CA MET C 233 3.79 13.01 69.17
C MET C 233 2.44 12.41 69.55
N GLN C 234 2.17 12.40 70.87
CA GLN C 234 0.92 11.88 71.46
C GLN C 234 -0.31 12.78 71.31
N LYS C 235 -0.12 14.08 71.05
CA LYS C 235 -1.23 15.04 70.88
C LYS C 235 -1.58 15.39 69.42
N SER C 236 -0.57 15.40 68.56
CA SER C 236 -0.74 15.77 67.16
C SER C 236 -1.52 14.75 66.35
N ASP C 237 -2.54 15.27 65.67
CA ASP C 237 -3.27 14.58 64.62
C ASP C 237 -2.59 14.74 63.26
N VAL C 238 -1.75 15.78 63.08
CA VAL C 238 -0.99 16.04 61.84
C VAL C 238 0.46 16.49 62.14
N LEU C 239 1.42 15.77 61.57
CA LEU C 239 2.84 16.09 61.68
C LEU C 239 3.35 16.54 60.32
N TYR C 240 3.42 17.85 60.16
CA TYR C 240 3.80 18.48 58.94
C TYR C 240 5.26 18.89 59.08
N THR C 241 6.19 18.06 58.62
CA THR C 241 7.62 18.45 58.63
C THR C 241 8.12 19.03 57.32
N THR C 242 9.19 19.83 57.42
CA THR C 242 9.88 20.38 56.24
C THR C 242 11.37 20.06 56.27
N ARG C 243 12.05 20.46 55.19
CA ARG C 243 13.46 20.21 54.98
C ARG C 243 14.27 21.40 55.52
N LEU C 244 15.47 21.14 56.05
CA LEU C 244 16.47 22.22 56.32
C LEU C 244 17.29 22.59 55.06
N GLN C 245 17.37 23.88 54.73
CA GLN C 245 18.23 24.38 53.61
C GLN C 245 19.64 24.77 54.06
N ASP C 256 24.44 26.91 55.90
CA ASP C 256 25.41 26.36 56.85
C ASP C 256 25.44 27.05 58.25
N ALA C 257 24.69 28.16 58.44
CA ALA C 257 24.59 28.85 59.74
C ALA C 257 24.19 27.87 60.85
N ALA C 258 24.60 28.18 62.08
CA ALA C 258 24.71 27.19 63.18
C ALA C 258 23.66 26.07 63.22
N ALA C 259 22.38 26.44 63.04
CA ALA C 259 21.24 25.49 63.14
C ALA C 259 21.12 24.43 62.01
N LEU C 260 21.44 24.85 60.78
CA LEU C 260 21.45 23.93 59.62
C LEU C 260 22.61 22.93 59.74
N GLN C 261 23.71 23.42 60.31
CA GLN C 261 24.91 22.63 60.61
C GLN C 261 24.74 21.63 61.80
N SER C 262 23.90 21.94 62.79
CA SER C 262 23.78 21.11 64.01
C SER C 262 23.14 19.73 63.79
N PHE C 263 23.88 18.68 64.16
CA PHE C 263 23.35 17.31 64.25
C PHE C 263 22.20 17.17 65.26
N ALA C 264 22.29 17.89 66.39
CA ALA C 264 21.30 17.81 67.45
C ALA C 264 20.02 18.53 67.05
N ALA C 265 20.13 19.57 66.25
CA ALA C 265 18.94 20.18 65.66
C ALA C 265 18.21 19.19 64.71
N LYS C 266 18.99 18.43 63.92
CA LYS C 266 18.45 17.43 63.01
C LYS C 266 17.74 16.29 63.77
N ALA C 267 18.45 15.64 64.67
CA ALA C 267 17.90 14.54 65.47
C ALA C 267 16.64 14.92 66.30
N ASP C 268 16.54 16.16 66.74
CA ASP C 268 15.42 16.61 67.57
C ASP C 268 14.12 16.75 66.79
N ILE C 269 14.22 17.15 65.54
CA ILE C 269 13.06 17.28 64.63
C ILE C 269 12.79 16.07 63.75
N THR C 270 13.71 15.11 63.71
CA THR C 270 13.56 13.93 62.86
C THR C 270 12.38 13.07 63.28
N ILE C 271 11.62 12.60 62.29
CA ILE C 271 10.60 11.56 62.48
C ILE C 271 11.18 10.28 61.90
N ASP C 272 11.06 9.20 62.67
CA ASP C 272 11.45 7.85 62.24
C ASP C 272 10.53 6.79 62.86
N ALA C 273 10.67 5.55 62.40
CA ALA C 273 9.89 4.42 62.92
C ALA C 273 9.81 4.41 64.46
N ALA C 274 10.97 4.59 65.12
CA ALA C 274 11.05 4.69 66.62
C ALA C 274 10.08 5.71 67.24
N ARG C 275 10.31 6.99 66.97
CA ARG C 275 9.42 8.06 67.40
C ARG C 275 7.94 7.80 67.05
N MET C 276 7.65 7.15 65.92
CA MET C 276 6.26 6.94 65.48
C MET C 276 5.51 6.01 66.40
N ARG C 277 6.22 5.20 67.19
CA ARG C 277 5.60 4.40 68.26
C ARG C 277 4.86 5.25 69.32
N LEU C 278 5.31 6.47 69.54
CA LEU C 278 4.63 7.41 70.46
C LEU C 278 3.35 8.05 69.94
N ALA C 279 3.09 7.91 68.64
CA ALA C 279 2.04 8.65 67.97
C ALA C 279 0.74 7.90 68.06
N LYS C 280 -0.35 8.64 67.98
CA LYS C 280 -1.68 8.05 68.02
C LYS C 280 -2.08 7.15 66.84
N GLU C 281 -3.09 6.31 67.07
CA GLU C 281 -3.64 5.45 66.00
C GLU C 281 -4.10 6.27 64.77
N LYS C 282 -4.84 7.37 64.99
CA LYS C 282 -5.44 8.17 63.92
C LYS C 282 -4.84 9.57 63.82
N MET C 283 -3.76 9.62 63.05
CA MET C 283 -3.12 10.85 62.65
C MET C 283 -2.48 10.66 61.28
N ILE C 284 -1.86 11.70 60.71
CA ILE C 284 -1.03 11.57 59.48
C ILE C 284 0.29 12.34 59.51
N VAL C 285 1.29 11.81 58.82
CA VAL C 285 2.56 12.50 58.65
C VAL C 285 2.58 13.09 57.24
N MET C 286 2.95 14.38 57.13
CA MET C 286 2.91 15.14 55.90
C MET C 286 4.24 15.85 55.65
N HIS C 287 4.54 16.03 54.38
CA HIS C 287 5.77 16.67 53.94
C HIS C 287 5.56 17.12 52.50
N PRO C 288 5.85 18.40 52.22
CA PRO C 288 5.71 18.88 50.86
C PRO C 288 6.64 18.26 49.80
N LEU C 289 7.69 17.56 50.24
CA LEU C 289 8.83 17.06 49.42
C LEU C 289 9.64 18.18 48.72
N PRO C 290 10.90 17.97 48.35
CA PRO C 290 11.70 16.81 48.68
C PRO C 290 12.12 16.76 50.15
N ARG C 291 12.53 15.59 50.59
CA ARG C 291 12.96 15.34 51.96
C ARG C 291 14.47 15.02 52.00
N ASN C 292 15.15 15.37 53.09
CA ASN C 292 16.47 14.79 53.41
C ASN C 292 16.27 13.82 54.57
N ASP C 293 17.19 13.77 55.52
CA ASP C 293 17.21 12.74 56.58
C ASP C 293 16.16 12.97 57.71
N GLU C 294 15.62 14.19 57.83
CA GLU C 294 14.54 14.52 58.79
C GLU C 294 13.30 13.63 58.76
N LEU C 295 13.02 13.03 57.61
CA LEU C 295 11.95 12.04 57.49
C LEU C 295 12.55 10.74 57.00
N SER C 296 12.74 9.83 57.95
CA SER C 296 13.34 8.53 57.68
C SER C 296 12.50 7.82 56.63
N THR C 297 13.16 7.10 55.71
CA THR C 297 12.46 6.14 54.83
C THR C 297 11.87 4.94 55.59
N THR C 298 12.20 4.79 56.88
CA THR C 298 11.57 3.77 57.75
C THR C 298 10.12 4.11 58.10
N VAL C 299 9.72 5.38 57.94
CA VAL C 299 8.29 5.75 58.12
C VAL C 299 7.40 5.39 56.90
N ASP C 300 8.00 5.06 55.74
CA ASP C 300 7.26 4.94 54.49
C ASP C 300 6.18 3.86 54.50
N ALA C 301 6.43 2.74 55.16
CA ALA C 301 5.46 1.63 55.21
C ALA C 301 4.28 1.93 56.14
N ASP C 302 4.44 2.85 57.08
CA ASP C 302 3.37 3.22 58.02
C ASP C 302 2.14 3.74 57.25
N PRO C 303 0.94 3.19 57.52
CA PRO C 303 -0.26 3.73 56.83
C PRO C 303 -0.57 5.20 57.13
N ARG C 304 0.02 5.74 58.19
CA ARG C 304 -0.08 7.16 58.51
C ARG C 304 0.91 8.05 57.77
N ALA C 305 1.83 7.45 57.01
CA ALA C 305 2.65 8.20 56.08
C ALA C 305 1.77 8.64 54.89
N ALA C 306 1.34 9.90 54.93
CA ALA C 306 0.46 10.44 53.88
C ALA C 306 1.20 11.36 52.93
N TYR C 307 2.54 11.42 53.01
CA TYR C 307 3.31 12.37 52.19
C TYR C 307 3.32 12.02 50.71
N PHE C 308 3.17 10.75 50.34
CA PHE C 308 3.12 10.36 48.91
C PHE C 308 1.73 10.52 48.28
N ARG C 309 0.70 10.13 49.03
CA ARG C 309 -0.71 10.43 48.69
C ARG C 309 -0.96 11.92 48.51
N GLN C 310 -0.28 12.71 49.34
CA GLN C 310 -0.31 14.18 49.28
C GLN C 310 -0.10 14.72 47.89
N MET C 311 0.73 14.00 47.14
CA MET C 311 1.01 14.38 45.79
C MET C 311 -0.16 14.15 44.82
N ARG C 312 -0.92 13.08 44.99
CA ARG C 312 -2.13 12.82 44.21
C ARG C 312 -3.28 13.83 44.53
N TYR C 313 -3.59 14.03 45.81
CA TYR C 313 -4.48 15.14 46.19
C TYR C 313 -4.10 16.47 45.53
N GLY C 314 -2.81 16.78 45.59
CA GLY C 314 -2.22 17.95 44.92
C GLY C 314 -2.56 18.13 43.47
N MET C 315 -2.45 17.06 42.66
CA MET C 315 -2.86 17.12 41.24
C MET C 315 -4.31 17.53 41.14
N PHE C 316 -5.21 16.85 41.87
CA PHE C 316 -6.64 17.18 41.86
C PHE C 316 -6.92 18.56 42.39
N MET C 317 -6.09 19.07 43.32
CA MET C 317 -6.31 20.41 43.85
C MET C 317 -5.85 21.47 42.87
N ARG C 318 -4.83 21.17 42.08
CA ARG C 318 -4.40 22.09 41.03
C ARG C 318 -5.34 22.11 39.84
N MET C 319 -5.92 20.98 39.54
CA MET C 319 -6.97 20.90 38.56
C MET C 319 -8.12 21.80 39.02
N ALA C 320 -8.60 21.58 40.24
CA ALA C 320 -9.71 22.38 40.78
C ALA C 320 -9.42 23.88 40.78
N ILE C 321 -8.18 24.27 41.04
CA ILE C 321 -7.79 25.68 41.07
C ILE C 321 -7.70 26.27 39.65
N LEU C 322 -6.96 25.61 38.76
CA LEU C 322 -6.87 26.05 37.34
C LEU C 322 -8.20 26.12 36.55
N TRP C 323 -9.04 25.12 36.72
CA TRP C 323 -10.34 25.11 36.06
C TRP C 323 -11.11 26.34 36.52
N SER C 324 -11.07 26.63 37.82
CA SER C 324 -11.80 27.74 38.39
C SER C 324 -11.23 29.12 38.00
N VAL C 325 -9.92 29.27 38.01
CA VAL C 325 -9.27 30.49 37.47
C VAL C 325 -9.59 30.74 35.97
N LEU C 326 -9.63 29.70 35.15
CA LEU C 326 -9.69 29.85 33.70
C LEU C 326 -11.04 29.59 33.08
N ALA C 327 -12.03 29.12 33.84
CA ALA C 327 -13.36 28.86 33.29
C ALA C 327 -13.90 30.10 32.56
N SER D 1 17.78 -18.85 -33.41
CA SER D 1 18.83 -18.00 -34.07
C SER D 1 18.82 -18.18 -35.60
N MET D 2 19.71 -17.44 -36.29
CA MET D 2 19.96 -17.64 -37.73
C MET D 2 20.54 -19.03 -37.97
N LEU D 3 21.68 -19.32 -37.33
CA LEU D 3 22.48 -20.52 -37.60
C LEU D 3 22.06 -21.69 -36.72
N GLU D 4 21.69 -21.42 -35.47
CA GLU D 4 21.32 -22.49 -34.52
C GLU D 4 20.19 -23.37 -35.07
N LEU D 5 19.16 -22.73 -35.64
CA LEU D 5 17.98 -23.42 -36.18
C LEU D 5 17.64 -22.93 -37.59
N PRO D 6 18.45 -23.32 -38.59
CA PRO D 6 18.26 -22.72 -39.91
C PRO D 6 17.14 -23.44 -40.65
N PRO D 7 16.16 -22.70 -41.15
CA PRO D 7 14.96 -23.31 -41.77
C PRO D 7 15.31 -23.99 -43.06
N VAL D 8 14.57 -25.04 -43.42
CA VAL D 8 14.67 -25.62 -44.77
C VAL D 8 14.18 -24.59 -45.82
N ALA D 9 15.11 -24.10 -46.65
CA ALA D 9 14.82 -22.99 -47.57
C ALA D 9 13.80 -23.34 -48.68
N SER D 10 13.80 -24.57 -49.16
CA SER D 10 12.87 -24.98 -50.21
C SER D 10 11.38 -24.97 -49.77
N LEU D 11 11.12 -24.86 -48.45
CA LEU D 11 9.75 -24.83 -47.90
C LEU D 11 9.23 -23.42 -47.67
N LYS D 12 10.08 -22.43 -47.92
CA LYS D 12 9.75 -21.04 -47.65
C LYS D 12 8.63 -20.58 -48.56
N GLY D 13 7.55 -20.13 -47.93
CA GLY D 13 6.39 -19.61 -48.61
C GLY D 13 5.51 -20.68 -49.18
N LYS D 14 5.90 -21.94 -49.04
CA LYS D 14 5.29 -23.01 -49.79
C LYS D 14 4.10 -23.46 -48.96
N SER D 15 2.98 -23.78 -49.60
CA SER D 15 1.85 -24.44 -48.93
C SER D 15 2.18 -25.92 -48.88
N ILE D 16 1.73 -26.60 -47.84
CA ILE D 16 2.04 -28.03 -47.66
C ILE D 16 0.75 -28.83 -47.79
N THR D 17 0.64 -29.50 -48.92
CA THR D 17 -0.56 -30.21 -49.28
C THR D 17 -0.37 -31.72 -49.38
N SER D 18 0.77 -32.15 -49.92
CA SER D 18 0.96 -33.53 -50.38
C SER D 18 2.40 -34.00 -50.17
N ALA D 19 2.53 -35.25 -49.75
CA ALA D 19 3.83 -35.92 -49.66
C ALA D 19 4.69 -35.85 -50.92
N GLU D 20 4.07 -35.78 -52.08
CA GLU D 20 4.80 -35.85 -53.34
C GLU D 20 5.64 -34.62 -53.64
N GLN D 21 5.51 -33.60 -52.78
CA GLN D 21 6.22 -32.35 -52.96
C GLN D 21 7.53 -32.27 -52.19
N PHE D 22 7.86 -33.31 -51.42
CA PHE D 22 9.15 -33.37 -50.69
C PHE D 22 10.17 -34.28 -51.33
N SER D 23 11.40 -33.77 -51.47
CA SER D 23 12.54 -34.58 -51.87
C SER D 23 13.11 -35.30 -50.67
N ARG D 24 14.01 -36.25 -50.92
CA ARG D 24 14.76 -36.94 -49.87
C ARG D 24 15.52 -35.95 -49.03
N ALA D 25 16.14 -34.96 -49.67
CA ALA D 25 16.90 -33.92 -48.95
C ALA D 25 16.00 -33.06 -48.02
N ASP D 26 14.78 -32.75 -48.51
CA ASP D 26 13.79 -32.03 -47.71
C ASP D 26 13.48 -32.77 -46.42
N ILE D 27 13.24 -34.10 -46.53
CA ILE D 27 12.83 -34.90 -45.39
C ILE D 27 13.95 -35.04 -44.38
N TYR D 28 15.18 -35.11 -44.84
CA TYR D 28 16.28 -35.19 -43.90
C TYR D 28 16.60 -33.84 -43.25
N ALA D 29 16.49 -32.77 -44.01
CA ALA D 29 16.63 -31.41 -43.46
C ALA D 29 15.61 -31.14 -42.33
N LEU D 30 14.37 -31.57 -42.59
CA LEU D 30 13.29 -31.42 -41.65
C LEU D 30 13.57 -32.26 -40.45
N ILE D 31 14.02 -33.50 -40.66
CA ILE D 31 14.44 -34.36 -39.56
C ILE D 31 15.54 -33.75 -38.74
N HIS D 32 16.58 -33.25 -39.39
CA HIS D 32 17.70 -32.67 -38.63
C HIS D 32 17.29 -31.39 -37.87
N LEU D 33 16.35 -30.64 -38.45
CA LEU D 33 15.87 -29.40 -37.85
C LEU D 33 14.99 -29.69 -36.63
N ALA D 34 14.05 -30.63 -36.78
CA ALA D 34 13.20 -31.08 -35.68
C ALA D 34 14.01 -31.61 -34.50
N SER D 35 15.14 -32.23 -34.76
CA SER D 35 16.00 -32.70 -33.68
C SER D 35 16.58 -31.53 -32.93
N ALA D 36 17.07 -30.51 -33.64
CA ALA D 36 17.53 -29.30 -32.99
C ALA D 36 16.41 -28.53 -32.21
N MET D 37 15.15 -28.67 -32.64
CA MET D 37 14.03 -28.11 -31.92
C MET D 37 13.91 -28.80 -30.57
N GLN D 38 13.99 -30.13 -30.58
CA GLN D 38 13.91 -30.94 -29.36
C GLN D 38 15.08 -30.64 -28.42
N ARG D 39 16.31 -30.57 -28.93
CA ARG D 39 17.47 -30.29 -28.10
C ARG D 39 17.27 -29.01 -27.30
N LYS D 40 16.59 -28.05 -27.95
CA LYS D 40 16.39 -26.74 -27.39
C LYS D 40 15.20 -26.63 -26.45
N ILE D 41 14.09 -27.30 -26.79
CA ILE D 41 12.93 -27.25 -25.93
C ILE D 41 13.24 -28.09 -24.68
N ASP D 42 13.80 -29.29 -24.84
CA ASP D 42 14.08 -30.18 -23.68
C ASP D 42 15.22 -29.70 -22.76
N ALA D 43 16.01 -28.72 -23.21
CA ALA D 43 16.90 -27.94 -22.36
C ALA D 43 16.22 -26.78 -21.62
N GLY D 44 14.90 -26.64 -21.75
CA GLY D 44 14.17 -25.47 -21.24
C GLY D 44 14.33 -24.13 -21.95
N GLU D 45 15.16 -24.06 -23.02
CA GLU D 45 15.48 -22.77 -23.70
C GLU D 45 14.09 -22.36 -24.46
N VAL D 46 13.78 -21.07 -24.48
CA VAL D 46 12.54 -20.49 -25.10
C VAL D 46 12.81 -20.01 -26.54
N LEU D 47 11.82 -20.11 -27.42
CA LEU D 47 11.93 -19.62 -28.79
C LEU D 47 10.93 -18.47 -29.10
N ASN D 48 11.47 -17.43 -29.75
CA ASN D 48 10.70 -16.28 -30.23
C ASN D 48 10.78 -16.17 -31.74
N LEU D 49 11.05 -17.26 -32.42
CA LEU D 49 11.19 -17.27 -33.86
C LEU D 49 9.98 -16.84 -34.72
N LEU D 50 8.79 -16.96 -34.20
CA LEU D 50 7.60 -16.52 -34.92
C LEU D 50 6.80 -15.59 -34.05
N GLN D 51 7.46 -14.92 -33.11
CA GLN D 51 6.78 -13.92 -32.32
C GLN D 51 5.97 -12.96 -33.21
N GLY D 52 4.72 -12.76 -32.84
CA GLY D 52 3.81 -11.92 -33.60
C GLY D 52 3.30 -12.52 -34.87
N ARG D 53 3.40 -13.83 -35.03
CA ARG D 53 2.84 -14.50 -36.20
C ARG D 53 1.67 -15.34 -35.80
N ILE D 54 0.74 -15.46 -36.72
CA ILE D 54 -0.53 -16.04 -36.40
C ILE D 54 -0.81 -17.27 -37.27
N MET D 55 -1.06 -18.38 -36.58
CA MET D 55 -1.66 -19.53 -37.18
C MET D 55 -3.14 -19.49 -36.95
N THR D 56 -3.92 -19.73 -38.00
CA THR D 56 -5.36 -19.88 -37.83
C THR D 56 -5.79 -21.22 -38.33
N PRO D 57 -6.27 -22.07 -37.42
CA PRO D 57 -6.88 -23.29 -37.93
C PRO D 57 -8.29 -23.05 -38.45
N LEU D 58 -8.57 -23.67 -39.61
CA LEU D 58 -9.88 -23.77 -40.25
C LEU D 58 -10.27 -25.25 -40.43
N PHE D 59 -10.90 -25.83 -39.39
CA PHE D 59 -11.20 -27.25 -39.33
C PHE D 59 -12.69 -27.48 -39.54
N PHE D 60 -13.05 -28.27 -40.54
CA PHE D 60 -14.45 -28.71 -40.73
C PHE D 60 -14.76 -30.02 -39.95
N GLU D 61 -13.79 -30.93 -39.87
CA GLU D 61 -13.84 -32.08 -38.93
C GLU D 61 -13.22 -31.68 -37.60
N ASP D 62 -13.95 -31.92 -36.51
CA ASP D 62 -13.43 -31.66 -35.18
C ASP D 62 -12.30 -32.65 -34.85
N SER D 63 -11.06 -32.17 -34.76
CA SER D 63 -9.96 -33.01 -34.31
C SER D 63 -9.02 -32.27 -33.38
N SER D 64 -9.27 -32.39 -32.09
CA SER D 64 -8.48 -31.72 -31.07
C SER D 64 -7.06 -32.27 -30.96
N ARG D 65 -6.84 -33.52 -31.37
CA ARG D 65 -5.48 -34.09 -31.31
C ARG D 65 -4.59 -33.35 -32.28
N THR D 66 -5.10 -33.18 -33.51
CA THR D 66 -4.35 -32.55 -34.60
C THR D 66 -4.21 -31.02 -34.41
N PHE D 67 -5.32 -30.39 -34.03
CA PHE D 67 -5.39 -28.96 -33.68
C PHE D 67 -4.31 -28.53 -32.69
N SER D 68 -4.25 -29.26 -31.59
CA SER D 68 -3.42 -28.90 -30.46
C SER D 68 -1.94 -29.22 -30.65
N SER D 69 -1.66 -30.21 -31.51
CA SER D 69 -0.30 -30.53 -31.91
C SER D 69 0.22 -29.33 -32.69
N PHE D 70 -0.64 -28.79 -33.56
CA PHE D 70 -0.33 -27.59 -34.36
C PHE D 70 -0.21 -26.33 -33.48
N CYS D 71 -1.05 -26.23 -32.46
CA CYS D 71 -1.02 -25.06 -31.58
C CYS D 71 0.20 -25.11 -30.71
N ALA D 72 0.55 -26.27 -30.18
CA ALA D 72 1.71 -26.37 -29.28
C ALA D 72 2.94 -26.01 -30.06
N ALA D 73 3.00 -26.50 -31.29
CA ALA D 73 4.14 -26.27 -32.13
C ALA D 73 4.29 -24.79 -32.44
N MET D 74 3.19 -24.16 -32.87
CA MET D 74 3.20 -22.71 -33.11
C MET D 74 3.52 -21.93 -31.84
N ILE D 75 3.00 -22.35 -30.70
CA ILE D 75 3.31 -21.68 -29.43
C ILE D 75 4.75 -21.87 -28.98
N ARG D 76 5.33 -23.04 -29.14
CA ARG D 76 6.73 -23.23 -28.75
C ARG D 76 7.71 -22.55 -29.67
N LEU D 77 7.25 -22.18 -30.87
CA LEU D 77 8.04 -21.32 -31.76
C LEU D 77 7.94 -19.82 -31.43
N GLY D 78 7.16 -19.44 -30.39
CA GLY D 78 6.94 -18.02 -30.04
C GLY D 78 5.74 -17.37 -30.70
N GLY D 79 5.11 -18.06 -31.66
CA GLY D 79 3.97 -17.56 -32.37
C GLY D 79 2.69 -17.78 -31.62
N SER D 80 1.57 -17.52 -32.31
CA SER D 80 0.25 -17.45 -31.67
C SER D 80 -0.85 -18.02 -32.53
N VAL D 81 -1.99 -18.22 -31.90
CA VAL D 81 -3.12 -18.87 -32.52
C VAL D 81 -4.46 -18.15 -32.33
N VAL D 82 -5.25 -18.14 -33.39
CA VAL D 82 -6.61 -17.62 -33.39
C VAL D 82 -7.54 -18.73 -33.85
N ASN D 83 -8.33 -19.29 -32.93
CA ASN D 83 -9.39 -20.27 -33.28
C ASN D 83 -10.47 -19.61 -34.17
N PHE D 84 -10.81 -20.20 -35.32
CA PHE D 84 -11.99 -19.78 -36.15
C PHE D 84 -12.91 -20.99 -36.29
N LYS D 85 -13.92 -21.13 -35.42
CA LYS D 85 -14.92 -22.21 -35.56
C LYS D 85 -15.85 -21.92 -36.73
N VAL D 86 -16.17 -22.95 -37.51
CA VAL D 86 -17.11 -22.82 -38.64
C VAL D 86 -18.53 -23.14 -38.19
N GLY D 94 -24.32 -21.81 -44.67
CA GLY D 94 -23.57 -21.82 -45.93
C GLY D 94 -22.93 -20.48 -46.23
N GLU D 95 -21.92 -20.10 -45.43
CA GLU D 95 -21.01 -19.00 -45.79
C GLU D 95 -19.99 -19.63 -46.74
N THR D 96 -19.89 -19.12 -47.96
CA THR D 96 -19.00 -19.68 -49.00
C THR D 96 -17.58 -19.99 -48.52
N LEU D 97 -16.88 -20.89 -49.20
CA LEU D 97 -15.53 -21.30 -48.76
C LEU D 97 -14.50 -20.23 -49.07
N ALA D 98 -14.44 -19.81 -50.33
CA ALA D 98 -13.50 -18.77 -50.77
C ALA D 98 -13.50 -17.58 -49.83
N ASP D 99 -14.69 -17.08 -49.47
CA ASP D 99 -14.83 -15.96 -48.50
C ASP D 99 -14.31 -16.28 -47.13
N THR D 100 -14.54 -17.50 -46.66
CA THR D 100 -13.94 -17.94 -45.40
C THR D 100 -12.41 -17.94 -45.46
N ILE D 101 -11.85 -18.31 -46.62
CA ILE D 101 -10.41 -18.28 -46.86
C ILE D 101 -9.95 -16.84 -46.86
N ARG D 102 -10.60 -16.00 -47.66
CA ARG D 102 -10.23 -14.58 -47.78
C ARG D 102 -10.28 -13.87 -46.43
N THR D 103 -11.22 -14.28 -45.58
CA THR D 103 -11.35 -13.76 -44.22
C THR D 103 -10.15 -14.08 -43.35
N LEU D 104 -9.75 -15.35 -43.35
CA LEU D 104 -8.56 -15.80 -42.64
C LEU D 104 -7.29 -15.14 -43.17
N ASP D 105 -7.19 -15.02 -44.49
CA ASP D 105 -6.11 -14.26 -45.11
C ASP D 105 -5.96 -12.85 -44.59
N SER D 106 -7.07 -12.21 -44.30
CA SER D 106 -7.06 -10.83 -43.84
C SER D 106 -6.13 -10.67 -42.64
N TYR D 107 -6.20 -11.56 -41.66
CA TYR D 107 -5.43 -11.39 -40.44
C TYR D 107 -4.30 -12.41 -40.14
N SER D 108 -4.07 -13.38 -41.03
CA SER D 108 -3.17 -14.52 -40.72
C SER D 108 -1.88 -14.60 -41.52
N ASP D 109 -0.97 -15.44 -41.00
CA ASP D 109 0.32 -15.81 -41.61
C ASP D 109 0.35 -17.25 -42.16
N VAL D 110 -0.32 -18.17 -41.48
CA VAL D 110 -0.47 -19.54 -41.97
C VAL D 110 -1.90 -20.00 -41.69
N LEU D 111 -2.46 -20.82 -42.59
CA LEU D 111 -3.74 -21.49 -42.37
C LEU D 111 -3.53 -22.99 -42.26
N VAL D 112 -4.25 -23.65 -41.35
CA VAL D 112 -4.14 -25.09 -41.17
C VAL D 112 -5.52 -25.63 -41.45
N MET D 113 -5.66 -26.30 -42.59
CA MET D 113 -6.98 -26.67 -43.12
C MET D 113 -7.24 -28.17 -42.94
N ARG D 114 -8.47 -28.49 -42.55
CA ARG D 114 -8.97 -29.88 -42.54
C ARG D 114 -10.38 -29.91 -43.11
N HIS D 115 -10.62 -30.80 -44.07
CA HIS D 115 -11.89 -30.82 -44.82
C HIS D 115 -12.35 -32.26 -45.14
N PRO D 116 -13.66 -32.57 -45.02
CA PRO D 116 -14.12 -33.90 -45.38
C PRO D 116 -14.23 -34.14 -46.90
N ARG D 117 -14.37 -33.08 -47.69
CA ARG D 117 -14.26 -33.19 -49.14
C ARG D 117 -12.80 -33.14 -49.56
N GLN D 118 -12.37 -34.15 -50.30
CA GLN D 118 -11.00 -34.29 -50.76
C GLN D 118 -10.46 -33.09 -51.52
N ASP D 119 -11.17 -32.61 -52.55
CA ASP D 119 -10.57 -31.63 -53.47
C ASP D 119 -10.78 -30.15 -53.10
N ALA D 120 -11.25 -29.90 -51.88
CA ALA D 120 -11.29 -28.56 -51.30
C ALA D 120 -9.92 -27.90 -51.04
N ILE D 121 -8.85 -28.68 -50.91
CA ILE D 121 -7.51 -28.09 -50.80
C ILE D 121 -7.17 -27.35 -52.10
N GLU D 122 -7.60 -27.89 -53.24
CA GLU D 122 -7.38 -27.28 -54.53
C GLU D 122 -8.04 -25.89 -54.58
N GLU D 123 -9.30 -25.81 -54.15
CA GLU D 123 -10.04 -24.54 -54.05
C GLU D 123 -9.32 -23.46 -53.24
N ALA D 124 -9.06 -23.79 -51.98
CA ALA D 124 -8.37 -22.92 -51.01
C ALA D 124 -7.01 -22.41 -51.49
N LEU D 125 -6.28 -23.24 -52.21
CA LEU D 125 -5.03 -22.80 -52.84
C LEU D 125 -5.23 -21.83 -53.97
N SER D 126 -6.37 -21.91 -54.65
CA SER D 126 -6.64 -21.03 -55.81
C SER D 126 -6.83 -19.58 -55.38
N VAL D 127 -7.25 -19.35 -54.13
CA VAL D 127 -7.60 -18.02 -53.63
C VAL D 127 -6.67 -17.45 -52.55
N ALA D 128 -6.09 -18.29 -51.69
CA ALA D 128 -5.30 -17.81 -50.54
C ALA D 128 -3.98 -17.12 -50.90
N GLN D 129 -3.70 -15.98 -50.28
CA GLN D 129 -2.42 -15.25 -50.44
C GLN D 129 -1.31 -15.76 -49.52
N HIS D 130 -1.64 -16.68 -48.60
CA HIS D 130 -0.71 -17.18 -47.58
C HIS D 130 -0.67 -18.73 -47.59
N PRO D 131 0.41 -19.35 -47.06
CA PRO D 131 0.53 -20.82 -46.97
C PRO D 131 -0.64 -21.56 -46.32
N ILE D 132 -1.10 -22.62 -46.99
CA ILE D 132 -2.03 -23.56 -46.37
C ILE D 132 -1.28 -24.83 -45.98
N LEU D 133 -1.46 -25.27 -44.75
CA LEU D 133 -0.98 -26.56 -44.35
C LEU D 133 -2.16 -27.52 -44.33
N ASN D 134 -1.97 -28.68 -44.98
CA ASN D 134 -3.00 -29.68 -45.12
C ASN D 134 -2.95 -30.64 -43.95
N ALA D 135 -4.03 -30.62 -43.16
CA ALA D 135 -4.18 -31.43 -41.96
C ALA D 135 -5.17 -32.58 -42.20
N GLY D 136 -5.53 -32.80 -43.47
CA GLY D 136 -6.48 -33.83 -43.87
C GLY D 136 -7.44 -33.31 -44.90
N ASN D 137 -7.58 -34.04 -46.00
CA ASN D 137 -8.62 -33.73 -46.97
C ASN D 137 -9.45 -34.97 -47.33
N GLY D 138 -10.30 -35.39 -46.41
CA GLY D 138 -11.13 -36.57 -46.65
C GLY D 138 -10.27 -37.79 -46.86
N ALA D 139 -10.27 -38.34 -48.08
CA ALA D 139 -9.52 -39.57 -48.36
C ALA D 139 -8.22 -39.36 -49.14
N GLY D 140 -7.79 -38.11 -49.32
CA GLY D 140 -6.51 -37.80 -49.96
C GLY D 140 -5.35 -37.99 -48.99
N GLU D 141 -4.62 -36.92 -48.68
CA GLU D 141 -3.40 -37.01 -47.85
C GLU D 141 -3.50 -36.37 -46.46
N HIS D 142 -2.46 -36.63 -45.66
CA HIS D 142 -2.24 -36.01 -44.36
C HIS D 142 -0.71 -35.89 -44.25
N PRO D 143 -0.10 -35.01 -45.06
CA PRO D 143 1.35 -34.99 -45.23
C PRO D 143 2.17 -34.73 -43.97
N THR D 144 1.76 -33.75 -43.15
CA THR D 144 2.49 -33.47 -41.91
C THR D 144 2.57 -34.74 -41.09
N GLN D 145 1.49 -35.51 -41.03
CA GLN D 145 1.49 -36.83 -40.37
C GLN D 145 2.52 -37.80 -40.97
N ALA D 146 2.60 -37.89 -42.30
CA ALA D 146 3.59 -38.75 -42.95
C ALA D 146 5.02 -38.41 -42.58
N LEU D 147 5.29 -37.13 -42.46
CA LEU D 147 6.62 -36.63 -42.13
C LEU D 147 7.00 -36.88 -40.70
N LEU D 148 6.04 -36.78 -39.79
CA LEU D 148 6.32 -37.13 -38.41
C LEU D 148 6.40 -38.64 -38.21
N ASP D 149 5.74 -39.42 -39.08
CA ASP D 149 5.88 -40.89 -39.08
C ASP D 149 7.34 -41.28 -39.40
N THR D 150 7.92 -40.58 -40.37
CA THR D 150 9.27 -40.82 -40.82
C THR D 150 10.33 -40.33 -39.81
N LEU D 151 10.00 -39.30 -39.02
CA LEU D 151 10.88 -38.91 -37.91
C LEU D 151 10.81 -39.90 -36.77
N THR D 152 9.64 -40.45 -36.50
CA THR D 152 9.50 -41.49 -35.48
C THR D 152 10.40 -42.67 -35.84
N ILE D 153 10.20 -43.21 -37.04
CA ILE D 153 10.92 -44.38 -37.51
C ILE D 153 12.42 -44.17 -37.44
N HIS D 154 12.91 -43.11 -38.07
CA HIS D 154 14.35 -42.74 -38.07
C HIS D 154 14.96 -42.57 -36.70
N SER D 155 14.18 -42.10 -35.73
CA SER D 155 14.70 -41.88 -34.37
C SER D 155 14.67 -43.21 -33.63
N GLU D 156 13.59 -43.95 -33.75
CA GLU D 156 13.40 -45.17 -32.96
C GLU D 156 14.25 -46.35 -33.46
N LEU D 157 14.58 -46.37 -34.77
CA LEU D 157 15.38 -47.43 -35.41
C LEU D 157 16.56 -46.91 -36.28
N GLY D 158 16.99 -45.66 -36.14
CA GLY D 158 18.17 -45.17 -36.86
C GLY D 158 18.19 -45.18 -38.39
N SER D 159 17.15 -45.68 -39.06
CA SER D 159 17.23 -45.87 -40.52
C SER D 159 15.84 -46.14 -41.11
N VAL D 160 15.54 -45.50 -42.23
CA VAL D 160 14.32 -45.76 -43.03
C VAL D 160 14.65 -46.70 -44.21
N ASP D 161 15.76 -46.45 -44.90
CA ASP D 161 16.29 -47.37 -45.91
C ASP D 161 16.50 -48.73 -45.28
N GLY D 162 15.91 -49.75 -45.91
CA GLY D 162 15.98 -51.14 -45.46
C GLY D 162 14.73 -51.69 -44.78
N ILE D 163 13.88 -50.81 -44.23
CA ILE D 163 12.77 -51.28 -43.40
C ILE D 163 11.69 -52.03 -44.18
N THR D 164 10.98 -52.89 -43.46
CA THR D 164 9.84 -53.62 -43.99
C THR D 164 8.70 -53.23 -43.09
N ILE D 165 7.71 -52.56 -43.68
CA ILE D 165 6.65 -51.89 -42.93
C ILE D 165 5.31 -52.48 -43.32
N ALA D 166 4.46 -52.70 -42.33
CA ALA D 166 3.07 -53.08 -42.54
C ALA D 166 2.15 -51.90 -42.27
N LEU D 167 1.22 -51.69 -43.21
CA LEU D 167 0.16 -50.69 -43.10
C LEU D 167 -1.10 -51.48 -42.90
N ILE D 168 -1.88 -51.13 -41.87
CA ILE D 168 -2.91 -52.04 -41.35
C ILE D 168 -4.22 -51.30 -41.01
N GLY D 169 -5.36 -51.92 -41.32
CA GLY D 169 -6.69 -51.33 -41.07
C GLY D 169 -7.31 -50.70 -42.32
N ASP D 170 -8.17 -49.70 -42.16
CA ASP D 170 -8.84 -49.07 -43.32
C ASP D 170 -7.85 -48.31 -44.19
N LEU D 171 -7.32 -49.01 -45.18
CA LEU D 171 -6.36 -48.42 -46.09
C LEU D 171 -7.01 -47.61 -47.21
N LYS D 172 -8.26 -47.94 -47.56
CA LYS D 172 -9.03 -47.23 -48.61
C LYS D 172 -9.30 -45.75 -48.28
N MET D 173 -9.57 -45.49 -47.00
CA MET D 173 -9.99 -44.18 -46.53
C MET D 173 -8.96 -43.44 -45.67
N GLY D 174 -8.03 -44.17 -45.02
CA GLY D 174 -7.08 -43.54 -44.11
C GLY D 174 -6.11 -42.65 -44.86
N ARG D 175 -6.23 -41.34 -44.68
CA ARG D 175 -5.38 -40.39 -45.44
C ARG D 175 -3.93 -40.38 -44.94
N THR D 176 -3.74 -40.80 -43.68
CA THR D 176 -2.41 -41.06 -43.10
C THR D 176 -1.50 -42.02 -43.88
N VAL D 177 -2.05 -43.17 -44.27
CA VAL D 177 -1.30 -44.26 -44.91
C VAL D 177 -1.06 -44.03 -46.39
N HIS D 178 -2.01 -43.36 -47.05
CA HIS D 178 -1.85 -42.98 -48.46
C HIS D 178 -0.56 -42.18 -48.59
N SER D 179 -0.46 -41.16 -47.74
CA SER D 179 0.61 -40.18 -47.78
C SER D 179 1.91 -40.76 -47.23
N LEU D 180 1.82 -41.61 -46.20
CA LEU D 180 2.98 -42.35 -45.70
C LEU D 180 3.61 -43.25 -46.77
N LEU D 181 2.76 -43.98 -47.49
CA LEU D 181 3.19 -44.84 -48.59
C LEU D 181 3.86 -44.06 -49.72
N LYS D 182 3.28 -42.92 -50.10
CA LYS D 182 3.87 -42.07 -51.15
C LYS D 182 5.23 -41.53 -50.77
N LEU D 183 5.38 -41.17 -49.51
CA LEU D 183 6.55 -40.46 -49.03
C LEU D 183 7.77 -41.36 -48.97
N LEU D 184 7.56 -42.58 -48.46
CA LEU D 184 8.61 -43.56 -48.24
C LEU D 184 9.15 -44.15 -49.54
N VAL D 185 8.25 -44.73 -50.32
CA VAL D 185 8.57 -45.25 -51.65
C VAL D 185 9.32 -44.27 -52.58
N ARG D 186 9.00 -42.98 -52.52
CA ARG D 186 9.54 -42.00 -53.47
C ARG D 186 10.94 -41.56 -53.12
N ASN D 187 11.28 -41.54 -51.84
CA ASN D 187 12.59 -41.04 -51.38
C ASN D 187 13.50 -42.00 -50.62
N PHE D 188 12.97 -43.19 -50.27
CA PHE D 188 13.69 -44.21 -49.49
C PHE D 188 13.62 -45.60 -50.16
N SER D 189 14.72 -46.35 -50.04
CA SER D 189 14.83 -47.75 -50.50
C SER D 189 14.20 -48.69 -49.47
N ILE D 190 12.92 -48.98 -49.65
CA ILE D 190 12.18 -49.82 -48.73
C ILE D 190 12.35 -51.25 -49.21
N LYS D 191 12.24 -52.19 -48.27
CA LYS D 191 12.42 -53.61 -48.56
C LYS D 191 11.07 -54.19 -48.97
N CYS D 192 10.08 -54.07 -48.10
CA CYS D 192 8.75 -54.64 -48.32
C CYS D 192 7.66 -53.83 -47.63
N VAL D 193 6.48 -53.79 -48.24
CA VAL D 193 5.28 -53.21 -47.63
C VAL D 193 4.14 -54.23 -47.63
N PHE D 194 3.67 -54.63 -46.44
CA PHE D 194 2.48 -55.49 -46.28
C PHE D 194 1.19 -54.68 -46.21
N LEU D 195 0.31 -54.79 -47.20
CA LEU D 195 -1.00 -54.13 -47.14
C LEU D 195 -2.04 -55.02 -46.47
N VAL D 196 -2.24 -54.81 -45.17
CA VAL D 196 -3.03 -55.71 -44.35
C VAL D 196 -4.44 -55.15 -44.10
N ALA D 197 -5.44 -55.68 -44.79
CA ALA D 197 -6.81 -55.20 -44.67
C ALA D 197 -7.76 -56.09 -45.46
N PRO D 198 -9.06 -56.15 -45.06
CA PRO D 198 -10.08 -56.69 -45.94
C PRO D 198 -10.01 -56.07 -47.34
N ASP D 199 -10.55 -56.78 -48.32
CA ASP D 199 -10.46 -56.31 -49.72
C ASP D 199 -11.38 -55.13 -49.99
N ALA D 200 -12.46 -55.03 -49.20
CA ALA D 200 -13.30 -53.83 -49.12
C ALA D 200 -12.53 -52.58 -48.67
N LEU D 201 -11.56 -52.78 -47.76
CA LEU D 201 -10.74 -51.69 -47.22
C LEU D 201 -9.31 -51.67 -47.78
N GLN D 202 -9.11 -52.20 -48.98
CA GLN D 202 -7.75 -52.28 -49.53
C GLN D 202 -7.22 -50.93 -50.06
N MET D 203 -5.89 -50.82 -50.09
CA MET D 203 -5.19 -49.65 -50.61
C MET D 203 -5.61 -49.42 -52.05
N PRO D 204 -6.26 -48.28 -52.34
CA PRO D 204 -6.77 -48.06 -53.68
C PRO D 204 -5.70 -48.13 -54.74
N GLN D 205 -6.13 -48.50 -55.94
CA GLN D 205 -5.32 -48.40 -57.13
C GLN D 205 -4.69 -47.02 -57.33
N ASP D 206 -5.42 -45.94 -57.03
CA ASP D 206 -4.94 -44.56 -57.35
C ASP D 206 -3.73 -44.08 -56.52
N VAL D 207 -3.50 -44.67 -55.36
CA VAL D 207 -2.24 -44.51 -54.63
C VAL D 207 -1.15 -45.35 -55.29
N LEU D 208 -1.44 -46.63 -55.51
CA LEU D 208 -0.45 -47.58 -56.01
C LEU D 208 -0.03 -47.28 -57.45
N GLU D 209 -1.01 -47.08 -58.33
CA GLU D 209 -0.77 -47.00 -59.77
C GLU D 209 0.41 -46.09 -60.14
N PRO D 210 0.37 -44.79 -59.76
CA PRO D 210 1.47 -43.90 -60.19
C PRO D 210 2.78 -44.04 -59.41
N LEU D 211 2.80 -44.89 -58.38
CA LEU D 211 4.05 -45.26 -57.71
C LEU D 211 4.89 -46.35 -58.44
N GLN D 212 4.28 -47.07 -59.40
CA GLN D 212 4.88 -48.25 -60.06
C GLN D 212 6.27 -48.05 -60.66
N HIS D 213 6.57 -46.89 -61.22
CA HIS D 213 7.95 -46.60 -61.67
C HIS D 213 8.95 -46.83 -60.52
N GLU D 214 8.62 -46.30 -59.33
CA GLU D 214 9.48 -46.38 -58.14
C GLU D 214 9.49 -47.74 -57.46
N ILE D 215 8.36 -48.42 -57.42
CA ILE D 215 8.28 -49.77 -56.79
C ILE D 215 9.05 -50.80 -57.62
N ALA D 216 9.09 -50.61 -58.93
CA ALA D 216 10.01 -51.33 -59.81
C ALA D 216 11.49 -50.96 -59.56
N THR D 217 11.88 -49.71 -59.90
CA THR D 217 13.28 -49.23 -59.79
C THR D 217 13.94 -49.63 -58.47
N LYS D 218 13.28 -49.31 -57.36
CA LYS D 218 13.86 -49.55 -56.03
C LYS D 218 13.78 -51.02 -55.63
N GLY D 219 12.81 -51.75 -56.17
CA GLY D 219 12.64 -53.17 -55.87
C GLY D 219 11.91 -53.39 -54.57
N VAL D 220 10.85 -52.63 -54.33
CA VAL D 220 10.10 -52.73 -53.10
C VAL D 220 9.12 -53.86 -53.35
N ILE D 221 9.08 -54.80 -52.40
CA ILE D 221 8.11 -55.88 -52.44
C ILE D 221 6.81 -55.28 -51.92
N ILE D 222 5.67 -55.77 -52.43
CA ILE D 222 4.35 -55.26 -52.07
C ILE D 222 3.36 -56.42 -51.91
N HIS D 223 3.23 -56.96 -50.70
CA HIS D 223 2.23 -58.00 -50.42
C HIS D 223 0.85 -57.39 -50.17
N ARG D 224 -0.18 -58.22 -50.15
CA ARG D 224 -1.59 -57.76 -50.00
C ARG D 224 -2.39 -58.77 -49.18
N THR D 225 -1.91 -59.02 -47.97
CA THR D 225 -2.48 -60.06 -47.13
C THR D 225 -3.80 -59.57 -46.49
N HIS D 226 -4.80 -60.47 -46.42
CA HIS D 226 -6.18 -60.09 -46.02
C HIS D 226 -6.32 -59.97 -44.49
N ALA D 227 -5.37 -60.52 -43.73
CA ALA D 227 -5.31 -60.39 -42.27
C ALA D 227 -3.86 -60.50 -41.76
N LEU D 228 -3.67 -60.27 -40.45
CA LEU D 228 -2.34 -60.06 -39.88
C LEU D 228 -1.63 -61.39 -39.62
N THR D 229 -0.84 -61.84 -40.61
CA THR D 229 -0.31 -63.22 -40.61
C THR D 229 0.89 -63.34 -39.69
N ASP D 230 1.30 -64.58 -39.47
CA ASP D 230 2.50 -64.86 -38.70
C ASP D 230 3.76 -64.43 -39.44
N GLU D 231 3.70 -64.37 -40.78
CA GLU D 231 4.80 -63.84 -41.59
C GLU D 231 5.07 -62.34 -41.31
N VAL D 232 3.98 -61.58 -41.26
CA VAL D 232 4.02 -60.11 -41.11
C VAL D 232 4.68 -59.75 -39.79
N MET D 233 4.10 -60.25 -38.70
CA MET D 233 4.61 -59.99 -37.35
C MET D 233 6.11 -60.21 -37.25
N GLN D 234 6.57 -61.36 -37.78
CA GLN D 234 7.98 -61.79 -37.69
C GLN D 234 8.95 -61.00 -38.59
N LYS D 235 8.47 -60.55 -39.75
CA LYS D 235 9.33 -59.88 -40.76
C LYS D 235 9.44 -58.34 -40.63
N SER D 236 8.41 -57.71 -40.05
CA SER D 236 8.23 -56.26 -40.10
C SER D 236 9.01 -55.50 -39.01
N ASP D 237 9.79 -54.50 -39.44
CA ASP D 237 10.43 -53.53 -38.52
C ASP D 237 9.45 -52.46 -38.03
N VAL D 238 8.31 -52.29 -38.70
CA VAL D 238 7.33 -51.26 -38.38
C VAL D 238 5.91 -51.76 -38.60
N LEU D 239 5.07 -51.63 -37.59
CA LEU D 239 3.65 -51.95 -37.69
C LEU D 239 2.89 -50.65 -37.49
N TYR D 240 2.58 -50.01 -38.61
CA TYR D 240 1.69 -48.85 -38.63
C TYR D 240 0.26 -49.38 -38.75
N THR D 241 -0.59 -49.08 -37.76
CA THR D 241 -2.00 -49.52 -37.77
C THR D 241 -2.98 -48.33 -37.73
N THR D 242 -4.15 -48.53 -38.36
CA THR D 242 -5.26 -47.57 -38.39
C THR D 242 -6.46 -48.28 -37.78
N ARG D 243 -7.54 -47.54 -37.57
CA ARG D 243 -8.84 -48.12 -37.24
C ARG D 243 -9.51 -48.70 -38.48
N LEU D 244 -10.50 -49.57 -38.26
CA LEU D 244 -11.56 -49.83 -39.26
C LEU D 244 -12.70 -48.85 -38.95
N GLN D 245 -12.92 -47.90 -39.85
CA GLN D 245 -13.60 -46.64 -39.51
C GLN D 245 -15.12 -46.79 -39.43
N ILE D 269 -7.21 -59.26 -37.35
CA ILE D 269 -6.25 -58.15 -37.47
C ILE D 269 -5.86 -57.45 -36.16
N THR D 270 -6.67 -57.61 -35.11
CA THR D 270 -6.35 -57.11 -33.76
C THR D 270 -4.89 -57.39 -33.34
N ILE D 271 -4.35 -56.54 -32.47
CA ILE D 271 -2.98 -56.69 -31.98
C ILE D 271 -3.04 -56.63 -30.49
N ASP D 272 -2.45 -57.61 -29.83
CA ASP D 272 -2.39 -57.66 -28.38
C ASP D 272 -0.99 -58.09 -27.91
N ALA D 273 -0.78 -58.16 -26.59
CA ALA D 273 0.48 -58.69 -26.03
C ALA D 273 0.70 -60.15 -26.41
N ALA D 274 -0.40 -60.90 -26.59
CA ALA D 274 -0.37 -62.27 -27.13
C ALA D 274 0.39 -62.33 -28.45
N ARG D 275 -0.08 -61.57 -29.42
CA ARG D 275 0.54 -61.54 -30.74
C ARG D 275 1.92 -60.87 -30.77
N MET D 276 2.23 -60.00 -29.81
CA MET D 276 3.52 -59.28 -29.78
C MET D 276 4.70 -60.12 -29.26
N ARG D 277 4.47 -61.39 -28.92
CA ARG D 277 5.56 -62.37 -28.82
C ARG D 277 6.02 -62.80 -30.22
N LEU D 278 5.10 -62.85 -31.18
CA LEU D 278 5.45 -63.19 -32.57
C LEU D 278 6.43 -62.23 -33.28
N ALA D 279 6.63 -61.03 -32.73
CA ALA D 279 7.43 -59.98 -33.37
C ALA D 279 8.90 -59.87 -32.90
N LYS D 280 9.67 -59.16 -33.71
CA LYS D 280 11.11 -59.00 -33.55
C LYS D 280 11.45 -58.18 -32.27
N GLU D 281 12.74 -58.11 -31.95
CA GLU D 281 13.19 -57.41 -30.75
C GLU D 281 13.42 -55.93 -31.06
N LYS D 282 13.93 -55.64 -32.25
CA LYS D 282 14.11 -54.27 -32.74
C LYS D 282 13.07 -53.92 -33.79
N MET D 283 11.88 -53.56 -33.32
CA MET D 283 10.83 -52.99 -34.18
C MET D 283 9.99 -51.97 -33.37
N ILE D 284 8.99 -51.35 -34.01
CA ILE D 284 8.03 -50.45 -33.34
C ILE D 284 6.61 -50.61 -33.86
N VAL D 285 5.64 -50.39 -32.97
CA VAL D 285 4.21 -50.33 -33.32
C VAL D 285 3.79 -48.86 -33.31
N MET D 286 3.03 -48.46 -34.33
CA MET D 286 2.61 -47.06 -34.55
C MET D 286 1.11 -47.00 -34.82
N HIS D 287 0.53 -45.86 -34.47
CA HIS D 287 -0.88 -45.58 -34.68
C HIS D 287 -1.03 -44.03 -34.61
N PRO D 288 -1.54 -43.38 -35.70
CA PRO D 288 -1.76 -41.93 -35.61
C PRO D 288 -2.79 -41.50 -34.55
N LEU D 289 -3.63 -42.43 -34.11
CA LEU D 289 -4.62 -42.26 -33.05
C LEU D 289 -5.86 -41.50 -33.60
N PRO D 290 -7.03 -41.57 -32.93
CA PRO D 290 -7.31 -42.49 -31.81
C PRO D 290 -7.47 -43.93 -32.26
N ARG D 291 -7.61 -44.83 -31.29
CA ARG D 291 -7.63 -46.27 -31.51
C ARG D 291 -8.85 -46.88 -30.87
N ASN D 292 -9.29 -48.02 -31.41
CA ASN D 292 -10.27 -48.92 -30.78
C ASN D 292 -9.57 -50.14 -30.15
N ASP D 293 -10.35 -51.19 -29.90
CA ASP D 293 -9.90 -52.60 -29.77
C ASP D 293 -8.73 -53.09 -30.66
N GLU D 294 -8.53 -52.51 -31.85
CA GLU D 294 -7.49 -53.00 -32.82
C GLU D 294 -6.04 -52.78 -32.42
N LEU D 295 -5.82 -52.14 -31.26
CA LEU D 295 -4.50 -52.08 -30.63
C LEU D 295 -4.77 -52.14 -29.12
N SER D 296 -4.63 -53.33 -28.54
CA SER D 296 -5.06 -53.58 -27.17
C SER D 296 -4.17 -52.82 -26.19
N THR D 297 -4.77 -52.32 -25.11
CA THR D 297 -4.02 -51.54 -24.12
C THR D 297 -3.01 -52.42 -23.37
N THR D 298 -3.08 -53.73 -23.57
CA THR D 298 -2.03 -54.65 -23.13
C THR D 298 -0.68 -54.35 -23.77
N VAL D 299 -0.70 -53.87 -25.02
CA VAL D 299 0.52 -53.60 -25.79
C VAL D 299 1.26 -52.36 -25.30
N ASP D 300 0.57 -51.46 -24.60
CA ASP D 300 1.11 -50.17 -24.16
C ASP D 300 2.39 -50.30 -23.35
N ALA D 301 2.43 -51.25 -22.41
CA ALA D 301 3.60 -51.44 -21.53
C ALA D 301 4.89 -51.87 -22.24
N ASP D 302 4.75 -52.35 -23.48
CA ASP D 302 5.87 -52.78 -24.32
C ASP D 302 6.79 -51.61 -24.70
N PRO D 303 8.12 -51.77 -24.49
CA PRO D 303 9.07 -50.72 -24.97
C PRO D 303 8.92 -50.33 -26.45
N ARG D 304 8.38 -51.21 -27.28
CA ARG D 304 8.21 -51.00 -28.71
C ARG D 304 6.82 -50.46 -29.13
N ALA D 305 5.96 -50.14 -28.15
CA ALA D 305 4.76 -49.32 -28.40
C ALA D 305 5.25 -47.86 -28.54
N ALA D 306 5.40 -47.41 -29.78
CA ALA D 306 5.88 -46.04 -30.08
C ALA D 306 4.78 -45.00 -30.28
N TYR D 307 3.53 -45.45 -30.39
CA TYR D 307 2.38 -44.58 -30.73
C TYR D 307 2.14 -43.34 -29.81
N PHE D 308 2.65 -43.40 -28.59
CA PHE D 308 2.69 -42.22 -27.69
C PHE D 308 3.93 -41.31 -27.89
N ARG D 309 5.11 -41.88 -28.04
CA ARG D 309 6.32 -41.09 -28.37
C ARG D 309 6.14 -40.37 -29.72
N GLN D 310 5.54 -41.08 -30.67
CA GLN D 310 5.05 -40.57 -31.97
C GLN D 310 4.53 -39.13 -31.90
N MET D 311 3.63 -38.89 -30.94
CA MET D 311 2.92 -37.62 -30.80
C MET D 311 3.86 -36.44 -30.53
N ARG D 312 4.82 -36.67 -29.62
CA ARG D 312 5.87 -35.72 -29.30
C ARG D 312 6.83 -35.52 -30.46
N TYR D 313 7.21 -36.57 -31.15
CA TYR D 313 7.96 -36.37 -32.40
C TYR D 313 7.20 -35.47 -33.35
N GLY D 314 5.89 -35.70 -33.48
CA GLY D 314 4.98 -34.85 -34.30
C GLY D 314 4.96 -33.37 -33.97
N MET D 315 5.03 -33.07 -32.67
CA MET D 315 5.18 -31.71 -32.20
C MET D 315 6.46 -31.13 -32.80
N PHE D 316 7.62 -31.75 -32.60
CA PHE D 316 8.86 -31.17 -33.15
C PHE D 316 8.86 -31.12 -34.68
N MET D 317 8.25 -32.08 -35.36
CA MET D 317 8.21 -32.06 -36.83
C MET D 317 7.37 -30.89 -37.32
N ARG D 318 6.32 -30.57 -36.59
CA ARG D 318 5.53 -29.41 -36.92
C ARG D 318 6.21 -28.08 -36.62
N MET D 319 7.06 -28.06 -35.59
CA MET D 319 7.83 -26.87 -35.28
C MET D 319 8.76 -26.60 -36.45
N ALA D 320 9.50 -27.64 -36.86
CA ALA D 320 10.35 -27.56 -38.05
C ALA D 320 9.59 -27.20 -39.32
N ILE D 321 8.45 -27.84 -39.56
CA ILE D 321 7.64 -27.49 -40.73
C ILE D 321 7.23 -26.01 -40.74
N LEU D 322 6.54 -25.58 -39.70
CA LEU D 322 6.07 -24.19 -39.58
C LEU D 322 7.18 -23.13 -39.73
N TRP D 323 8.30 -23.31 -39.04
CA TRP D 323 9.39 -22.34 -39.06
C TRP D 323 9.99 -22.25 -40.45
N SER D 324 10.19 -23.40 -41.07
CA SER D 324 10.62 -23.48 -42.44
C SER D 324 9.69 -22.72 -43.38
N VAL D 325 8.40 -22.91 -43.22
CA VAL D 325 7.46 -22.20 -44.09
C VAL D 325 7.44 -20.69 -43.86
N LEU D 326 7.56 -20.25 -42.61
CA LEU D 326 7.36 -18.85 -42.25
C LEU D 326 8.62 -18.02 -42.12
N ALA D 327 9.79 -18.65 -42.21
CA ALA D 327 11.03 -17.92 -42.09
C ALA D 327 11.17 -16.93 -43.24
N GLU E 4 11.05 -10.41 -4.30
CA GLU E 4 11.16 -11.69 -5.07
C GLU E 4 9.84 -12.45 -5.00
N LEU E 5 9.70 -13.42 -5.89
CA LEU E 5 8.56 -14.33 -5.93
C LEU E 5 9.03 -15.78 -5.73
N PRO E 6 9.48 -16.12 -4.51
CA PRO E 6 10.03 -17.45 -4.34
C PRO E 6 8.93 -18.50 -4.43
N PRO E 7 9.15 -19.53 -5.28
CA PRO E 7 8.17 -20.61 -5.31
C PRO E 7 8.13 -21.39 -3.98
N VAL E 8 6.94 -21.90 -3.66
CA VAL E 8 6.73 -22.68 -2.47
C VAL E 8 7.26 -24.06 -2.81
N ALA E 9 8.52 -24.28 -2.44
CA ALA E 9 9.31 -25.47 -2.79
C ALA E 9 8.62 -26.83 -2.60
N SER E 10 7.86 -26.97 -1.53
CA SER E 10 7.05 -28.18 -1.26
C SER E 10 6.16 -28.68 -2.41
N LEU E 11 5.72 -27.79 -3.31
CA LEU E 11 4.84 -28.19 -4.46
C LEU E 11 5.57 -28.46 -5.80
N LYS E 12 6.90 -28.31 -5.81
CA LYS E 12 7.69 -28.43 -7.04
C LYS E 12 7.44 -29.80 -7.69
N GLY E 13 7.01 -29.78 -8.95
CA GLY E 13 6.63 -31.00 -9.68
C GLY E 13 5.37 -31.73 -9.25
N LYS E 14 4.72 -31.31 -8.16
CA LYS E 14 3.65 -32.10 -7.52
C LYS E 14 2.30 -31.95 -8.20
N SER E 15 1.59 -33.05 -8.41
CA SER E 15 0.19 -33.00 -8.80
C SER E 15 -0.65 -32.47 -7.63
N ILE E 16 -1.83 -31.95 -7.93
CA ILE E 16 -2.65 -31.26 -6.93
C ILE E 16 -4.08 -31.75 -7.04
N THR E 17 -4.41 -32.59 -6.04
CA THR E 17 -5.58 -33.46 -6.05
C THR E 17 -6.57 -33.24 -4.91
N SER E 18 -6.08 -32.85 -3.73
CA SER E 18 -6.90 -32.83 -2.52
C SER E 18 -6.36 -31.86 -1.50
N ALA E 19 -7.25 -31.31 -0.68
CA ALA E 19 -6.84 -30.43 0.41
C ALA E 19 -5.93 -31.10 1.45
N GLU E 20 -6.06 -32.42 1.61
CA GLU E 20 -5.20 -33.17 2.54
C GLU E 20 -3.69 -32.95 2.36
N GLN E 21 -3.22 -32.87 1.11
CA GLN E 21 -1.76 -32.77 0.86
C GLN E 21 -1.09 -31.46 1.32
N PHE E 22 -1.87 -30.41 1.58
CA PHE E 22 -1.29 -29.15 2.03
C PHE E 22 -1.10 -29.13 3.55
N SER E 23 0.11 -28.82 4.00
CA SER E 23 0.36 -28.60 5.41
C SER E 23 -0.15 -27.21 5.78
N ARG E 24 -0.04 -26.86 7.05
CA ARG E 24 -0.35 -25.50 7.50
C ARG E 24 0.70 -24.48 7.01
N ALA E 25 1.99 -24.86 7.03
CA ALA E 25 3.06 -23.99 6.55
C ALA E 25 2.97 -23.71 5.05
N ASP E 26 2.48 -24.72 4.31
CA ASP E 26 2.23 -24.62 2.86
C ASP E 26 1.10 -23.65 2.52
N ILE E 27 0.03 -23.67 3.30
CA ILE E 27 -1.09 -22.76 3.09
C ILE E 27 -0.62 -21.31 3.26
N TYR E 28 0.15 -21.06 4.32
CA TYR E 28 0.63 -19.71 4.58
C TYR E 28 1.58 -19.19 3.51
N ALA E 29 2.44 -20.07 2.99
CA ALA E 29 3.46 -19.67 1.97
C ALA E 29 2.85 -19.27 0.62
N LEU E 30 1.82 -20.02 0.21
CA LEU E 30 0.99 -19.69 -0.95
C LEU E 30 0.30 -18.36 -0.80
N ILE E 31 -0.25 -18.14 0.40
CA ILE E 31 -1.01 -16.95 0.70
C ILE E 31 -0.09 -15.77 0.60
N HIS E 32 1.10 -15.89 1.20
CA HIS E 32 2.09 -14.84 1.12
C HIS E 32 2.51 -14.61 -0.32
N LEU E 33 2.75 -15.68 -1.08
CA LEU E 33 3.18 -15.59 -2.47
C LEU E 33 2.10 -14.90 -3.31
N ALA E 34 0.89 -15.45 -3.27
CA ALA E 34 -0.32 -14.84 -3.89
C ALA E 34 -0.49 -13.31 -3.68
N SER E 35 -0.08 -12.77 -2.52
CA SER E 35 -0.13 -11.32 -2.25
C SER E 35 0.99 -10.55 -2.93
N ALA E 36 2.20 -11.07 -2.87
CA ALA E 36 3.31 -10.51 -3.64
C ALA E 36 2.90 -10.38 -5.14
N MET E 37 2.25 -11.42 -5.66
CA MET E 37 1.68 -11.44 -7.02
C MET E 37 0.68 -10.29 -7.22
N GLN E 38 -0.29 -10.20 -6.32
CA GLN E 38 -1.29 -9.12 -6.37
C GLN E 38 -0.63 -7.75 -6.35
N ARG E 39 0.36 -7.56 -5.50
CA ARG E 39 1.07 -6.28 -5.44
C ARG E 39 1.82 -5.94 -6.74
N LYS E 40 2.43 -6.94 -7.38
CA LYS E 40 3.14 -6.70 -8.65
C LYS E 40 2.18 -6.54 -9.82
N ILE E 41 1.23 -7.46 -9.96
CA ILE E 41 0.26 -7.35 -11.05
C ILE E 41 -0.52 -6.05 -10.93
N ASP E 42 -1.01 -5.72 -9.73
CA ASP E 42 -1.72 -4.43 -9.55
C ASP E 42 -0.85 -3.21 -9.81
N ALA E 43 0.44 -3.29 -9.51
CA ALA E 43 1.38 -2.21 -9.89
C ALA E 43 1.55 -2.05 -11.42
N GLY E 44 0.99 -2.94 -12.22
CA GLY E 44 1.10 -2.89 -13.67
C GLY E 44 2.26 -3.72 -14.18
N GLU E 45 2.89 -4.48 -13.30
CA GLU E 45 4.08 -5.23 -13.65
C GLU E 45 3.73 -6.46 -14.50
N VAL E 46 4.64 -6.79 -15.41
CA VAL E 46 4.50 -7.92 -16.31
C VAL E 46 5.50 -9.00 -15.92
N LEU E 47 4.97 -10.13 -15.44
CA LEU E 47 5.76 -11.26 -14.99
C LEU E 47 5.82 -12.24 -16.12
N ASN E 48 7.03 -12.68 -16.47
CA ASN E 48 7.14 -13.82 -17.34
C ASN E 48 8.08 -14.87 -16.72
N LEU E 49 7.54 -15.50 -15.69
CA LEU E 49 8.17 -16.61 -15.01
C LEU E 49 8.01 -17.91 -15.76
N LEU E 50 6.91 -18.08 -16.51
CA LEU E 50 6.62 -19.32 -17.25
C LEU E 50 6.59 -19.16 -18.78
N GLN E 51 7.41 -18.29 -19.33
CA GLN E 51 7.51 -18.20 -20.77
C GLN E 51 7.98 -19.55 -21.28
N GLY E 52 7.50 -19.94 -22.46
CA GLY E 52 7.77 -21.27 -23.01
C GLY E 52 6.86 -22.40 -22.54
N ARG E 53 6.14 -22.23 -21.43
CA ARG E 53 5.38 -23.34 -20.82
C ARG E 53 3.93 -23.39 -21.27
N ILE E 54 3.36 -24.58 -21.38
CA ILE E 54 1.98 -24.72 -21.83
C ILE E 54 1.12 -25.38 -20.77
N MET E 55 -0.06 -24.81 -20.56
CA MET E 55 -1.14 -25.47 -19.81
C MET E 55 -2.08 -25.97 -20.86
N THR E 56 -2.58 -27.19 -20.69
CA THR E 56 -3.74 -27.63 -21.46
C THR E 56 -4.88 -27.96 -20.51
N PRO E 57 -5.99 -27.23 -20.65
CA PRO E 57 -7.16 -27.60 -19.89
C PRO E 57 -7.84 -28.81 -20.47
N LEU E 58 -8.20 -29.74 -19.58
CA LEU E 58 -8.91 -30.96 -19.91
C LEU E 58 -10.25 -31.08 -19.13
N PHE E 59 -11.28 -30.46 -19.70
CA PHE E 59 -12.57 -30.27 -19.06
C PHE E 59 -13.58 -31.21 -19.72
N PHE E 60 -14.16 -32.11 -18.92
CA PHE E 60 -15.29 -32.93 -19.36
C PHE E 60 -16.63 -32.32 -18.99
N GLU E 61 -16.73 -31.79 -17.77
CA GLU E 61 -17.87 -30.95 -17.38
C GLU E 61 -17.53 -29.53 -17.81
N ASP E 62 -18.15 -29.09 -18.89
CA ASP E 62 -17.74 -27.89 -19.62
C ASP E 62 -18.15 -26.62 -18.87
N SER E 63 -17.31 -26.23 -17.90
CA SER E 63 -17.37 -24.92 -17.22
C SER E 63 -16.67 -23.84 -18.05
N SER E 64 -16.70 -22.61 -17.50
CA SER E 64 -15.96 -21.45 -18.02
C SER E 64 -15.20 -20.72 -16.91
N ARG E 65 -15.91 -20.26 -15.88
CA ARG E 65 -15.30 -19.50 -14.77
C ARG E 65 -14.04 -20.13 -14.13
N THR E 66 -13.98 -21.46 -14.12
CA THR E 66 -12.82 -22.17 -13.61
C THR E 66 -11.70 -22.19 -14.65
N PHE E 67 -12.09 -22.47 -15.89
CA PHE E 67 -11.22 -22.49 -17.07
C PHE E 67 -10.46 -21.17 -17.24
N SER E 68 -11.23 -20.11 -17.35
CA SER E 68 -10.75 -18.74 -17.55
C SER E 68 -9.82 -18.31 -16.44
N SER E 69 -10.22 -18.57 -15.21
CA SER E 69 -9.42 -18.26 -14.05
C SER E 69 -8.02 -18.89 -14.21
N PHE E 70 -8.01 -20.17 -14.62
CA PHE E 70 -6.77 -20.91 -14.85
C PHE E 70 -6.00 -20.35 -16.03
N CYS E 71 -6.69 -20.08 -17.14
CA CYS E 71 -6.01 -19.54 -18.32
C CYS E 71 -5.39 -18.18 -18.01
N ALA E 72 -6.12 -17.34 -17.28
CA ALA E 72 -5.62 -16.03 -16.89
C ALA E 72 -4.46 -16.13 -15.90
N ALA E 73 -4.59 -16.98 -14.88
CA ALA E 73 -3.46 -17.25 -13.99
C ALA E 73 -2.19 -17.54 -14.77
N MET E 74 -2.27 -18.48 -15.70
CA MET E 74 -1.14 -18.93 -16.55
C MET E 74 -0.58 -17.82 -17.43
N ILE E 75 -1.49 -17.12 -18.11
CA ILE E 75 -1.10 -16.06 -19.02
C ILE E 75 -0.34 -14.95 -18.30
N ARG E 76 -0.79 -14.55 -17.11
CA ARG E 76 -0.13 -13.47 -16.36
C ARG E 76 1.19 -13.87 -15.71
N LEU E 77 1.47 -15.17 -15.66
CA LEU E 77 2.81 -15.68 -15.37
C LEU E 77 3.67 -15.80 -16.65
N GLY E 78 3.10 -15.47 -17.81
CA GLY E 78 3.83 -15.47 -19.07
C GLY E 78 3.77 -16.78 -19.85
N GLY E 79 3.05 -17.77 -19.33
CA GLY E 79 2.87 -19.05 -20.02
C GLY E 79 1.77 -18.94 -21.04
N SER E 80 1.53 -20.03 -21.75
CA SER E 80 0.50 -20.09 -22.78
C SER E 80 -0.39 -21.27 -22.47
N VAL E 81 -1.49 -21.31 -23.22
CA VAL E 81 -2.59 -22.20 -23.02
C VAL E 81 -2.95 -22.83 -24.37
N VAL E 82 -3.11 -24.15 -24.42
CA VAL E 82 -3.62 -24.83 -25.62
C VAL E 82 -4.88 -25.56 -25.22
N ASN E 83 -5.94 -25.35 -25.98
CA ASN E 83 -7.28 -25.75 -25.57
C ASN E 83 -7.57 -27.10 -26.16
N PHE E 84 -8.21 -27.97 -25.39
CA PHE E 84 -8.56 -29.31 -25.84
C PHE E 84 -10.03 -29.64 -25.61
N LYS E 85 -10.83 -29.75 -26.68
CA LYS E 85 -12.25 -30.18 -26.55
C LYS E 85 -12.42 -31.71 -26.60
N VAL E 86 -13.58 -32.21 -26.16
CA VAL E 86 -13.72 -33.63 -25.76
C VAL E 86 -14.40 -34.62 -26.78
N GLY E 94 -16.96 -43.63 -25.99
CA GLY E 94 -16.56 -42.92 -27.20
C GLY E 94 -15.07 -43.04 -27.53
N GLU E 95 -14.22 -42.47 -26.65
CA GLU E 95 -12.76 -42.49 -26.78
C GLU E 95 -12.14 -42.57 -25.38
N THR E 96 -11.13 -43.42 -25.21
CA THR E 96 -10.54 -43.68 -23.88
C THR E 96 -10.02 -42.42 -23.13
N LEU E 97 -10.09 -42.47 -21.79
CA LEU E 97 -9.67 -41.35 -20.95
C LEU E 97 -8.15 -41.26 -20.84
N ALA E 98 -7.47 -42.40 -20.69
CA ALA E 98 -5.99 -42.43 -20.53
C ALA E 98 -5.24 -42.03 -21.81
N ASP E 99 -5.81 -42.39 -22.95
CA ASP E 99 -5.25 -41.97 -24.22
C ASP E 99 -5.33 -40.47 -24.43
N THR E 100 -6.39 -39.86 -23.90
CA THR E 100 -6.53 -38.43 -23.97
C THR E 100 -5.46 -37.77 -23.10
N ILE E 101 -5.15 -38.36 -21.96
CA ILE E 101 -4.09 -37.84 -21.05
C ILE E 101 -2.72 -37.91 -21.71
N ARG E 102 -2.39 -39.09 -22.22
CA ARG E 102 -1.14 -39.30 -22.91
C ARG E 102 -0.92 -38.34 -24.08
N THR E 103 -2.01 -38.00 -24.78
CA THR E 103 -1.93 -37.04 -25.86
C THR E 103 -1.46 -35.72 -25.31
N LEU E 104 -2.16 -35.24 -24.29
CA LEU E 104 -1.83 -33.97 -23.69
C LEU E 104 -0.42 -33.94 -23.11
N ASP E 105 0.07 -35.04 -22.53
CA ASP E 105 1.47 -35.07 -22.01
C ASP E 105 2.49 -34.85 -23.11
N SER E 106 2.13 -35.19 -24.35
CA SER E 106 3.05 -35.13 -25.47
C SER E 106 3.51 -33.72 -25.73
N TYR E 107 2.69 -32.72 -25.40
CA TYR E 107 3.08 -31.35 -25.63
C TYR E 107 2.86 -30.36 -24.49
N SER E 108 2.34 -30.80 -23.34
CA SER E 108 2.04 -29.87 -22.24
C SER E 108 3.03 -29.92 -21.13
N ASP E 109 2.98 -28.90 -20.27
CA ASP E 109 3.73 -28.86 -19.01
C ASP E 109 2.86 -29.07 -17.76
N VAL E 110 1.56 -28.81 -17.89
CA VAL E 110 0.63 -28.96 -16.78
C VAL E 110 -0.75 -29.15 -17.37
N LEU E 111 -1.55 -30.02 -16.76
CA LEU E 111 -2.92 -30.31 -17.22
C LEU E 111 -3.86 -29.93 -16.11
N VAL E 112 -5.02 -29.40 -16.48
CA VAL E 112 -6.00 -28.95 -15.50
C VAL E 112 -7.28 -29.66 -15.82
N MET E 113 -7.69 -30.55 -14.92
CA MET E 113 -8.73 -31.50 -15.21
C MET E 113 -10.01 -31.18 -14.45
N ARG E 114 -11.13 -31.34 -15.15
CA ARG E 114 -12.45 -31.29 -14.54
C ARG E 114 -13.29 -32.44 -15.10
N HIS E 115 -13.55 -33.43 -14.25
CA HIS E 115 -14.32 -34.62 -14.65
C HIS E 115 -15.48 -34.92 -13.68
N PRO E 116 -16.70 -35.16 -14.22
CA PRO E 116 -17.85 -35.72 -13.47
C PRO E 116 -17.58 -36.96 -12.62
N ARG E 117 -16.93 -37.99 -13.15
CA ARG E 117 -16.52 -39.16 -12.34
C ARG E 117 -15.43 -38.83 -11.32
N GLN E 118 -15.56 -39.42 -10.14
CA GLN E 118 -14.88 -38.94 -8.91
C GLN E 118 -13.52 -39.60 -8.68
N ASP E 119 -13.38 -40.85 -9.11
CA ASP E 119 -12.10 -41.55 -9.09
C ASP E 119 -11.28 -41.34 -10.37
N ALA E 120 -11.88 -40.69 -11.38
CA ALA E 120 -11.19 -40.36 -12.65
C ALA E 120 -9.81 -39.72 -12.49
N ILE E 121 -9.58 -39.01 -11.38
CA ILE E 121 -8.27 -38.45 -11.03
C ILE E 121 -7.21 -39.53 -10.77
N GLU E 122 -7.61 -40.66 -10.17
CA GLU E 122 -6.73 -41.84 -10.02
C GLU E 122 -6.31 -42.44 -11.38
N GLU E 123 -7.30 -42.60 -12.28
CA GLU E 123 -7.10 -43.18 -13.64
C GLU E 123 -6.03 -42.39 -14.38
N ALA E 124 -6.16 -41.07 -14.32
CA ALA E 124 -5.25 -40.15 -14.98
C ALA E 124 -3.90 -40.05 -14.27
N LEU E 125 -3.89 -39.98 -12.95
CA LEU E 125 -2.63 -39.92 -12.18
C LEU E 125 -1.72 -41.11 -12.38
N SER E 126 -2.30 -42.26 -12.70
CA SER E 126 -1.51 -43.44 -13.03
C SER E 126 -0.76 -43.26 -14.35
N VAL E 127 -1.40 -42.68 -15.37
CA VAL E 127 -0.77 -42.43 -16.67
C VAL E 127 0.04 -41.13 -16.80
N ALA E 128 -0.36 -40.09 -16.07
CA ALA E 128 0.17 -38.75 -16.28
C ALA E 128 1.66 -38.71 -16.00
N GLN E 129 2.40 -38.12 -16.94
CA GLN E 129 3.84 -37.84 -16.76
C GLN E 129 4.12 -36.35 -16.46
N HIS E 130 3.17 -35.44 -16.67
CA HIS E 130 3.27 -34.05 -16.13
C HIS E 130 2.19 -33.80 -15.03
N PRO E 131 2.40 -32.80 -14.14
CA PRO E 131 1.47 -32.51 -13.06
C PRO E 131 0.03 -32.34 -13.51
N ILE E 132 -0.90 -32.88 -12.73
CA ILE E 132 -2.32 -32.57 -12.86
C ILE E 132 -2.74 -31.66 -11.70
N LEU E 133 -3.60 -30.69 -12.04
CA LEU E 133 -4.25 -29.83 -11.07
C LEU E 133 -5.73 -30.16 -11.15
N ASN E 134 -6.30 -30.63 -10.04
CA ASN E 134 -7.72 -31.00 -10.01
C ASN E 134 -8.60 -29.76 -9.89
N ALA E 135 -9.34 -29.47 -10.97
CA ALA E 135 -10.36 -28.42 -10.96
C ALA E 135 -11.75 -28.95 -10.62
N GLY E 136 -11.87 -30.24 -10.33
CA GLY E 136 -13.10 -30.78 -9.76
C GLY E 136 -13.42 -32.16 -10.25
N ASN E 137 -13.53 -33.11 -9.31
CA ASN E 137 -13.80 -34.52 -9.64
C ASN E 137 -15.15 -34.97 -9.08
N GLY E 138 -16.21 -34.68 -9.84
CA GLY E 138 -17.59 -34.92 -9.40
C GLY E 138 -17.91 -34.30 -8.05
N ALA E 139 -18.30 -35.16 -7.12
CA ALA E 139 -18.49 -34.77 -5.72
C ALA E 139 -17.19 -34.92 -4.87
N GLY E 140 -16.04 -35.15 -5.51
CA GLY E 140 -14.78 -35.38 -4.80
C GLY E 140 -14.25 -34.16 -4.06
N GLU E 141 -13.35 -33.41 -4.71
CA GLU E 141 -12.75 -32.19 -4.14
C GLU E 141 -12.53 -31.08 -5.21
N HIS E 142 -12.31 -29.85 -4.76
CA HIS E 142 -11.90 -28.73 -5.62
C HIS E 142 -10.73 -28.06 -4.92
N PRO E 143 -9.60 -28.75 -4.85
CA PRO E 143 -8.52 -28.34 -3.96
C PRO E 143 -8.07 -26.89 -4.13
N THR E 144 -8.03 -26.40 -5.37
CA THR E 144 -7.58 -25.02 -5.67
C THR E 144 -8.56 -23.98 -5.17
N GLN E 145 -9.83 -24.34 -5.13
CA GLN E 145 -10.89 -23.46 -4.64
C GLN E 145 -10.73 -23.25 -3.14
N ALA E 146 -10.76 -24.33 -2.38
CA ALA E 146 -10.53 -24.25 -0.93
C ALA E 146 -9.34 -23.36 -0.56
N LEU E 147 -8.27 -23.42 -1.34
CA LEU E 147 -7.06 -22.59 -1.07
C LEU E 147 -7.22 -21.10 -1.27
N LEU E 148 -7.93 -20.69 -2.33
CA LEU E 148 -8.23 -19.27 -2.57
C LEU E 148 -9.30 -18.75 -1.59
N ASP E 149 -10.21 -19.64 -1.18
CA ASP E 149 -11.19 -19.36 -0.12
C ASP E 149 -10.50 -18.98 1.18
N THR E 150 -9.56 -19.82 1.58
CA THR E 150 -8.68 -19.48 2.69
C THR E 150 -7.98 -18.14 2.46
N LEU E 151 -7.35 -17.95 1.30
CA LEU E 151 -6.68 -16.66 0.99
C LEU E 151 -7.65 -15.52 1.25
N THR E 152 -8.81 -15.58 0.61
CA THR E 152 -9.91 -14.61 0.78
C THR E 152 -10.26 -14.28 2.26
N ILE E 153 -10.46 -15.31 3.08
CA ILE E 153 -10.75 -15.16 4.52
C ILE E 153 -9.57 -14.49 5.25
N HIS E 154 -8.37 -15.07 5.15
CA HIS E 154 -7.15 -14.44 5.66
C HIS E 154 -7.07 -12.99 5.18
N SER E 155 -7.33 -12.75 3.88
CA SER E 155 -7.21 -11.41 3.30
C SER E 155 -8.25 -10.39 3.76
N GLU E 156 -9.44 -10.84 4.20
CA GLU E 156 -10.57 -9.94 4.52
C GLU E 156 -10.93 -9.79 6.03
N LEU E 157 -10.81 -10.88 6.79
CA LEU E 157 -10.94 -10.88 8.26
C LEU E 157 -9.58 -10.91 8.98
N GLY E 158 -8.49 -10.83 8.22
CA GLY E 158 -7.14 -10.78 8.80
C GLY E 158 -6.71 -12.00 9.59
N SER E 159 -7.52 -13.07 9.58
CA SER E 159 -7.35 -14.15 10.54
C SER E 159 -8.17 -15.39 10.18
N VAL E 160 -7.58 -16.56 10.41
CA VAL E 160 -8.23 -17.88 10.18
C VAL E 160 -8.39 -18.69 11.48
N ASP E 161 -7.47 -18.55 12.43
CA ASP E 161 -7.56 -19.27 13.71
C ASP E 161 -8.61 -18.65 14.63
N GLY E 162 -9.47 -19.51 15.19
CA GLY E 162 -10.53 -19.10 16.13
C GLY E 162 -11.92 -18.92 15.55
N ILE E 163 -12.00 -18.66 14.24
CA ILE E 163 -13.26 -18.26 13.61
C ILE E 163 -14.35 -19.35 13.62
N THR E 164 -15.59 -18.89 13.45
CA THR E 164 -16.76 -19.75 13.25
C THR E 164 -17.21 -19.60 11.80
N ILE E 165 -17.60 -20.70 11.18
CA ILE E 165 -17.95 -20.68 9.77
C ILE E 165 -19.15 -21.60 9.50
N ALA E 166 -20.14 -21.08 8.77
CA ALA E 166 -21.24 -21.89 8.24
C ALA E 166 -20.88 -22.42 6.86
N LEU E 167 -21.47 -23.54 6.50
CA LEU E 167 -21.40 -24.08 5.15
C LEU E 167 -22.82 -24.38 4.70
N ILE E 168 -23.30 -23.65 3.70
CA ILE E 168 -24.72 -23.54 3.38
C ILE E 168 -25.02 -24.08 1.97
N GLY E 169 -26.16 -24.76 1.83
CA GLY E 169 -26.56 -25.40 0.56
C GLY E 169 -26.05 -26.81 0.36
N ASP E 170 -26.39 -27.39 -0.78
CA ASP E 170 -26.10 -28.79 -1.15
C ASP E 170 -24.69 -29.26 -0.77
N LEU E 171 -24.52 -29.66 0.50
CA LEU E 171 -23.23 -30.17 0.99
C LEU E 171 -22.85 -31.60 0.51
N LYS E 172 -23.81 -32.31 -0.11
CA LYS E 172 -23.52 -33.57 -0.82
C LYS E 172 -22.63 -33.36 -2.06
N MET E 173 -23.17 -32.67 -3.07
CA MET E 173 -22.51 -32.48 -4.36
C MET E 173 -21.45 -31.34 -4.36
N GLY E 174 -21.36 -30.58 -3.27
CA GLY E 174 -20.40 -29.47 -3.15
C GLY E 174 -18.96 -29.87 -2.93
N ARG E 175 -18.22 -29.99 -4.04
CA ARG E 175 -16.77 -30.28 -3.98
C ARG E 175 -15.92 -29.22 -3.28
N THR E 176 -16.40 -27.97 -3.32
CA THR E 176 -15.78 -26.83 -2.63
C THR E 176 -15.81 -27.03 -1.11
N VAL E 177 -17.01 -27.28 -0.59
CA VAL E 177 -17.22 -27.47 0.84
C VAL E 177 -16.48 -28.70 1.42
N HIS E 178 -16.41 -29.79 0.65
CA HIS E 178 -15.61 -30.97 1.07
C HIS E 178 -14.16 -30.56 1.25
N SER E 179 -13.61 -29.86 0.26
CA SER E 179 -12.22 -29.41 0.32
C SER E 179 -11.99 -28.37 1.43
N LEU E 180 -12.84 -27.35 1.48
CA LEU E 180 -12.66 -26.23 2.43
C LEU E 180 -12.69 -26.72 3.89
N LEU E 181 -13.71 -27.55 4.18
CA LEU E 181 -13.90 -28.20 5.48
C LEU E 181 -12.63 -28.94 5.89
N LYS E 182 -12.21 -29.90 5.06
CA LYS E 182 -10.94 -30.62 5.24
C LYS E 182 -9.76 -29.68 5.41
N LEU E 183 -9.67 -28.66 4.55
CA LEU E 183 -8.53 -27.77 4.56
C LEU E 183 -8.43 -27.08 5.91
N LEU E 184 -9.56 -26.56 6.37
CA LEU E 184 -9.60 -25.77 7.61
C LEU E 184 -9.43 -26.61 8.90
N VAL E 185 -10.08 -27.77 8.94
CA VAL E 185 -10.00 -28.69 10.09
C VAL E 185 -8.55 -29.18 10.36
N ARG E 186 -7.87 -29.59 9.28
CA ARG E 186 -6.57 -30.25 9.41
C ARG E 186 -5.42 -29.31 9.81
N ASN E 187 -5.49 -28.06 9.35
CA ASN E 187 -4.38 -27.10 9.45
C ASN E 187 -4.63 -25.87 10.34
N PHE E 188 -5.85 -25.72 10.86
CA PHE E 188 -6.21 -24.60 11.74
C PHE E 188 -7.04 -25.01 12.97
N SER E 189 -7.13 -24.08 13.93
CA SER E 189 -8.06 -24.16 15.05
C SER E 189 -9.36 -23.41 14.71
N ILE E 190 -10.34 -24.16 14.22
CA ILE E 190 -11.70 -23.66 14.05
C ILE E 190 -12.41 -23.82 15.39
N LYS E 191 -13.13 -22.78 15.83
CA LYS E 191 -14.03 -22.89 16.97
C LYS E 191 -15.23 -23.77 16.60
N CYS E 192 -15.91 -23.40 15.53
CA CYS E 192 -17.20 -24.00 15.18
C CYS E 192 -17.43 -24.00 13.68
N VAL E 193 -18.27 -24.93 13.24
CA VAL E 193 -18.64 -25.06 11.84
C VAL E 193 -20.10 -25.46 11.75
N PHE E 194 -20.94 -24.57 11.23
CA PHE E 194 -22.34 -24.93 11.02
C PHE E 194 -22.47 -25.66 9.72
N LEU E 195 -23.21 -26.77 9.74
CA LEU E 195 -23.47 -27.59 8.56
C LEU E 195 -24.93 -27.35 8.15
N VAL E 196 -25.14 -26.28 7.39
CA VAL E 196 -26.50 -25.82 7.10
C VAL E 196 -26.97 -26.47 5.83
N ALA E 197 -27.80 -27.50 5.96
CA ALA E 197 -28.42 -28.13 4.79
C ALA E 197 -29.60 -29.02 5.17
N PRO E 198 -30.58 -29.19 4.25
CA PRO E 198 -31.50 -30.33 4.38
C PRO E 198 -30.74 -31.66 4.41
N ASP E 199 -31.21 -32.61 5.23
CA ASP E 199 -30.51 -33.91 5.39
C ASP E 199 -30.50 -34.79 4.13
N ALA E 200 -31.42 -34.52 3.18
CA ALA E 200 -31.37 -35.12 1.83
C ALA E 200 -30.10 -34.79 1.05
N LEU E 201 -29.59 -33.57 1.25
CA LEU E 201 -28.36 -33.09 0.61
C LEU E 201 -27.40 -32.49 1.67
N GLN E 202 -27.21 -33.21 2.77
CA GLN E 202 -26.26 -32.80 3.82
C GLN E 202 -24.87 -33.33 3.51
N MET E 203 -23.90 -32.99 4.36
CA MET E 203 -22.50 -33.41 4.17
C MET E 203 -22.43 -34.94 4.22
N PRO E 204 -21.83 -35.60 3.19
CA PRO E 204 -21.84 -37.06 3.22
C PRO E 204 -21.11 -37.66 4.42
N GLN E 205 -21.56 -38.87 4.78
CA GLN E 205 -20.96 -39.69 5.83
C GLN E 205 -19.45 -39.82 5.63
N ASP E 206 -19.07 -40.23 4.42
CA ASP E 206 -17.68 -40.49 3.98
C ASP E 206 -16.65 -39.32 4.13
N VAL E 207 -17.12 -38.08 3.99
CA VAL E 207 -16.24 -36.89 4.13
C VAL E 207 -16.09 -36.49 5.61
N LEU E 208 -17.22 -36.41 6.31
CA LEU E 208 -17.23 -35.89 7.68
C LEU E 208 -16.58 -36.85 8.69
N GLU E 209 -16.58 -38.15 8.37
CA GLU E 209 -16.03 -39.15 9.28
C GLU E 209 -14.50 -39.01 9.55
N PRO E 210 -13.63 -39.11 8.51
CA PRO E 210 -12.16 -39.00 8.66
C PRO E 210 -11.52 -37.82 9.43
N LEU E 211 -12.32 -36.87 9.90
CA LEU E 211 -11.81 -35.68 10.57
C LEU E 211 -12.09 -35.70 12.07
N GLN E 212 -12.62 -36.82 12.56
CA GLN E 212 -13.26 -36.85 13.90
C GLN E 212 -12.24 -36.66 15.03
N HIS E 213 -11.01 -37.12 14.84
CA HIS E 213 -9.95 -36.85 15.81
C HIS E 213 -9.63 -35.37 15.88
N GLU E 214 -9.35 -34.78 14.71
CA GLU E 214 -8.89 -33.39 14.62
C GLU E 214 -9.96 -32.38 15.04
N ILE E 215 -11.23 -32.73 14.79
CA ILE E 215 -12.40 -32.07 15.40
C ILE E 215 -12.22 -32.06 16.93
N ALA E 216 -12.13 -33.26 17.49
CA ALA E 216 -12.07 -33.48 18.93
C ALA E 216 -10.93 -32.70 19.58
N THR E 217 -9.69 -33.12 19.30
CA THR E 217 -8.49 -32.60 19.97
C THR E 217 -8.47 -31.06 20.14
N LYS E 218 -8.84 -30.34 19.08
CA LYS E 218 -8.83 -28.86 19.07
C LYS E 218 -10.11 -28.21 19.62
N GLY E 219 -11.22 -28.96 19.67
CA GLY E 219 -12.47 -28.46 20.22
C GLY E 219 -13.29 -27.73 19.18
N VAL E 220 -13.77 -28.49 18.19
CA VAL E 220 -14.53 -27.96 17.07
C VAL E 220 -16.00 -28.32 17.26
N ILE E 221 -16.88 -27.33 17.24
CA ILE E 221 -18.32 -27.56 17.35
C ILE E 221 -18.93 -27.82 15.98
N ILE E 222 -19.17 -29.09 15.65
CA ILE E 222 -19.89 -29.46 14.42
C ILE E 222 -21.40 -29.41 14.72
N HIS E 223 -22.14 -28.52 14.06
CA HIS E 223 -23.57 -28.35 14.36
C HIS E 223 -24.45 -28.28 13.11
N ARG E 224 -25.01 -29.42 12.71
CA ARG E 224 -25.95 -29.51 11.58
C ARG E 224 -27.25 -28.72 11.88
N THR E 225 -27.77 -27.99 10.88
CA THR E 225 -29.10 -27.36 10.98
C THR E 225 -29.83 -27.54 9.66
N HIS E 226 -31.12 -27.21 9.64
CA HIS E 226 -32.01 -27.40 8.47
C HIS E 226 -32.19 -26.11 7.65
N ALA E 227 -32.11 -24.95 8.31
CA ALA E 227 -32.22 -23.64 7.66
C ALA E 227 -31.25 -22.64 8.29
N LEU E 228 -31.21 -21.44 7.72
CA LEU E 228 -30.41 -20.33 8.27
C LEU E 228 -31.08 -19.80 9.53
N THR E 229 -30.98 -20.57 10.62
CA THR E 229 -31.47 -20.11 11.91
C THR E 229 -30.59 -18.94 12.30
N ASP E 230 -30.97 -18.22 13.33
CA ASP E 230 -30.38 -16.93 13.61
C ASP E 230 -29.16 -17.03 14.51
N GLU E 231 -29.07 -18.10 15.30
CA GLU E 231 -27.81 -18.46 16.00
C GLU E 231 -26.67 -18.54 14.97
N VAL E 232 -26.98 -19.01 13.76
CA VAL E 232 -26.03 -19.13 12.66
C VAL E 232 -25.57 -17.76 12.12
N MET E 233 -26.51 -16.88 11.78
CA MET E 233 -26.18 -15.54 11.23
C MET E 233 -25.37 -14.70 12.24
N GLN E 234 -25.77 -14.74 13.50
CA GLN E 234 -25.24 -13.85 14.53
C GLN E 234 -23.87 -14.27 15.08
N LYS E 235 -23.53 -15.55 14.95
CA LYS E 235 -22.22 -16.08 15.38
C LYS E 235 -21.20 -16.27 14.24
N SER E 236 -21.68 -16.74 13.08
CA SER E 236 -20.79 -17.08 11.96
C SER E 236 -20.01 -15.88 11.45
N ASP E 237 -18.68 -16.06 11.39
CA ASP E 237 -17.76 -15.06 10.84
C ASP E 237 -17.73 -15.05 9.28
N VAL E 238 -18.18 -16.15 8.70
CA VAL E 238 -18.18 -16.36 7.26
C VAL E 238 -19.38 -17.21 6.92
N LEU E 239 -20.32 -16.65 6.17
CA LEU E 239 -21.43 -17.43 5.63
C LEU E 239 -21.03 -17.90 4.25
N TYR E 240 -20.85 -19.22 4.07
CA TYR E 240 -20.40 -19.77 2.78
C TYR E 240 -21.52 -20.47 2.06
N THR E 241 -22.34 -19.73 1.31
CA THR E 241 -23.42 -20.37 0.53
C THR E 241 -22.88 -21.05 -0.72
N THR E 242 -23.70 -21.92 -1.30
CA THR E 242 -23.47 -22.54 -2.61
C THR E 242 -24.82 -22.77 -3.30
N ARG E 243 -24.76 -23.13 -4.57
CA ARG E 243 -25.93 -23.30 -5.44
C ARG E 243 -26.75 -24.58 -5.10
N LEU E 244 -27.93 -24.72 -5.73
CA LEU E 244 -28.81 -25.87 -5.51
C LEU E 244 -29.82 -26.08 -6.65
N ASP E 268 -35.96 -21.05 1.23
CA ASP E 268 -36.21 -20.34 2.48
C ASP E 268 -34.93 -20.17 3.33
N ILE E 269 -33.76 -20.53 2.78
CA ILE E 269 -32.46 -20.27 3.45
C ILE E 269 -31.58 -19.25 2.70
N THR E 270 -32.22 -18.45 1.83
CA THR E 270 -31.63 -17.30 1.13
C THR E 270 -30.80 -16.36 2.04
N ILE E 271 -29.82 -15.69 1.44
CA ILE E 271 -29.06 -14.60 2.09
C ILE E 271 -29.43 -13.34 1.30
N ASP E 272 -30.01 -12.35 1.99
CA ASP E 272 -30.53 -11.10 1.39
C ASP E 272 -30.38 -9.95 2.39
N ALA E 273 -30.58 -8.72 1.93
CA ALA E 273 -30.42 -7.53 2.81
C ALA E 273 -31.20 -7.72 4.10
N ALA E 274 -32.43 -8.21 3.94
CA ALA E 274 -33.30 -8.69 5.05
C ALA E 274 -32.51 -9.55 6.06
N ARG E 275 -32.08 -10.74 5.65
CA ARG E 275 -31.38 -11.64 6.59
C ARG E 275 -30.04 -11.08 7.06
N MET E 276 -29.46 -10.16 6.29
CA MET E 276 -28.11 -9.61 6.56
C MET E 276 -27.97 -8.62 7.72
N ARG E 277 -29.06 -8.03 8.22
CA ARG E 277 -28.95 -7.23 9.48
C ARG E 277 -28.83 -8.11 10.71
N LEU E 278 -29.31 -9.35 10.61
CA LEU E 278 -29.02 -10.37 11.65
C LEU E 278 -27.52 -10.67 11.82
N ALA E 279 -26.73 -10.45 10.76
CA ALA E 279 -25.29 -10.73 10.79
C ALA E 279 -24.49 -9.68 11.57
N LYS E 280 -23.38 -10.15 12.15
CA LYS E 280 -22.47 -9.32 12.95
C LYS E 280 -21.71 -8.36 12.05
N GLU E 281 -20.96 -7.44 12.64
CA GLU E 281 -20.44 -6.30 11.91
C GLU E 281 -19.28 -6.69 11.00
N LYS E 282 -18.19 -7.16 11.60
CA LYS E 282 -17.00 -7.57 10.85
C LYS E 282 -17.20 -9.04 10.40
N MET E 283 -17.64 -9.23 9.16
CA MET E 283 -17.78 -10.58 8.55
C MET E 283 -17.82 -10.51 7.02
N ILE E 284 -17.93 -11.68 6.39
CA ILE E 284 -18.06 -11.78 4.93
C ILE E 284 -19.06 -12.87 4.50
N VAL E 285 -19.70 -12.63 3.36
CA VAL E 285 -20.41 -13.62 2.62
C VAL E 285 -19.49 -14.07 1.47
N MET E 286 -19.18 -15.37 1.42
CA MET E 286 -18.45 -15.97 0.31
C MET E 286 -19.38 -16.86 -0.48
N HIS E 287 -18.99 -17.10 -1.72
CA HIS E 287 -19.73 -17.91 -2.65
C HIS E 287 -18.78 -18.23 -3.81
N PRO E 288 -18.60 -19.52 -4.12
CA PRO E 288 -17.67 -19.86 -5.21
C PRO E 288 -18.23 -19.60 -6.63
N LEU E 289 -19.55 -19.71 -6.80
CA LEU E 289 -20.31 -19.20 -7.97
C LEU E 289 -20.39 -20.31 -9.04
N PRO E 290 -21.37 -20.29 -9.95
CA PRO E 290 -22.46 -19.31 -10.01
C PRO E 290 -23.45 -19.43 -8.84
N ARG E 291 -24.53 -18.65 -8.91
CA ARG E 291 -25.56 -18.62 -7.86
C ARG E 291 -26.95 -18.50 -8.47
N ASN E 292 -27.93 -19.19 -7.88
CA ASN E 292 -29.33 -19.15 -8.35
C ASN E 292 -30.16 -18.05 -7.67
N ASP E 293 -30.55 -18.29 -6.42
CA ASP E 293 -31.36 -17.34 -5.62
C ASP E 293 -31.01 -17.28 -4.13
N GLU E 294 -30.45 -18.37 -3.61
CA GLU E 294 -29.76 -18.45 -2.31
C GLU E 294 -28.85 -17.30 -1.90
N LEU E 295 -28.37 -16.51 -2.87
CA LEU E 295 -27.69 -15.25 -2.62
C LEU E 295 -28.30 -14.16 -3.47
N SER E 296 -29.27 -13.50 -2.87
CA SER E 296 -29.97 -12.33 -3.41
C SER E 296 -28.99 -11.26 -3.88
N THR E 297 -29.39 -10.56 -4.94
CA THR E 297 -28.65 -9.41 -5.50
C THR E 297 -28.78 -8.15 -4.64
N THR E 298 -29.69 -8.20 -3.67
CA THR E 298 -29.84 -7.16 -2.67
C THR E 298 -28.60 -7.06 -1.75
N VAL E 299 -27.81 -8.14 -1.67
CA VAL E 299 -26.60 -8.18 -0.84
C VAL E 299 -25.34 -7.64 -1.55
N ASP E 300 -25.36 -7.55 -2.88
CA ASP E 300 -24.16 -7.27 -3.72
C ASP E 300 -23.40 -5.97 -3.46
N ALA E 301 -24.10 -4.92 -3.01
CA ALA E 301 -23.47 -3.62 -2.72
C ALA E 301 -22.90 -3.49 -1.31
N ASP E 302 -23.28 -4.39 -0.39
CA ASP E 302 -22.73 -4.40 0.99
C ASP E 302 -21.21 -4.69 0.96
N PRO E 303 -20.38 -3.90 1.68
CA PRO E 303 -18.91 -4.17 1.72
C PRO E 303 -18.43 -5.51 2.31
N ARG E 304 -19.34 -6.32 2.83
CA ARG E 304 -19.08 -7.68 3.29
C ARG E 304 -19.57 -8.77 2.29
N ALA E 305 -20.17 -8.35 1.19
CA ALA E 305 -20.32 -9.23 0.02
C ALA E 305 -18.94 -9.38 -0.65
N ALA E 306 -18.18 -10.37 -0.16
CA ALA E 306 -16.80 -10.63 -0.60
C ALA E 306 -16.68 -11.77 -1.65
N TYR E 307 -17.71 -11.98 -2.46
CA TYR E 307 -17.73 -13.09 -3.41
C TYR E 307 -17.18 -12.67 -4.78
N PHE E 308 -17.37 -11.40 -5.15
CA PHE E 308 -16.74 -10.88 -6.34
C PHE E 308 -15.24 -10.66 -6.12
N ARG E 309 -14.86 -10.14 -4.97
CA ARG E 309 -13.44 -10.08 -4.61
C ARG E 309 -12.79 -11.48 -4.54
N GLN E 310 -13.56 -12.51 -4.16
CA GLN E 310 -13.09 -13.90 -4.04
C GLN E 310 -12.53 -14.45 -5.37
N MET E 311 -13.23 -14.16 -6.47
CA MET E 311 -12.71 -14.48 -7.80
C MET E 311 -11.35 -13.84 -8.14
N ARG E 312 -11.15 -12.55 -7.85
CA ARG E 312 -9.81 -11.92 -8.00
C ARG E 312 -8.72 -12.56 -7.10
N TYR E 313 -9.05 -12.86 -5.85
CA TYR E 313 -8.13 -13.62 -5.01
C TYR E 313 -7.78 -14.96 -5.67
N GLY E 314 -8.78 -15.55 -6.31
CA GLY E 314 -8.64 -16.78 -7.07
C GLY E 314 -7.52 -16.77 -8.10
N MET E 315 -7.43 -15.71 -8.89
CA MET E 315 -6.43 -15.67 -9.95
C MET E 315 -5.02 -15.61 -9.35
N PHE E 316 -4.84 -14.83 -8.30
CA PHE E 316 -3.52 -14.73 -7.66
C PHE E 316 -3.08 -15.99 -6.88
N MET E 317 -4.03 -16.74 -6.31
CA MET E 317 -3.72 -18.04 -5.69
C MET E 317 -3.37 -19.08 -6.78
N ARG E 318 -4.11 -19.05 -7.89
CA ARG E 318 -3.81 -19.93 -9.01
C ARG E 318 -2.47 -19.60 -9.67
N MET E 319 -2.10 -18.33 -9.68
CA MET E 319 -0.78 -17.98 -10.12
C MET E 319 0.24 -18.54 -9.14
N ALA E 320 0.00 -18.35 -7.84
CA ALA E 320 0.95 -18.83 -6.78
C ALA E 320 1.18 -20.34 -6.79
N ILE E 321 0.13 -21.11 -7.09
CA ILE E 321 0.20 -22.55 -7.26
C ILE E 321 0.97 -22.91 -8.54
N LEU E 322 0.41 -22.58 -9.70
CA LEU E 322 1.04 -22.81 -11.01
C LEU E 322 2.53 -22.49 -11.08
N TRP E 323 2.92 -21.38 -10.48
CA TRP E 323 4.34 -21.02 -10.39
C TRP E 323 5.02 -22.08 -9.51
N SER E 324 4.59 -22.20 -8.26
CA SER E 324 5.15 -23.17 -7.29
C SER E 324 5.26 -24.60 -7.82
N VAL E 325 4.26 -25.04 -8.59
CA VAL E 325 4.32 -26.37 -9.26
C VAL E 325 5.34 -26.45 -10.39
N LEU E 326 5.40 -25.43 -11.27
CA LEU E 326 6.26 -25.50 -12.44
C LEU E 326 7.60 -24.84 -12.22
N ALA E 327 7.84 -24.28 -11.05
CA ALA E 327 9.08 -23.55 -10.81
C ALA E 327 10.29 -24.46 -10.75
N MET F 2 6.37 2.94 -28.45
CA MET F 2 7.28 3.43 -29.52
C MET F 2 6.94 4.87 -29.79
N LEU F 3 7.83 5.55 -30.48
CA LEU F 3 7.63 6.95 -30.81
C LEU F 3 6.79 7.09 -32.10
N GLU F 4 6.75 6.06 -32.94
CA GLU F 4 5.94 6.08 -34.20
C GLU F 4 4.44 5.77 -33.99
N LEU F 5 4.10 5.19 -32.83
CA LEU F 5 2.77 4.62 -32.52
C LEU F 5 2.13 5.12 -31.24
N PRO F 6 2.18 6.44 -30.97
CA PRO F 6 1.53 6.87 -29.75
C PRO F 6 0.05 6.51 -29.69
N PRO F 7 -0.45 6.31 -28.46
CA PRO F 7 -1.88 6.04 -28.34
C PRO F 7 -2.68 7.31 -28.56
N VAL F 8 -3.91 7.18 -29.01
CA VAL F 8 -4.85 8.29 -29.05
C VAL F 8 -5.41 8.53 -27.61
N ALA F 9 -4.77 9.44 -26.85
CA ALA F 9 -5.07 9.67 -25.39
C ALA F 9 -6.54 9.83 -24.95
N SER F 10 -7.37 10.46 -25.78
CA SER F 10 -8.80 10.66 -25.44
C SER F 10 -9.62 9.36 -25.22
N LEU F 11 -9.12 8.26 -25.78
CA LEU F 11 -9.74 6.96 -25.64
C LEU F 11 -9.21 6.17 -24.43
N LYS F 12 -8.23 6.72 -23.71
CA LYS F 12 -7.65 6.03 -22.53
C LYS F 12 -8.72 5.72 -21.50
N GLY F 13 -8.78 4.46 -21.08
CA GLY F 13 -9.79 4.03 -20.13
C GLY F 13 -11.20 3.83 -20.68
N LYS F 14 -11.51 4.35 -21.87
CA LYS F 14 -12.90 4.52 -22.31
C LYS F 14 -13.51 3.24 -22.81
N SER F 15 -14.78 3.06 -22.54
CA SER F 15 -15.56 2.02 -23.20
C SER F 15 -15.96 2.61 -24.54
N ILE F 16 -16.09 1.77 -25.56
CA ILE F 16 -16.42 2.22 -26.91
C ILE F 16 -17.74 1.57 -27.24
N THR F 17 -18.80 2.37 -27.26
CA THR F 17 -20.16 1.84 -27.36
C THR F 17 -21.00 2.46 -28.49
N SER F 18 -20.50 3.51 -29.15
CA SER F 18 -21.28 4.24 -30.14
C SER F 18 -20.39 5.11 -31.02
N ALA F 19 -20.74 5.23 -32.29
CA ALA F 19 -20.10 6.16 -33.23
C ALA F 19 -20.09 7.58 -32.69
N GLU F 20 -21.16 7.95 -32.01
CA GLU F 20 -21.35 9.31 -31.48
C GLU F 20 -20.22 9.78 -30.59
N GLN F 21 -19.53 8.88 -29.89
CA GLN F 21 -18.47 9.29 -28.95
C GLN F 21 -17.15 9.76 -29.58
N PHE F 22 -17.02 9.72 -30.91
CA PHE F 22 -15.78 10.11 -31.56
C PHE F 22 -15.88 11.50 -32.15
N SER F 23 -14.82 12.26 -32.01
CA SER F 23 -14.71 13.54 -32.69
C SER F 23 -13.98 13.33 -33.99
N ARG F 24 -13.86 14.40 -34.77
CA ARG F 24 -13.10 14.38 -35.99
C ARG F 24 -11.62 14.26 -35.69
N ALA F 25 -11.12 14.94 -34.64
CA ALA F 25 -9.71 14.77 -34.22
C ALA F 25 -9.42 13.32 -33.88
N ASP F 26 -10.28 12.71 -33.04
CA ASP F 26 -10.16 11.30 -32.66
C ASP F 26 -10.00 10.39 -33.87
N ILE F 27 -10.88 10.57 -34.87
CA ILE F 27 -10.99 9.66 -36.01
C ILE F 27 -9.78 9.72 -36.89
N TYR F 28 -9.40 10.93 -37.29
CA TYR F 28 -8.16 11.22 -37.98
C TYR F 28 -6.98 10.48 -37.34
N ALA F 29 -6.80 10.65 -36.03
CA ALA F 29 -5.63 10.12 -35.40
C ALA F 29 -5.66 8.58 -35.46
N LEU F 30 -6.82 7.97 -35.23
CA LEU F 30 -6.91 6.50 -35.25
C LEU F 30 -6.61 5.95 -36.63
N ILE F 31 -7.12 6.63 -37.65
CA ILE F 31 -6.90 6.27 -39.05
C ILE F 31 -5.43 6.32 -39.37
N HIS F 32 -4.75 7.32 -38.83
CA HIS F 32 -3.32 7.43 -39.05
C HIS F 32 -2.48 6.54 -38.12
N LEU F 33 -2.97 6.26 -36.92
CA LEU F 33 -2.31 5.23 -36.07
C LEU F 33 -2.42 3.85 -36.71
N ALA F 34 -3.54 3.58 -37.36
CA ALA F 34 -3.78 2.27 -37.92
C ALA F 34 -2.89 2.06 -39.12
N SER F 35 -2.61 3.13 -39.84
CA SER F 35 -1.74 3.06 -41.01
C SER F 35 -0.28 2.95 -40.63
N ALA F 36 0.13 3.58 -39.54
CA ALA F 36 1.49 3.46 -39.10
C ALA F 36 1.66 1.99 -38.67
N MET F 37 0.71 1.49 -37.86
CA MET F 37 0.67 0.06 -37.53
C MET F 37 0.68 -0.95 -38.71
N GLN F 38 0.00 -0.66 -39.82
CA GLN F 38 0.10 -1.45 -41.02
C GLN F 38 1.50 -1.43 -41.62
N ARG F 39 2.09 -0.25 -41.84
CA ARG F 39 3.44 -0.13 -42.39
C ARG F 39 4.47 -0.97 -41.63
N LYS F 40 4.41 -0.90 -40.31
CA LYS F 40 5.27 -1.73 -39.44
C LYS F 40 5.01 -3.25 -39.50
N ILE F 41 3.75 -3.68 -39.48
CA ILE F 41 3.45 -5.11 -39.54
C ILE F 41 3.83 -5.70 -40.90
N ASP F 42 3.66 -4.91 -41.97
CA ASP F 42 4.10 -5.31 -43.34
C ASP F 42 5.62 -5.32 -43.52
N ALA F 43 6.30 -4.49 -42.72
CA ALA F 43 7.75 -4.45 -42.67
C ALA F 43 8.32 -5.63 -41.91
N GLY F 44 7.46 -6.46 -41.30
CA GLY F 44 7.87 -7.54 -40.40
C GLY F 44 8.16 -7.19 -38.95
N GLU F 45 7.83 -6.00 -38.48
CA GLU F 45 8.11 -5.60 -37.12
C GLU F 45 7.10 -6.24 -36.19
N VAL F 46 7.61 -6.80 -35.10
CA VAL F 46 6.80 -7.27 -33.98
C VAL F 46 6.55 -6.11 -33.03
N LEU F 47 5.32 -5.99 -32.51
CA LEU F 47 4.96 -4.96 -31.54
C LEU F 47 4.63 -5.57 -30.17
N ASN F 48 5.57 -5.49 -29.24
CA ASN F 48 5.34 -5.90 -27.83
C ASN F 48 4.75 -4.78 -26.99
N LEU F 49 3.55 -4.31 -27.34
CA LEU F 49 2.94 -3.16 -26.68
C LEU F 49 2.02 -3.52 -25.49
N LEU F 50 1.43 -4.71 -25.51
CA LEU F 50 0.49 -5.10 -24.46
C LEU F 50 0.75 -6.47 -23.80
N GLN F 51 2.01 -6.90 -23.73
CA GLN F 51 2.35 -8.10 -22.95
C GLN F 51 1.86 -7.90 -21.50
N GLY F 52 1.25 -8.95 -20.95
CA GLY F 52 0.63 -8.90 -19.65
C GLY F 52 -0.85 -8.59 -19.64
N ARG F 53 -1.39 -8.17 -20.79
CA ARG F 53 -2.73 -7.60 -20.84
C ARG F 53 -3.65 -8.59 -21.52
N ILE F 54 -4.88 -8.70 -21.02
CA ILE F 54 -5.81 -9.76 -21.44
C ILE F 54 -7.11 -9.19 -21.98
N MET F 55 -7.45 -9.61 -23.19
CA MET F 55 -8.78 -9.37 -23.77
C MET F 55 -9.63 -10.62 -23.54
N THR F 56 -10.88 -10.40 -23.17
CA THR F 56 -11.85 -11.47 -23.09
C THR F 56 -13.05 -11.15 -23.98
N PRO F 57 -13.20 -11.87 -25.10
CA PRO F 57 -14.46 -11.86 -25.83
C PRO F 57 -15.64 -12.39 -24.99
N LEU F 58 -16.82 -11.85 -25.24
CA LEU F 58 -18.03 -12.24 -24.55
C LEU F 58 -19.14 -12.18 -25.60
N PHE F 59 -19.16 -13.17 -26.46
CA PHE F 59 -20.09 -13.23 -27.56
C PHE F 59 -21.24 -14.10 -27.11
N PHE F 60 -22.44 -13.53 -27.08
CA PHE F 60 -23.69 -14.27 -26.96
C PHE F 60 -24.21 -14.65 -28.34
N GLU F 61 -23.85 -13.87 -29.36
CA GLU F 61 -24.17 -14.12 -30.77
C GLU F 61 -22.87 -14.43 -31.53
N ASP F 62 -22.88 -15.48 -32.34
CA ASP F 62 -21.67 -15.91 -33.03
C ASP F 62 -21.22 -14.95 -34.12
N SER F 63 -19.92 -14.64 -34.11
CA SER F 63 -19.27 -14.01 -35.27
C SER F 63 -17.78 -14.29 -35.25
N SER F 64 -17.39 -15.30 -36.02
CA SER F 64 -16.00 -15.68 -36.16
C SER F 64 -15.22 -14.62 -36.92
N ARG F 65 -15.87 -13.98 -37.89
CA ARG F 65 -15.27 -12.86 -38.64
C ARG F 65 -14.91 -11.64 -37.76
N THR F 66 -15.60 -11.48 -36.63
CA THR F 66 -15.43 -10.35 -35.72
C THR F 66 -14.60 -10.72 -34.49
N PHE F 67 -14.91 -11.85 -33.87
CA PHE F 67 -14.11 -12.43 -32.80
C PHE F 67 -12.65 -12.50 -33.20
N SER F 68 -12.40 -13.14 -34.33
CA SER F 68 -11.05 -13.41 -34.78
C SER F 68 -10.36 -12.12 -35.22
N SER F 69 -11.13 -11.18 -35.73
CA SER F 69 -10.58 -9.88 -36.06
C SER F 69 -10.00 -9.28 -34.81
N PHE F 70 -10.75 -9.31 -33.70
CA PHE F 70 -10.32 -8.71 -32.41
C PHE F 70 -9.16 -9.45 -31.74
N CYS F 71 -9.22 -10.77 -31.78
CA CYS F 71 -8.15 -11.62 -31.28
C CYS F 71 -6.83 -11.31 -31.97
N ALA F 72 -6.90 -11.24 -33.29
CA ALA F 72 -5.75 -10.99 -34.11
C ALA F 72 -5.12 -9.67 -33.72
N ALA F 73 -5.95 -8.64 -33.64
CA ALA F 73 -5.49 -7.31 -33.20
C ALA F 73 -4.79 -7.39 -31.84
N MET F 74 -5.42 -8.02 -30.86
CA MET F 74 -4.82 -8.13 -29.50
C MET F 74 -3.44 -8.82 -29.53
N ILE F 75 -3.34 -9.87 -30.34
CA ILE F 75 -2.11 -10.64 -30.46
C ILE F 75 -1.02 -9.90 -31.18
N ARG F 76 -1.35 -9.21 -32.25
CA ARG F 76 -0.35 -8.36 -32.91
C ARG F 76 0.12 -7.11 -32.13
N LEU F 77 -0.52 -6.77 -31.02
CA LEU F 77 0.02 -5.77 -30.07
C LEU F 77 0.76 -6.41 -28.89
N GLY F 78 1.02 -7.73 -28.97
CA GLY F 78 1.58 -8.48 -27.89
C GLY F 78 0.64 -8.92 -26.79
N GLY F 79 -0.64 -8.64 -26.90
CA GLY F 79 -1.62 -8.97 -25.85
C GLY F 79 -2.09 -10.42 -25.89
N SER F 80 -2.81 -10.81 -24.86
CA SER F 80 -3.33 -12.15 -24.75
C SER F 80 -4.88 -12.16 -24.81
N VAL F 81 -5.40 -13.37 -25.03
CA VAL F 81 -6.83 -13.62 -25.15
C VAL F 81 -7.25 -14.82 -24.29
N VAL F 82 -8.17 -14.62 -23.35
CA VAL F 82 -8.85 -15.72 -22.67
C VAL F 82 -10.27 -15.86 -23.22
N ASN F 83 -10.52 -16.95 -23.94
CA ASN F 83 -11.84 -17.27 -24.49
C ASN F 83 -12.82 -17.56 -23.33
N PHE F 84 -14.09 -17.19 -23.53
CA PHE F 84 -15.12 -17.41 -22.52
C PHE F 84 -16.42 -17.73 -23.23
N LYS F 85 -16.72 -19.02 -23.36
CA LYS F 85 -18.00 -19.47 -23.91
C LYS F 85 -19.08 -19.36 -22.85
N VAL F 86 -20.21 -18.76 -23.23
CA VAL F 86 -21.39 -18.67 -22.36
C VAL F 86 -22.37 -19.76 -22.76
N GLU F 87 -23.12 -20.24 -21.77
CA GLU F 87 -24.13 -21.29 -21.96
C GLU F 87 -25.38 -21.04 -21.07
N GLY F 94 -27.34 -19.84 -17.32
CA GLY F 94 -26.80 -20.17 -16.00
C GLY F 94 -26.99 -19.07 -14.96
N GLU F 95 -26.80 -17.80 -15.38
CA GLU F 95 -26.86 -16.64 -14.49
C GLU F 95 -27.08 -15.34 -15.27
N THR F 96 -27.22 -14.22 -14.54
CA THR F 96 -27.39 -12.87 -15.11
C THR F 96 -26.26 -12.49 -16.06
N LEU F 97 -26.52 -11.50 -16.93
CA LEU F 97 -25.46 -10.81 -17.66
C LEU F 97 -24.47 -10.19 -16.68
N ALA F 98 -24.96 -9.56 -15.63
CA ALA F 98 -24.10 -8.92 -14.63
C ALA F 98 -23.04 -9.87 -14.12
N ASP F 99 -23.48 -11.01 -13.63
CA ASP F 99 -22.55 -11.95 -13.01
C ASP F 99 -21.52 -12.49 -14.01
N THR F 100 -21.90 -12.59 -15.28
CA THR F 100 -20.93 -12.91 -16.32
C THR F 100 -19.84 -11.83 -16.39
N ILE F 101 -20.29 -10.57 -16.42
CA ILE F 101 -19.40 -9.43 -16.49
C ILE F 101 -18.45 -9.41 -15.29
N ARG F 102 -19.00 -9.47 -14.09
CA ARG F 102 -18.19 -9.27 -12.89
C ARG F 102 -17.08 -10.34 -12.77
N THR F 103 -17.31 -11.47 -13.42
CA THR F 103 -16.33 -12.55 -13.58
C THR F 103 -15.24 -12.21 -14.60
N LEU F 104 -15.61 -11.80 -15.81
CA LEU F 104 -14.63 -11.26 -16.77
C LEU F 104 -13.80 -10.09 -16.16
N ASP F 105 -14.45 -9.21 -15.40
CA ASP F 105 -13.77 -8.16 -14.60
C ASP F 105 -12.63 -8.67 -13.76
N SER F 106 -12.86 -9.80 -13.09
CA SER F 106 -11.86 -10.37 -12.18
C SER F 106 -10.45 -10.55 -12.73
N TYR F 107 -10.32 -10.86 -14.03
CA TYR F 107 -9.03 -11.28 -14.58
C TYR F 107 -8.53 -10.58 -15.86
N SER F 108 -9.39 -9.87 -16.58
CA SER F 108 -9.07 -9.32 -17.88
C SER F 108 -8.87 -7.81 -17.80
N ASP F 109 -8.34 -7.24 -18.87
CA ASP F 109 -8.13 -5.81 -18.95
C ASP F 109 -9.16 -5.11 -19.87
N VAL F 110 -9.72 -5.80 -20.84
CA VAL F 110 -10.72 -5.20 -21.75
C VAL F 110 -11.70 -6.29 -22.09
N LEU F 111 -12.99 -5.96 -22.26
CA LEU F 111 -14.01 -6.92 -22.71
C LEU F 111 -14.47 -6.56 -24.08
N VAL F 112 -14.89 -7.55 -24.84
CA VAL F 112 -15.34 -7.33 -26.21
C VAL F 112 -16.64 -8.08 -26.36
N MET F 113 -17.74 -7.35 -26.20
CA MET F 113 -19.06 -7.92 -26.09
C MET F 113 -19.87 -7.78 -27.38
N ARG F 114 -20.52 -8.85 -27.78
CA ARG F 114 -21.51 -8.86 -28.85
C ARG F 114 -22.76 -9.48 -28.21
N HIS F 115 -23.93 -8.93 -28.53
CA HIS F 115 -25.18 -9.35 -27.87
C HIS F 115 -26.39 -9.01 -28.73
N PRO F 116 -27.41 -9.90 -28.79
CA PRO F 116 -28.55 -9.64 -29.70
C PRO F 116 -29.63 -8.63 -29.23
N ARG F 117 -29.84 -8.49 -27.92
CA ARG F 117 -30.58 -7.34 -27.32
C ARG F 117 -29.78 -6.01 -27.28
N GLN F 118 -30.41 -4.91 -27.70
CA GLN F 118 -29.78 -3.56 -27.77
C GLN F 118 -29.34 -2.95 -26.43
N ASP F 119 -30.06 -3.26 -25.36
CA ASP F 119 -29.78 -2.64 -24.05
C ASP F 119 -28.79 -3.43 -23.20
N ALA F 120 -28.24 -4.49 -23.76
CA ALA F 120 -27.28 -5.34 -23.05
C ALA F 120 -26.01 -4.57 -22.71
N ILE F 121 -25.53 -3.77 -23.66
CA ILE F 121 -24.38 -2.87 -23.42
C ILE F 121 -24.61 -2.02 -22.15
N GLU F 122 -25.73 -1.29 -22.10
CA GLU F 122 -26.07 -0.42 -20.95
C GLU F 122 -25.85 -1.08 -19.59
N GLU F 123 -26.38 -2.30 -19.47
CA GLU F 123 -26.33 -3.03 -18.18
C GLU F 123 -24.88 -3.32 -17.84
N ALA F 124 -24.17 -3.91 -18.80
CA ALA F 124 -22.75 -4.20 -18.63
C ALA F 124 -21.99 -2.96 -18.15
N LEU F 125 -22.13 -1.85 -18.87
CA LEU F 125 -21.45 -0.62 -18.47
C LEU F 125 -21.70 -0.28 -17.01
N SER F 126 -22.92 -0.49 -16.51
CA SER F 126 -23.20 -0.16 -15.08
C SER F 126 -22.59 -1.11 -14.03
N VAL F 127 -22.03 -2.24 -14.48
CA VAL F 127 -21.29 -3.17 -13.60
C VAL F 127 -19.80 -3.32 -13.94
N ALA F 128 -19.32 -2.64 -14.98
CA ALA F 128 -17.96 -2.83 -15.49
C ALA F 128 -16.90 -2.08 -14.66
N GLN F 129 -15.74 -2.69 -14.47
CA GLN F 129 -14.56 -2.04 -13.92
C GLN F 129 -13.60 -1.72 -15.07
N HIS F 130 -13.45 -2.66 -15.97
CA HIS F 130 -12.63 -2.50 -17.15
C HIS F 130 -13.47 -2.07 -18.37
N PRO F 131 -12.81 -1.47 -19.39
CA PRO F 131 -13.48 -1.14 -20.63
C PRO F 131 -14.18 -2.32 -21.29
N ILE F 132 -15.32 -2.01 -21.91
CA ILE F 132 -16.07 -2.93 -22.72
C ILE F 132 -16.03 -2.31 -24.08
N LEU F 133 -15.70 -3.09 -25.10
CA LEU F 133 -15.82 -2.64 -26.47
C LEU F 133 -17.03 -3.31 -27.06
N ASN F 134 -17.86 -2.51 -27.69
CA ASN F 134 -19.10 -3.00 -28.26
C ASN F 134 -18.79 -3.54 -29.65
N ALA F 135 -19.02 -4.84 -29.79
CA ALA F 135 -18.90 -5.55 -31.05
C ALA F 135 -20.25 -5.78 -31.73
N GLY F 136 -21.33 -5.27 -31.11
CA GLY F 136 -22.66 -5.29 -31.69
C GLY F 136 -23.73 -5.44 -30.62
N ASN F 137 -24.70 -4.53 -30.57
CA ASN F 137 -25.86 -4.64 -29.67
C ASN F 137 -27.17 -4.62 -30.48
N GLY F 138 -27.58 -5.80 -30.93
CA GLY F 138 -28.86 -5.99 -31.60
C GLY F 138 -28.91 -5.15 -32.84
N ALA F 139 -30.00 -4.41 -33.04
CA ALA F 139 -30.09 -3.47 -34.18
C ALA F 139 -29.58 -2.05 -33.87
N GLY F 140 -28.96 -1.83 -32.69
CA GLY F 140 -28.33 -0.55 -32.35
C GLY F 140 -27.11 -0.18 -33.19
N GLU F 141 -25.92 -0.39 -32.61
CA GLU F 141 -24.65 0.10 -33.19
C GLU F 141 -23.53 -0.94 -33.27
N HIS F 142 -22.53 -0.61 -34.11
CA HIS F 142 -21.32 -1.40 -34.31
C HIS F 142 -20.17 -0.41 -34.59
N PRO F 143 -19.69 0.29 -33.54
CA PRO F 143 -18.69 1.42 -33.62
C PRO F 143 -17.38 1.15 -34.36
N THR F 144 -16.70 0.05 -34.06
CA THR F 144 -15.39 -0.23 -34.62
C THR F 144 -15.51 -0.58 -36.09
N GLN F 145 -16.65 -1.14 -36.46
CA GLN F 145 -16.96 -1.37 -37.87
C GLN F 145 -17.04 -0.02 -38.61
N ALA F 146 -17.71 0.97 -38.01
CA ALA F 146 -17.73 2.35 -38.57
C ALA F 146 -16.34 2.96 -38.78
N LEU F 147 -15.50 2.88 -37.73
CA LEU F 147 -14.11 3.38 -37.77
C LEU F 147 -13.25 2.70 -38.84
N LEU F 148 -13.38 1.38 -38.93
CA LEU F 148 -12.66 0.64 -39.96
C LEU F 148 -13.21 0.93 -41.37
N ASP F 149 -14.52 1.18 -41.49
CA ASP F 149 -15.11 1.51 -42.82
C ASP F 149 -14.60 2.85 -43.33
N THR F 150 -14.58 3.85 -42.46
CA THR F 150 -13.98 5.15 -42.71
C THR F 150 -12.51 5.06 -43.10
N LEU F 151 -11.77 4.24 -42.38
CA LEU F 151 -10.39 3.94 -42.71
C LEU F 151 -10.26 3.38 -44.11
N THR F 152 -11.13 2.46 -44.46
CA THR F 152 -11.16 1.96 -45.82
C THR F 152 -11.41 3.09 -46.80
N ILE F 153 -12.41 3.92 -46.51
CA ILE F 153 -12.74 4.99 -47.45
C ILE F 153 -11.49 5.89 -47.62
N HIS F 154 -10.97 6.34 -46.48
CA HIS F 154 -9.72 7.08 -46.40
C HIS F 154 -8.62 6.50 -47.27
N SER F 155 -8.29 5.26 -47.01
CA SER F 155 -7.10 4.66 -47.62
C SER F 155 -7.31 4.21 -49.08
N GLU F 156 -8.54 3.82 -49.44
CA GLU F 156 -8.87 3.42 -50.83
C GLU F 156 -9.08 4.58 -51.78
N LEU F 157 -9.71 5.65 -51.35
CA LEU F 157 -9.97 6.81 -52.23
C LEU F 157 -9.03 7.98 -51.94
N GLY F 158 -8.97 8.41 -50.69
CA GLY F 158 -8.03 9.46 -50.29
C GLY F 158 -8.58 10.58 -49.45
N SER F 159 -9.84 10.48 -49.06
CA SER F 159 -10.57 11.60 -48.55
C SER F 159 -11.87 11.04 -48.03
N VAL F 160 -12.55 11.79 -47.18
CA VAL F 160 -13.89 11.45 -46.68
C VAL F 160 -14.86 12.64 -46.74
N ASP F 161 -14.35 13.87 -46.82
CA ASP F 161 -15.18 15.01 -47.21
C ASP F 161 -15.33 15.01 -48.73
N GLY F 162 -16.47 15.52 -49.21
CA GLY F 162 -16.72 15.63 -50.64
C GLY F 162 -17.33 14.38 -51.29
N ILE F 163 -17.19 13.23 -50.63
CA ILE F 163 -17.70 11.95 -51.16
C ILE F 163 -19.22 11.95 -51.21
N THR F 164 -19.75 11.04 -52.02
CA THR F 164 -21.15 10.71 -52.04
C THR F 164 -21.24 9.21 -51.79
N ILE F 165 -22.16 8.80 -50.91
CA ILE F 165 -22.20 7.42 -50.42
C ILE F 165 -23.61 6.83 -50.36
N ALA F 166 -23.81 5.68 -51.02
CA ALA F 166 -25.04 4.92 -50.88
C ALA F 166 -24.93 3.94 -49.73
N LEU F 167 -25.91 3.93 -48.84
CA LEU F 167 -26.06 2.89 -47.82
C LEU F 167 -27.20 1.96 -48.30
N ILE F 168 -26.83 0.73 -48.64
CA ILE F 168 -27.70 -0.19 -49.38
C ILE F 168 -28.03 -1.40 -48.52
N GLY F 169 -29.25 -1.91 -48.69
CA GLY F 169 -29.71 -3.15 -48.02
C GLY F 169 -30.70 -2.91 -46.90
N ASP F 170 -30.58 -3.66 -45.81
CA ASP F 170 -31.44 -3.52 -44.63
C ASP F 170 -30.90 -2.39 -43.76
N LEU F 171 -31.52 -1.24 -43.84
CA LEU F 171 -31.12 -0.09 -43.04
C LEU F 171 -31.77 -0.11 -41.66
N LYS F 172 -33.02 -0.58 -41.62
CA LYS F 172 -33.78 -0.73 -40.36
C LYS F 172 -33.08 -1.56 -39.27
N MET F 173 -32.66 -2.78 -39.60
CA MET F 173 -32.00 -3.70 -38.65
C MET F 173 -30.47 -3.77 -38.73
N GLY F 174 -29.86 -3.18 -39.76
CA GLY F 174 -28.41 -3.17 -39.94
C GLY F 174 -27.68 -2.19 -39.04
N ARG F 175 -27.03 -2.71 -37.99
CA ARG F 175 -26.28 -1.88 -37.02
C ARG F 175 -24.99 -1.23 -37.53
N THR F 176 -24.38 -1.76 -38.57
CA THR F 176 -23.17 -1.14 -39.11
C THR F 176 -23.52 0.17 -39.83
N VAL F 177 -24.61 0.16 -40.61
CA VAL F 177 -25.07 1.37 -41.35
C VAL F 177 -25.68 2.48 -40.48
N HIS F 178 -26.14 2.11 -39.30
CA HIS F 178 -26.53 3.07 -38.28
C HIS F 178 -25.31 3.85 -37.80
N SER F 179 -24.30 3.11 -37.33
CA SER F 179 -23.05 3.68 -36.80
C SER F 179 -22.30 4.49 -37.82
N LEU F 180 -22.18 3.95 -39.02
CA LEU F 180 -21.44 4.63 -40.08
C LEU F 180 -22.05 5.96 -40.45
N LEU F 181 -23.39 6.01 -40.60
CA LEU F 181 -24.11 7.24 -40.92
C LEU F 181 -23.90 8.26 -39.80
N LYS F 182 -24.05 7.83 -38.56
CA LYS F 182 -23.73 8.68 -37.42
C LYS F 182 -22.28 9.17 -37.49
N LEU F 183 -21.33 8.27 -37.74
CA LEU F 183 -19.94 8.69 -37.76
C LEU F 183 -19.64 9.66 -38.90
N LEU F 184 -20.28 9.49 -40.06
CA LEU F 184 -19.93 10.24 -41.25
C LEU F 184 -20.54 11.62 -41.30
N VAL F 185 -21.81 11.74 -40.93
CA VAL F 185 -22.50 13.06 -40.97
C VAL F 185 -22.00 14.00 -39.85
N ARG F 186 -21.75 13.45 -38.67
CA ARG F 186 -21.28 14.24 -37.52
C ARG F 186 -19.93 14.85 -37.73
N ASN F 187 -19.01 14.11 -38.36
CA ASN F 187 -17.61 14.47 -38.38
C ASN F 187 -17.04 14.84 -39.73
N PHE F 188 -17.79 14.62 -40.82
CA PHE F 188 -17.29 14.89 -42.17
C PHE F 188 -18.22 15.77 -43.02
N SER F 189 -17.71 16.25 -44.15
CA SER F 189 -18.47 17.04 -45.12
C SER F 189 -18.92 16.15 -46.28
N ILE F 190 -19.87 15.28 -45.97
CA ILE F 190 -20.41 14.37 -46.97
C ILE F 190 -21.32 15.20 -47.87
N LYS F 191 -21.12 15.08 -49.19
CA LYS F 191 -21.95 15.77 -50.18
C LYS F 191 -23.40 15.28 -50.21
N CYS F 192 -23.56 13.97 -50.40
CA CYS F 192 -24.87 13.32 -50.56
C CYS F 192 -24.87 11.87 -50.02
N VAL F 193 -25.97 11.48 -49.37
CA VAL F 193 -26.19 10.09 -48.93
C VAL F 193 -27.49 9.50 -49.52
N PHE F 194 -27.34 8.47 -50.37
CA PHE F 194 -28.46 7.64 -50.81
C PHE F 194 -28.87 6.56 -49.81
N LEU F 195 -30.03 6.70 -49.18
CA LEU F 195 -30.60 5.59 -48.44
C LEU F 195 -31.34 4.59 -49.38
N VAL F 196 -30.64 3.54 -49.82
CA VAL F 196 -31.15 2.55 -50.80
C VAL F 196 -31.74 1.29 -50.15
N ALA F 197 -33.07 1.19 -50.16
CA ALA F 197 -33.77 0.05 -49.54
C ALA F 197 -35.28 0.05 -49.83
N PRO F 198 -35.94 -1.13 -49.75
CA PRO F 198 -37.38 -1.19 -49.56
C PRO F 198 -37.87 -0.36 -48.37
N ASP F 199 -39.10 0.13 -48.48
CA ASP F 199 -39.66 1.11 -47.53
C ASP F 199 -39.80 0.50 -46.11
N ALA F 200 -40.08 -0.79 -46.06
CA ALA F 200 -40.19 -1.54 -44.78
C ALA F 200 -38.87 -1.54 -43.98
N LEU F 201 -37.75 -1.49 -44.69
CA LEU F 201 -36.43 -1.55 -44.09
C LEU F 201 -35.57 -0.33 -44.48
N GLN F 202 -36.18 0.86 -44.46
CA GLN F 202 -35.44 2.13 -44.64
C GLN F 202 -34.88 2.56 -43.29
N MET F 203 -34.04 3.60 -43.29
CA MET F 203 -33.30 4.00 -42.09
C MET F 203 -34.30 4.50 -41.05
N PRO F 204 -34.27 3.94 -39.82
CA PRO F 204 -35.24 4.35 -38.79
C PRO F 204 -35.26 5.84 -38.47
N GLN F 205 -36.36 6.27 -37.88
CA GLN F 205 -36.54 7.66 -37.53
C GLN F 205 -35.70 8.04 -36.33
N ASP F 206 -35.62 7.13 -35.36
CA ASP F 206 -34.79 7.33 -34.15
C ASP F 206 -33.25 7.35 -34.36
N VAL F 207 -32.80 7.06 -35.59
CA VAL F 207 -31.42 7.30 -36.02
C VAL F 207 -31.28 8.64 -36.77
N LEU F 208 -32.23 8.94 -37.66
CA LEU F 208 -32.22 10.17 -38.50
C LEU F 208 -32.75 11.43 -37.83
N GLU F 209 -33.68 11.27 -36.90
CA GLU F 209 -34.13 12.38 -36.05
C GLU F 209 -32.98 13.14 -35.38
N PRO F 210 -32.13 12.45 -34.58
CA PRO F 210 -31.02 13.21 -33.98
C PRO F 210 -30.01 13.80 -34.99
N LEU F 211 -29.80 13.15 -36.13
CA LEU F 211 -28.90 13.71 -37.16
C LEU F 211 -29.54 14.85 -37.96
N GLN F 212 -30.87 14.89 -37.99
CA GLN F 212 -31.67 15.92 -38.71
C GLN F 212 -31.10 17.36 -38.59
N HIS F 213 -30.67 17.75 -37.39
CA HIS F 213 -29.99 19.04 -37.17
C HIS F 213 -28.64 19.17 -37.91
N GLU F 214 -27.71 18.25 -37.60
CA GLU F 214 -26.38 18.22 -38.25
C GLU F 214 -26.43 18.09 -39.78
N ILE F 215 -27.45 17.41 -40.32
CA ILE F 215 -27.64 17.26 -41.79
C ILE F 215 -27.82 18.63 -42.46
N ALA F 216 -28.81 19.36 -41.95
CA ALA F 216 -29.14 20.71 -42.41
C ALA F 216 -27.92 21.64 -42.44
N THR F 217 -27.22 21.74 -41.31
CA THR F 217 -26.13 22.72 -41.16
C THR F 217 -24.88 22.41 -42.01
N LYS F 218 -24.74 21.18 -42.49
CA LYS F 218 -23.65 20.84 -43.41
C LYS F 218 -24.08 20.83 -44.87
N GLY F 219 -25.39 20.75 -45.11
CA GLY F 219 -25.93 20.83 -46.45
C GLY F 219 -25.79 19.53 -47.20
N VAL F 220 -26.17 18.44 -46.55
CA VAL F 220 -26.09 17.12 -47.15
C VAL F 220 -27.47 16.77 -47.64
N ILE F 221 -27.52 16.12 -48.80
CA ILE F 221 -28.80 15.71 -49.41
C ILE F 221 -28.98 14.21 -49.17
N ILE F 222 -30.09 13.88 -48.50
CA ILE F 222 -30.46 12.50 -48.13
C ILE F 222 -31.51 11.92 -49.12
N HIS F 223 -31.06 11.35 -50.25
CA HIS F 223 -31.98 10.81 -51.28
C HIS F 223 -32.36 9.33 -51.04
N ARG F 224 -33.60 9.05 -50.70
CA ARG F 224 -34.06 7.65 -50.63
C ARG F 224 -34.31 7.14 -52.05
N THR F 225 -33.91 5.89 -52.29
CA THR F 225 -34.46 5.07 -53.37
C THR F 225 -34.71 3.68 -52.79
N HIS F 226 -35.29 2.79 -53.59
CA HIS F 226 -35.42 1.35 -53.25
C HIS F 226 -34.69 0.44 -54.23
N ALA F 227 -33.97 1.02 -55.19
CA ALA F 227 -33.16 0.30 -56.19
C ALA F 227 -31.86 1.04 -56.54
N LEU F 228 -30.85 0.28 -56.95
CA LEU F 228 -29.59 0.86 -57.41
C LEU F 228 -29.80 1.48 -58.79
N THR F 229 -30.36 2.69 -58.79
CA THR F 229 -30.81 3.33 -60.03
C THR F 229 -29.58 3.75 -60.87
N ASP F 230 -29.81 4.30 -62.05
CA ASP F 230 -28.70 4.84 -62.85
C ASP F 230 -28.09 6.11 -62.22
N GLU F 231 -28.84 6.83 -61.38
CA GLU F 231 -28.29 8.00 -60.69
C GLU F 231 -27.31 7.54 -59.60
N VAL F 232 -27.78 6.65 -58.72
CA VAL F 232 -27.03 6.16 -57.56
C VAL F 232 -25.65 5.65 -57.96
N MET F 233 -25.62 4.80 -58.99
CA MET F 233 -24.37 4.30 -59.52
C MET F 233 -23.50 5.42 -60.07
N GLN F 234 -24.10 6.30 -60.86
CA GLN F 234 -23.36 7.36 -61.54
C GLN F 234 -22.78 8.41 -60.59
N LYS F 235 -23.41 8.61 -59.45
CA LYS F 235 -23.03 9.66 -58.50
C LYS F 235 -22.21 9.18 -57.28
N SER F 236 -22.42 7.95 -56.84
CA SER F 236 -21.73 7.41 -55.66
C SER F 236 -20.25 7.16 -55.96
N ASP F 237 -19.40 7.50 -54.97
CA ASP F 237 -17.99 7.09 -54.89
C ASP F 237 -17.85 5.87 -53.97
N VAL F 238 -18.86 5.59 -53.16
CA VAL F 238 -18.80 4.49 -52.21
C VAL F 238 -20.15 3.79 -52.16
N LEU F 239 -20.18 2.55 -52.65
CA LEU F 239 -21.34 1.67 -52.53
C LEU F 239 -21.11 0.70 -51.37
N TYR F 240 -21.81 0.96 -50.27
CA TYR F 240 -21.66 0.24 -49.06
C TYR F 240 -22.94 -0.56 -48.93
N THR F 241 -22.83 -1.87 -49.09
CA THR F 241 -23.99 -2.74 -49.15
C THR F 241 -23.96 -3.72 -47.99
N THR F 242 -25.13 -4.10 -47.50
CA THR F 242 -25.26 -5.13 -46.47
C THR F 242 -26.20 -6.22 -47.01
N ARG F 243 -26.86 -6.96 -46.13
CA ARG F 243 -27.56 -8.17 -46.50
C ARG F 243 -29.10 -7.97 -46.52
N LEU F 244 -29.85 -9.07 -46.60
CA LEU F 244 -31.26 -9.10 -46.18
C LEU F 244 -31.43 -10.35 -45.29
N GLN F 245 -31.84 -10.13 -44.04
CA GLN F 245 -31.62 -11.09 -42.95
C GLN F 245 -32.88 -11.31 -42.14
N SER F 262 -39.40 -9.57 -52.46
CA SER F 262 -38.40 -10.51 -51.94
C SER F 262 -37.29 -10.84 -52.94
N PHE F 263 -37.57 -11.62 -53.99
CA PHE F 263 -36.58 -11.88 -55.07
C PHE F 263 -36.38 -10.64 -55.94
N ALA F 264 -37.46 -9.91 -56.18
CA ALA F 264 -37.41 -8.64 -56.94
C ALA F 264 -36.84 -7.52 -56.06
N ALA F 265 -37.29 -7.47 -54.81
CA ALA F 265 -36.75 -6.55 -53.81
C ALA F 265 -35.24 -6.75 -53.60
N LYS F 266 -34.78 -7.99 -53.77
CA LYS F 266 -33.33 -8.29 -53.78
C LYS F 266 -32.63 -7.86 -55.07
N ALA F 267 -33.23 -8.12 -56.23
CA ALA F 267 -32.54 -7.86 -57.50
C ALA F 267 -32.30 -6.36 -57.77
N ASP F 268 -33.13 -5.50 -57.19
CA ASP F 268 -32.99 -4.05 -57.30
C ASP F 268 -31.75 -3.45 -56.63
N ILE F 269 -31.46 -3.94 -55.43
CA ILE F 269 -30.27 -3.54 -54.65
C ILE F 269 -28.96 -4.31 -54.98
N THR F 270 -28.98 -5.16 -56.00
CA THR F 270 -27.90 -6.12 -56.31
C THR F 270 -26.75 -5.53 -57.13
N ILE F 271 -25.54 -5.56 -56.55
CA ILE F 271 -24.33 -5.14 -57.24
C ILE F 271 -23.78 -6.36 -57.97
N ASP F 272 -23.47 -6.18 -59.25
CA ASP F 272 -23.03 -7.26 -60.16
C ASP F 272 -22.21 -6.58 -61.27
N ALA F 273 -21.50 -7.34 -62.11
CA ALA F 273 -20.57 -6.74 -63.13
C ALA F 273 -21.26 -5.86 -64.18
N ALA F 274 -22.48 -6.24 -64.58
CA ALA F 274 -23.27 -5.45 -65.57
C ALA F 274 -23.63 -4.07 -65.04
N ARG F 275 -24.13 -4.03 -63.82
CA ARG F 275 -24.37 -2.80 -63.07
C ARG F 275 -23.10 -1.96 -62.96
N MET F 276 -21.99 -2.64 -62.70
CA MET F 276 -20.71 -1.97 -62.49
C MET F 276 -20.21 -1.15 -63.69
N ARG F 277 -20.71 -1.44 -64.90
CA ARG F 277 -20.37 -0.60 -66.07
C ARG F 277 -20.84 0.85 -65.90
N LEU F 278 -21.93 1.04 -65.16
CA LEU F 278 -22.48 2.38 -64.87
C LEU F 278 -21.78 3.14 -63.71
N ALA F 279 -20.85 2.51 -63.01
CA ALA F 279 -20.12 3.18 -61.92
C ALA F 279 -18.84 3.84 -62.46
N LYS F 280 -18.27 4.71 -61.64
CA LYS F 280 -17.21 5.63 -62.10
C LYS F 280 -15.84 4.95 -62.02
N GLU F 281 -14.80 5.60 -62.52
CA GLU F 281 -13.43 5.01 -62.57
C GLU F 281 -12.86 4.85 -61.15
N LYS F 282 -13.14 5.84 -60.28
CA LYS F 282 -12.56 5.93 -58.95
C LYS F 282 -13.66 5.89 -57.92
N MET F 283 -13.98 4.71 -57.46
CA MET F 283 -14.97 4.54 -56.41
C MET F 283 -14.75 3.16 -55.78
N ILE F 284 -15.49 2.82 -54.72
CA ILE F 284 -15.31 1.52 -54.09
C ILE F 284 -16.60 0.89 -53.60
N VAL F 285 -16.65 -0.42 -53.75
CA VAL F 285 -17.73 -1.23 -53.25
C VAL F 285 -17.21 -1.75 -51.91
N MET F 286 -17.88 -1.38 -50.84
CA MET F 286 -17.65 -1.97 -49.53
C MET F 286 -18.80 -2.91 -49.11
N HIS F 287 -18.51 -3.77 -48.14
CA HIS F 287 -19.47 -4.71 -47.57
C HIS F 287 -18.90 -5.31 -46.25
N PRO F 288 -19.62 -5.17 -45.11
CA PRO F 288 -19.08 -5.66 -43.83
C PRO F 288 -18.94 -7.18 -43.71
N LEU F 289 -19.92 -7.91 -44.23
CA LEU F 289 -19.87 -9.36 -44.45
C LEU F 289 -20.52 -10.03 -43.23
N PRO F 290 -20.98 -11.27 -43.34
CA PRO F 290 -21.13 -12.03 -44.60
C PRO F 290 -22.04 -11.44 -45.73
N ARG F 291 -21.87 -12.02 -46.91
CA ARG F 291 -22.61 -11.67 -48.12
C ARG F 291 -23.56 -12.78 -48.66
N ASN F 292 -24.23 -12.46 -49.77
CA ASN F 292 -25.17 -13.34 -50.44
C ASN F 292 -25.04 -13.12 -51.97
N ASP F 293 -26.16 -12.98 -52.71
CA ASP F 293 -26.07 -12.60 -54.13
C ASP F 293 -26.26 -11.09 -54.41
N GLU F 294 -26.65 -10.30 -53.40
CA GLU F 294 -26.60 -8.82 -53.50
C GLU F 294 -25.21 -8.28 -53.91
N LEU F 295 -24.18 -9.03 -53.56
CA LEU F 295 -22.82 -8.79 -53.99
C LEU F 295 -22.34 -10.06 -54.74
N SER F 296 -22.37 -9.98 -56.07
CA SER F 296 -22.02 -11.08 -56.96
C SER F 296 -20.50 -11.23 -56.98
N THR F 297 -20.08 -12.47 -57.15
CA THR F 297 -18.67 -12.75 -57.21
C THR F 297 -18.02 -12.28 -58.53
N THR F 298 -18.80 -11.81 -59.53
CA THR F 298 -18.19 -11.23 -60.76
C THR F 298 -17.53 -9.87 -60.50
N VAL F 299 -17.82 -9.28 -59.35
CA VAL F 299 -17.23 -8.00 -58.94
C VAL F 299 -15.88 -8.21 -58.27
N ASP F 300 -15.72 -9.36 -57.60
CA ASP F 300 -14.51 -9.71 -56.79
C ASP F 300 -13.14 -9.34 -57.34
N ALA F 301 -12.88 -9.64 -58.62
CA ALA F 301 -11.60 -9.28 -59.24
C ALA F 301 -11.49 -7.84 -59.68
N ASP F 302 -12.59 -7.08 -59.67
CA ASP F 302 -12.55 -5.70 -60.15
C ASP F 302 -11.82 -4.88 -59.09
N PRO F 303 -10.78 -4.13 -59.48
CA PRO F 303 -9.99 -3.42 -58.46
C PRO F 303 -10.74 -2.40 -57.58
N ARG F 304 -12.01 -2.12 -57.89
CA ARG F 304 -12.92 -1.34 -57.03
C ARG F 304 -13.65 -2.17 -55.97
N ALA F 305 -13.44 -3.48 -55.95
CA ALA F 305 -13.87 -4.31 -54.80
C ALA F 305 -12.91 -4.15 -53.59
N ALA F 306 -13.29 -3.32 -52.61
CA ALA F 306 -12.51 -3.03 -51.40
C ALA F 306 -12.86 -3.92 -50.23
N TYR F 307 -13.96 -4.66 -50.36
CA TYR F 307 -14.60 -5.40 -49.25
C TYR F 307 -13.75 -6.56 -48.67
N PHE F 308 -12.74 -7.04 -49.40
CA PHE F 308 -11.78 -8.00 -48.83
C PHE F 308 -10.66 -7.26 -48.09
N ARG F 309 -10.05 -6.27 -48.73
CA ARG F 309 -9.11 -5.35 -48.07
C ARG F 309 -9.68 -4.70 -46.81
N GLN F 310 -10.92 -4.24 -46.91
CA GLN F 310 -11.73 -3.81 -45.74
C GLN F 310 -11.51 -4.62 -44.46
N MET F 311 -11.35 -5.94 -44.55
CA MET F 311 -11.14 -6.78 -43.37
C MET F 311 -9.73 -6.54 -42.77
N ARG F 312 -8.73 -6.40 -43.64
CA ARG F 312 -7.38 -6.15 -43.18
C ARG F 312 -7.23 -4.79 -42.50
N TYR F 313 -7.81 -3.75 -43.08
CA TYR F 313 -7.92 -2.45 -42.41
C TYR F 313 -8.66 -2.60 -41.07
N GLY F 314 -9.68 -3.46 -41.06
CA GLY F 314 -10.35 -3.92 -39.82
C GLY F 314 -9.46 -4.31 -38.67
N MET F 315 -8.51 -5.20 -38.94
CA MET F 315 -7.53 -5.60 -37.94
C MET F 315 -6.70 -4.40 -37.46
N PHE F 316 -6.27 -3.53 -38.38
CA PHE F 316 -5.38 -2.45 -38.00
C PHE F 316 -6.06 -1.34 -37.21
N MET F 317 -7.30 -1.03 -37.58
CA MET F 317 -8.10 -0.09 -36.81
C MET F 317 -8.33 -0.64 -35.43
N ARG F 318 -8.55 -1.95 -35.29
CA ARG F 318 -8.80 -2.53 -33.95
C ARG F 318 -7.54 -2.55 -33.08
N MET F 319 -6.37 -2.64 -33.70
CA MET F 319 -5.11 -2.49 -32.98
C MET F 319 -4.98 -1.06 -32.49
N ALA F 320 -5.18 -0.09 -33.36
CA ALA F 320 -5.15 1.32 -32.96
C ALA F 320 -6.08 1.58 -31.75
N ILE F 321 -7.29 1.03 -31.84
CA ILE F 321 -8.28 1.16 -30.80
C ILE F 321 -7.86 0.48 -29.48
N LEU F 322 -7.42 -0.76 -29.56
CA LEU F 322 -7.06 -1.48 -28.36
C LEU F 322 -5.92 -0.82 -27.57
N TRP F 323 -4.87 -0.47 -28.30
CA TRP F 323 -3.69 0.19 -27.76
C TRP F 323 -4.06 1.50 -27.11
N SER F 324 -4.86 2.28 -27.83
CA SER F 324 -5.29 3.57 -27.35
C SER F 324 -6.04 3.43 -26.06
N VAL F 325 -6.94 2.43 -26.01
CA VAL F 325 -7.77 2.18 -24.82
C VAL F 325 -6.95 1.70 -23.66
N LEU F 326 -6.07 0.73 -23.89
CA LEU F 326 -5.29 0.15 -22.81
C LEU F 326 -3.92 0.78 -22.54
N ALA F 327 -3.57 1.88 -23.23
CA ALA F 327 -2.23 2.48 -23.16
C ALA F 327 -1.87 2.88 -21.75
#